data_4MFE
#
_entry.id   4MFE
#
_cell.length_a   84.254
_cell.length_b   157.849
_cell.length_c   243.319
_cell.angle_alpha   90.00
_cell.angle_beta   90.00
_cell.angle_gamma   90.00
#
_symmetry.space_group_name_H-M   'P 21 21 21'
#
loop_
_entity.id
_entity.type
_entity.pdbx_description
1 polymer 'PYRUVATE CARBOXYLASE'
2 non-polymer 'ZINC ION'
3 non-polymer '3-HYDROXYPYRUVIC ACID'
4 non-polymer BIOTIN
5 non-polymer 'MAGNESIUM ION'
6 non-polymer 'CHLORIDE ION'
7 non-polymer GLYCEROL
8 water water
#
_entity_poly.entity_id   1
_entity_poly.type   'polypeptide(L)'
_entity_poly.pdbx_seq_one_letter_code
;MGSSHHHHHHHHDYDIPTSENLYFQGLLHQQVKRQDRATKLLTYLADVTVNGHPEAKDRPKPLENAARPVVPYANGNGVK
DGTKQLLDTLGPKKFGEWMRNEKRVLLTDTTMRDGHQSLLATRMRTYDIARIAGTYSHALPNLLSLECWGGATFDVSMRF
LTEDPWERLALIREGAPNLLLQMLLRGANGVGYTNYPDNVVKYFVRQAAKGGIDLFRVFDCLNWVENMRVSMDAIAEENK
LCEAAICYTGDILNSARPKYDLKYYTNLAVELEKAGAHIIAV(KCX)DMAGLLKPAAAKVLFKALREATGLPIHFHTHDT
SGIAAATVLAAVEAGVDAVDAAMDALSGNTSQPCLGSIVEALSGSERDPGLDPAWIRRISFYWEAVRNQYAAFESDLKGP
ASEVYLHEMPGGQFTNLKEQARSLGLETRWHQVAQAYADANQMFGDIVKVTPSSKVVGDMALMMVSQDLTVADVVSPDRE
VSFPESVVSMLKGDLGQPPSGWPEALQKKALKGEKPYTVRPGSLLKEADLDAERKVIEKKLEREVSDFEFASYLMYPKVF
TDFALASDTYGPVSVLPTPAYFYGLADGEELFADIEKGKTLVIVNQAVSATDSQGMVTVFFELNGQPRRIKVPDRA
;
_entity_poly.pdbx_strand_id   A,B,C,D
#
loop_
_chem_comp.id
_chem_comp.type
_chem_comp.name
_chem_comp.formula
3PY non-polymer '3-HYDROXYPYRUVIC ACID' 'C3 H4 O4'
BTN non-polymer BIOTIN 'C10 H16 N2 O3 S'
CL non-polymer 'CHLORIDE ION' 'Cl -1'
GOL non-polymer GLYCEROL 'C3 H8 O3'
MG non-polymer 'MAGNESIUM ION' 'Mg 2'
ZN non-polymer 'ZINC ION' 'Zn 2'
#
# COMPACT_ATOMS: atom_id res chain seq x y z
N ASP A 36 -41.74 -3.54 0.66
CA ASP A 36 -41.29 -4.99 0.79
C ASP A 36 -40.70 -5.74 -0.43
N ARG A 37 -41.18 -5.50 -1.65
CA ARG A 37 -40.39 -5.90 -2.82
C ARG A 37 -39.18 -4.92 -2.79
N ALA A 38 -39.45 -3.66 -2.47
CA ALA A 38 -38.40 -2.67 -2.30
C ALA A 38 -37.39 -3.11 -1.27
N THR A 39 -37.84 -3.55 -0.11
CA THR A 39 -36.93 -3.94 0.93
C THR A 39 -36.01 -5.04 0.43
N LYS A 40 -36.57 -5.95 -0.34
CA LYS A 40 -35.76 -7.02 -0.88
C LYS A 40 -34.78 -6.54 -1.96
N LEU A 41 -35.17 -5.62 -2.81
CA LEU A 41 -34.20 -5.17 -3.80
C LEU A 41 -33.11 -4.43 -3.12
N LEU A 42 -33.44 -3.68 -2.09
CA LEU A 42 -32.45 -2.88 -1.39
C LEU A 42 -31.47 -3.82 -0.75
N THR A 43 -31.97 -4.98 -0.37
CA THR A 43 -31.12 -5.94 0.34
C THR A 43 -30.13 -6.51 -0.64
N TYR A 44 -30.60 -6.76 -1.85
CA TYR A 44 -29.71 -7.25 -2.89
C TYR A 44 -28.67 -6.15 -3.16
N LEU A 45 -29.10 -4.88 -3.30
CA LEU A 45 -28.15 -3.86 -3.76
C LEU A 45 -27.04 -3.69 -2.75
N ALA A 46 -27.45 -3.70 -1.49
CA ALA A 46 -26.52 -3.60 -0.39
C ALA A 46 -25.48 -4.71 -0.42
N ASP A 47 -25.96 -5.92 -0.64
CA ASP A 47 -25.14 -7.08 -0.55
C ASP A 47 -24.10 -7.09 -1.64
N VAL A 48 -24.57 -6.87 -2.85
CA VAL A 48 -23.66 -6.79 -3.96
C VAL A 48 -22.76 -5.55 -3.87
N THR A 49 -23.29 -4.49 -3.33
CA THR A 49 -22.52 -3.32 -3.12
C THR A 49 -21.40 -3.55 -2.14
N VAL A 50 -21.73 -4.20 -1.02
CA VAL A 50 -20.76 -4.62 0.00
C VAL A 50 -19.76 -5.72 -0.37
N ASN A 51 -20.24 -6.76 -1.06
CA ASN A 51 -19.45 -7.95 -1.33
C ASN A 51 -19.10 -8.33 -2.76
N GLY A 52 -19.48 -7.52 -3.71
CA GLY A 52 -19.35 -7.81 -5.10
C GLY A 52 -20.36 -8.86 -5.52
N HIS A 53 -20.32 -9.18 -6.80
CA HIS A 53 -21.02 -10.34 -7.29
C HIS A 53 -20.00 -11.46 -7.59
N PRO A 54 -20.25 -12.70 -7.14
CA PRO A 54 -19.29 -13.83 -7.30
C PRO A 54 -18.79 -14.07 -8.75
N GLU A 55 -19.69 -13.86 -9.66
CA GLU A 55 -19.34 -13.92 -11.05
C GLU A 55 -18.55 -12.78 -11.59
N ALA A 56 -18.40 -11.70 -10.85
CA ALA A 56 -17.77 -10.54 -11.47
C ALA A 56 -16.58 -10.08 -10.70
N LYS A 57 -16.41 -10.65 -9.52
CA LYS A 57 -15.60 -9.98 -8.47
C LYS A 57 -14.13 -9.96 -8.91
N ASP A 58 -13.62 -11.03 -9.53
CA ASP A 58 -12.16 -11.03 -9.83
C ASP A 58 -11.91 -11.07 -11.31
N ARG A 59 -12.63 -10.21 -12.05
CA ARG A 59 -12.67 -10.20 -13.51
C ARG A 59 -12.66 -8.78 -14.00
N PRO A 60 -12.32 -8.56 -15.26
CA PRO A 60 -12.19 -7.17 -15.74
C PRO A 60 -13.49 -6.42 -15.60
N LYS A 61 -13.43 -5.10 -15.43
CA LYS A 61 -14.61 -4.25 -15.10
C LYS A 61 -14.87 -3.43 -16.34
N PRO A 62 -16.09 -3.05 -16.56
CA PRO A 62 -16.30 -2.13 -17.65
C PRO A 62 -15.60 -0.81 -17.41
N LEU A 63 -15.52 0.04 -18.44
CA LEU A 63 -14.93 1.41 -18.28
C LEU A 63 -15.79 2.26 -17.36
N GLU A 64 -15.16 3.11 -16.57
CA GLU A 64 -15.89 3.87 -15.58
C GLU A 64 -16.97 4.81 -16.11
N ASN A 65 -16.70 5.52 -17.21
CA ASN A 65 -17.73 6.42 -17.73
C ASN A 65 -18.93 5.73 -18.35
N ALA A 66 -18.69 4.82 -19.27
CA ALA A 66 -19.71 3.94 -19.77
C ALA A 66 -21.01 4.60 -20.16
N ALA A 67 -21.20 4.87 -21.44
CA ALA A 67 -22.53 5.24 -21.93
C ALA A 67 -23.58 4.15 -21.61
N ARG A 68 -24.64 4.43 -20.86
CA ARG A 68 -25.74 3.46 -20.77
C ARG A 68 -26.26 3.05 -22.18
N PRO A 69 -26.67 1.79 -22.36
CA PRO A 69 -27.31 1.52 -23.63
C PRO A 69 -28.60 2.35 -23.75
N VAL A 70 -28.85 2.90 -24.94
CA VAL A 70 -30.01 3.76 -25.19
C VAL A 70 -30.91 3.06 -26.23
N VAL A 71 -32.17 2.82 -25.88
CA VAL A 71 -33.08 2.20 -26.81
C VAL A 71 -33.38 3.23 -27.91
N PRO A 72 -33.17 2.88 -29.20
CA PRO A 72 -33.32 3.87 -30.26
C PRO A 72 -34.73 4.39 -30.40
N TYR A 73 -34.85 5.73 -30.54
CA TYR A 73 -36.09 6.37 -30.93
C TYR A 73 -36.61 5.60 -32.13
N ALA A 74 -37.82 5.08 -32.04
CA ALA A 74 -38.48 4.51 -33.21
C ALA A 74 -39.34 5.65 -33.73
N ASN A 75 -39.24 5.91 -35.03
CA ASN A 75 -39.99 6.99 -35.71
C ASN A 75 -41.42 7.25 -35.15
N GLY A 76 -42.27 6.23 -35.30
CA GLY A 76 -43.65 6.31 -34.88
C GLY A 76 -44.56 5.34 -35.61
N ASN A 77 -44.05 4.69 -36.64
CA ASN A 77 -44.85 3.72 -37.38
C ASN A 77 -45.25 2.51 -36.56
N GLY A 78 -46.51 2.14 -36.67
CA GLY A 78 -47.13 1.07 -35.90
C GLY A 78 -46.57 -0.22 -36.42
N VAL A 79 -46.86 -1.33 -35.76
CA VAL A 79 -46.23 -2.57 -36.15
C VAL A 79 -46.98 -3.41 -37.18
N LYS A 80 -46.27 -3.62 -38.28
CA LYS A 80 -46.61 -4.46 -39.41
C LYS A 80 -46.70 -5.92 -38.94
N ASP A 81 -47.83 -6.57 -39.26
CA ASP A 81 -47.94 -8.01 -39.15
C ASP A 81 -46.77 -8.67 -39.84
N GLY A 82 -46.26 -9.69 -39.21
CA GLY A 82 -45.20 -10.45 -39.76
C GLY A 82 -45.48 -11.91 -39.48
N THR A 83 -44.41 -12.67 -39.34
CA THR A 83 -44.50 -14.11 -39.33
C THR A 83 -45.34 -14.67 -38.17
N LYS A 84 -45.38 -14.01 -37.04
CA LYS A 84 -46.27 -14.50 -36.04
C LYS A 84 -47.74 -14.53 -36.55
N GLN A 85 -48.19 -13.45 -37.18
CA GLN A 85 -49.58 -13.42 -37.63
C GLN A 85 -49.83 -14.47 -38.66
N LEU A 86 -48.88 -14.68 -39.56
CA LEU A 86 -49.00 -15.76 -40.54
C LEU A 86 -49.13 -17.12 -39.94
N LEU A 87 -48.30 -17.40 -38.98
CA LEU A 87 -48.29 -18.71 -38.39
C LEU A 87 -49.66 -18.94 -37.71
N ASP A 88 -50.22 -17.93 -37.04
CA ASP A 88 -51.50 -18.11 -36.36
C ASP A 88 -52.59 -18.39 -37.36
N THR A 89 -52.44 -17.83 -38.56
CA THR A 89 -53.42 -17.96 -39.61
C THR A 89 -53.29 -19.34 -40.30
N LEU A 90 -52.09 -19.63 -40.79
CA LEU A 90 -51.81 -20.83 -41.57
C LEU A 90 -51.62 -22.15 -40.77
N GLY A 91 -51.12 -22.07 -39.54
CA GLY A 91 -50.61 -23.24 -38.83
C GLY A 91 -49.25 -23.70 -39.35
N PRO A 92 -48.62 -24.59 -38.61
CA PRO A 92 -47.21 -24.91 -38.94
C PRO A 92 -46.89 -25.51 -40.34
N LYS A 93 -47.65 -26.50 -40.78
CA LYS A 93 -47.45 -27.12 -42.11
C LYS A 93 -47.55 -26.07 -43.20
N LYS A 94 -48.65 -25.36 -43.29
CA LYS A 94 -48.78 -24.38 -44.36
C LYS A 94 -47.78 -23.23 -44.19
N PHE A 95 -47.31 -23.00 -42.96
CA PHE A 95 -46.32 -21.96 -42.74
C PHE A 95 -44.97 -22.38 -43.32
N GLY A 96 -44.60 -23.65 -43.13
CA GLY A 96 -43.39 -24.15 -43.75
C GLY A 96 -43.47 -23.97 -45.24
N GLU A 97 -44.62 -24.33 -45.80
CA GLU A 97 -44.83 -24.23 -47.25
C GLU A 97 -44.64 -22.78 -47.70
N TRP A 98 -45.25 -21.85 -47.00
CA TRP A 98 -45.04 -20.44 -47.28
C TRP A 98 -43.53 -20.09 -47.27
N MET A 99 -42.78 -20.60 -46.29
CA MET A 99 -41.32 -20.43 -46.20
C MET A 99 -40.61 -20.94 -47.45
N ARG A 100 -40.95 -22.16 -47.83
CA ARG A 100 -40.40 -22.79 -49.02
C ARG A 100 -40.59 -21.90 -50.23
N ASN A 101 -41.84 -21.54 -50.47
CA ASN A 101 -42.20 -20.74 -51.62
C ASN A 101 -41.66 -19.34 -51.63
N GLU A 102 -41.22 -18.84 -50.52
CA GLU A 102 -40.80 -17.48 -50.49
C GLU A 102 -39.45 -17.29 -51.19
N LYS A 103 -39.41 -16.28 -52.06
CA LYS A 103 -38.23 -16.02 -52.91
C LYS A 103 -37.09 -15.40 -52.05
N ARG A 104 -37.44 -14.39 -51.26
CA ARG A 104 -36.47 -13.77 -50.42
C ARG A 104 -35.93 -14.82 -49.46
N VAL A 105 -34.70 -14.62 -49.00
CA VAL A 105 -34.18 -15.47 -47.95
C VAL A 105 -34.71 -14.89 -46.67
N LEU A 106 -35.03 -15.75 -45.71
CA LEU A 106 -35.54 -15.31 -44.46
C LEU A 106 -34.44 -15.34 -43.40
N LEU A 107 -34.51 -14.39 -42.50
CA LEU A 107 -33.47 -14.14 -41.54
C LEU A 107 -33.95 -14.42 -40.15
N THR A 108 -33.10 -15.05 -39.38
CA THR A 108 -33.30 -15.26 -37.97
C THR A 108 -32.12 -14.64 -37.23
N ASP A 109 -32.42 -13.81 -36.23
CA ASP A 109 -31.41 -13.11 -35.36
C ASP A 109 -31.20 -13.95 -34.14
N THR A 110 -29.95 -14.23 -33.87
CA THR A 110 -29.56 -15.09 -32.75
C THR A 110 -28.92 -14.32 -31.62
N THR A 111 -28.91 -13.00 -31.76
CA THR A 111 -28.21 -12.15 -30.83
C THR A 111 -28.69 -12.40 -29.41
N MET A 112 -29.98 -12.54 -29.25
CA MET A 112 -30.53 -12.72 -27.93
C MET A 112 -30.32 -14.11 -27.35
N ARG A 113 -29.83 -15.07 -28.14
CA ARG A 113 -29.53 -16.36 -27.54
C ARG A 113 -28.13 -16.85 -27.85
N ASP A 114 -27.89 -17.47 -29.00
CA ASP A 114 -26.57 -18.01 -29.37
C ASP A 114 -25.45 -16.94 -29.38
N GLY A 115 -25.80 -15.73 -29.77
CA GLY A 115 -24.81 -14.64 -29.76
C GLY A 115 -24.08 -14.45 -28.44
N HIS A 116 -24.80 -14.26 -27.36
CA HIS A 116 -24.10 -14.08 -26.09
C HIS A 116 -23.77 -15.42 -25.45
N GLN A 117 -24.43 -16.49 -25.84
CA GLN A 117 -23.98 -17.80 -25.38
C GLN A 117 -22.58 -18.08 -25.84
N SER A 118 -22.33 -17.70 -27.09
CA SER A 118 -21.03 -17.99 -27.63
C SER A 118 -19.93 -17.02 -27.24
N LEU A 119 -20.24 -15.78 -26.88
CA LEU A 119 -19.21 -14.75 -26.64
C LEU A 119 -19.17 -14.25 -25.23
N LEU A 120 -20.26 -14.36 -24.47
CA LEU A 120 -20.30 -13.82 -23.12
C LEU A 120 -20.80 -14.85 -22.10
N ALA A 121 -20.55 -16.13 -22.38
CA ALA A 121 -20.86 -17.23 -21.46
C ALA A 121 -22.35 -17.19 -21.15
N THR A 122 -23.17 -16.79 -22.08
CA THR A 122 -24.64 -16.67 -21.84
C THR A 122 -25.08 -15.74 -20.69
N ARG A 123 -24.25 -14.78 -20.31
CA ARG A 123 -24.61 -13.93 -19.18
C ARG A 123 -25.50 -12.73 -19.46
N MET A 124 -25.94 -12.55 -20.68
CA MET A 124 -26.73 -11.39 -21.02
C MET A 124 -28.05 -11.41 -20.26
N ARG A 125 -28.38 -10.29 -19.65
CA ARG A 125 -29.59 -10.19 -18.84
C ARG A 125 -30.90 -9.81 -19.53
N THR A 126 -32.01 -10.27 -18.94
CA THR A 126 -33.36 -9.90 -19.39
C THR A 126 -33.51 -8.39 -19.57
N TYR A 127 -32.95 -7.62 -18.66
CA TYR A 127 -33.10 -6.17 -18.72
C TYR A 127 -32.66 -5.63 -20.07
N ASP A 128 -31.53 -6.12 -20.60
CA ASP A 128 -30.97 -5.63 -21.84
C ASP A 128 -31.68 -6.26 -23.05
N ILE A 129 -32.05 -7.53 -22.90
CA ILE A 129 -32.75 -8.27 -23.94
C ILE A 129 -34.16 -7.77 -24.16
N ALA A 130 -34.98 -7.77 -23.12
CA ALA A 130 -36.33 -7.30 -23.24
C ALA A 130 -36.45 -5.87 -23.78
N ARG A 131 -35.58 -4.95 -23.38
CA ARG A 131 -35.72 -3.53 -23.74
C ARG A 131 -35.60 -3.25 -25.23
N ILE A 132 -35.05 -4.17 -25.99
CA ILE A 132 -34.84 -3.92 -27.38
C ILE A 132 -35.90 -4.61 -28.22
N ALA A 133 -36.70 -5.48 -27.60
CA ALA A 133 -37.62 -6.26 -28.39
C ALA A 133 -38.56 -5.41 -29.23
N GLY A 134 -39.11 -4.37 -28.60
CA GLY A 134 -40.01 -3.44 -29.25
C GLY A 134 -39.41 -2.85 -30.53
N THR A 135 -38.14 -2.53 -30.47
CA THR A 135 -37.45 -1.97 -31.60
C THR A 135 -37.33 -3.00 -32.75
N TYR A 136 -37.07 -4.25 -32.42
CA TYR A 136 -37.02 -5.26 -33.48
C TYR A 136 -38.36 -5.28 -34.15
N SER A 137 -39.39 -5.20 -33.33
CA SER A 137 -40.74 -5.31 -33.77
C SER A 137 -41.11 -4.20 -34.75
N HIS A 138 -40.83 -2.94 -34.43
CA HIS A 138 -41.17 -1.82 -35.31
C HIS A 138 -40.28 -1.73 -36.54
N ALA A 139 -39.01 -2.02 -36.35
CA ALA A 139 -38.00 -1.71 -37.31
C ALA A 139 -37.64 -2.89 -38.18
N LEU A 140 -37.77 -4.11 -37.72
CA LEU A 140 -37.44 -5.24 -38.59
C LEU A 140 -38.64 -6.17 -38.70
N PRO A 141 -39.80 -5.64 -39.04
CA PRO A 141 -40.96 -6.51 -39.05
C PRO A 141 -40.85 -7.69 -40.01
N ASN A 142 -39.91 -7.68 -40.95
CA ASN A 142 -39.81 -8.84 -41.85
C ASN A 142 -38.92 -10.02 -41.41
N LEU A 143 -38.38 -10.01 -40.19
CA LEU A 143 -37.56 -11.13 -39.70
C LEU A 143 -38.35 -12.40 -39.63
N LEU A 144 -37.74 -13.52 -39.90
CA LEU A 144 -38.48 -14.74 -39.71
C LEU A 144 -38.77 -14.88 -38.24
N SER A 145 -37.70 -14.77 -37.43
CA SER A 145 -37.78 -15.07 -35.99
C SER A 145 -36.68 -14.46 -35.17
N LEU A 146 -36.88 -14.44 -33.87
CA LEU A 146 -35.84 -14.08 -32.95
C LEU A 146 -35.44 -15.34 -32.18
N GLU A 147 -34.16 -15.75 -32.31
CA GLU A 147 -33.69 -16.84 -31.46
C GLU A 147 -33.42 -16.25 -30.14
N CYS A 148 -34.21 -16.59 -29.14
CA CYS A 148 -34.11 -15.87 -27.90
C CYS A 148 -34.29 -16.72 -26.68
N TRP A 149 -34.21 -18.03 -26.84
CA TRP A 149 -34.59 -18.90 -25.72
C TRP A 149 -34.02 -20.27 -25.88
N GLY A 150 -34.01 -20.98 -24.79
CA GLY A 150 -33.40 -22.31 -24.79
C GLY A 150 -31.88 -22.24 -24.86
N GLY A 151 -31.27 -23.32 -25.37
CA GLY A 151 -29.83 -23.53 -25.29
C GLY A 151 -29.49 -23.32 -23.84
N ALA A 152 -28.37 -22.64 -23.54
CA ALA A 152 -27.88 -22.52 -22.16
C ALA A 152 -28.62 -21.41 -21.40
N THR A 153 -29.45 -20.63 -22.03
CA THR A 153 -30.06 -19.50 -21.31
C THR A 153 -30.95 -19.95 -20.19
N PHE A 154 -31.54 -21.13 -20.30
CA PHE A 154 -32.50 -21.57 -19.30
C PHE A 154 -31.82 -21.74 -17.95
N ASP A 155 -30.77 -22.51 -18.00
CA ASP A 155 -29.98 -22.80 -16.83
C ASP A 155 -29.31 -21.54 -16.30
N VAL A 156 -28.56 -20.88 -17.18
CA VAL A 156 -27.66 -19.81 -16.76
C VAL A 156 -28.39 -18.68 -16.20
N SER A 157 -29.60 -18.46 -16.72
CA SER A 157 -30.44 -17.36 -16.26
C SER A 157 -30.75 -17.47 -14.76
N MET A 158 -31.08 -18.68 -14.30
CA MET A 158 -31.31 -18.91 -12.88
C MET A 158 -30.02 -19.01 -12.16
N ARG A 159 -29.13 -19.85 -12.64
CA ARG A 159 -27.98 -20.18 -11.80
C ARG A 159 -27.04 -19.01 -11.56
N PHE A 160 -26.82 -18.18 -12.57
CA PHE A 160 -25.80 -17.13 -12.54
C PHE A 160 -26.39 -15.71 -12.56
N LEU A 161 -27.61 -15.58 -13.07
CA LEU A 161 -28.23 -14.28 -13.21
C LEU A 161 -29.37 -14.02 -12.22
N THR A 162 -29.78 -15.03 -11.45
CA THR A 162 -30.86 -14.86 -10.47
C THR A 162 -32.15 -14.30 -11.11
N GLU A 163 -32.44 -14.73 -12.34
CA GLU A 163 -33.68 -14.37 -13.00
C GLU A 163 -34.38 -15.59 -13.65
N ASP A 164 -35.63 -15.38 -14.00
CA ASP A 164 -36.54 -16.46 -14.41
C ASP A 164 -36.63 -16.39 -15.94
N PRO A 165 -36.37 -17.52 -16.62
CA PRO A 165 -36.36 -17.50 -18.03
C PRO A 165 -37.75 -17.35 -18.64
N TRP A 166 -38.79 -17.65 -17.87
CA TRP A 166 -40.16 -17.53 -18.33
C TRP A 166 -40.53 -16.04 -18.31
N GLU A 167 -40.16 -15.30 -17.28
CA GLU A 167 -40.33 -13.81 -17.25
C GLU A 167 -39.69 -13.29 -18.55
N ARG A 168 -38.46 -13.75 -18.82
CA ARG A 168 -37.73 -13.21 -19.98
C ARG A 168 -38.53 -13.44 -21.26
N LEU A 169 -39.04 -14.65 -21.40
CA LEU A 169 -39.79 -14.99 -22.58
C LEU A 169 -41.07 -14.12 -22.70
N ALA A 170 -41.83 -14.04 -21.63
CA ALA A 170 -43.06 -13.22 -21.61
C ALA A 170 -42.77 -11.77 -22.02
N LEU A 171 -41.70 -11.18 -21.49
CA LEU A 171 -41.34 -9.82 -21.84
C LEU A 171 -41.00 -9.71 -23.33
N ILE A 172 -40.23 -10.63 -23.86
CA ILE A 172 -39.96 -10.60 -25.32
C ILE A 172 -41.29 -10.77 -26.11
N ARG A 173 -42.11 -11.76 -25.76
CA ARG A 173 -43.43 -11.96 -26.40
C ARG A 173 -44.22 -10.68 -26.51
N GLU A 174 -44.22 -9.92 -25.45
CA GLU A 174 -45.08 -8.78 -25.33
C GLU A 174 -44.44 -7.67 -26.12
N GLY A 175 -43.11 -7.62 -26.19
CA GLY A 175 -42.40 -6.64 -27.03
C GLY A 175 -42.46 -6.85 -28.54
N ALA A 176 -42.52 -8.11 -28.98
CA ALA A 176 -42.47 -8.45 -30.40
C ALA A 176 -43.60 -9.42 -30.75
N PRO A 177 -44.84 -8.92 -30.70
CA PRO A 177 -46.00 -9.70 -31.05
C PRO A 177 -46.19 -10.02 -32.54
N ASN A 178 -45.38 -9.45 -33.43
CA ASN A 178 -45.43 -9.76 -34.87
C ASN A 178 -44.38 -10.76 -35.34
N LEU A 179 -43.34 -10.98 -34.53
CA LEU A 179 -42.30 -11.99 -34.87
C LEU A 179 -42.37 -13.38 -34.16
N LEU A 180 -41.92 -14.45 -34.82
CA LEU A 180 -41.86 -15.75 -34.19
C LEU A 180 -40.75 -15.70 -33.24
N LEU A 181 -40.95 -16.34 -32.09
CA LEU A 181 -39.88 -16.52 -31.15
C LEU A 181 -39.47 -17.98 -31.20
N GLN A 182 -38.16 -18.17 -31.26
CA GLN A 182 -37.48 -19.41 -31.50
C GLN A 182 -36.59 -19.88 -30.33
N MET A 183 -36.74 -21.14 -29.90
CA MET A 183 -35.83 -21.73 -28.93
C MET A 183 -34.97 -22.79 -29.57
N LEU A 184 -33.85 -23.06 -28.92
CA LEU A 184 -33.09 -24.24 -29.22
C LEU A 184 -33.47 -25.25 -28.13
N LEU A 185 -34.01 -26.36 -28.57
CA LEU A 185 -34.38 -27.45 -27.74
C LEU A 185 -33.50 -28.65 -28.05
N ARG A 186 -32.85 -29.25 -27.04
CA ARG A 186 -31.92 -30.36 -27.26
C ARG A 186 -32.55 -31.76 -27.30
N GLY A 187 -33.62 -31.88 -28.07
CA GLY A 187 -34.36 -33.15 -28.15
C GLY A 187 -34.60 -33.72 -26.77
N ALA A 188 -34.26 -34.99 -26.56
CA ALA A 188 -34.44 -35.71 -25.26
C ALA A 188 -33.73 -35.10 -24.04
N ASN A 189 -32.73 -34.27 -24.30
CA ASN A 189 -32.02 -33.56 -23.23
C ASN A 189 -32.70 -32.25 -22.85
N GLY A 190 -33.91 -31.96 -23.34
CA GLY A 190 -34.59 -30.69 -23.07
C GLY A 190 -33.69 -29.43 -23.08
N VAL A 191 -33.68 -28.72 -21.95
CA VAL A 191 -32.80 -27.61 -21.80
C VAL A 191 -31.75 -28.02 -20.78
N GLY A 192 -31.57 -29.33 -20.65
CA GLY A 192 -30.55 -29.92 -19.77
C GLY A 192 -29.41 -30.62 -20.51
N TYR A 193 -28.69 -31.48 -19.80
CA TYR A 193 -27.45 -32.06 -20.30
C TYR A 193 -27.50 -33.60 -20.40
N THR A 194 -28.65 -34.18 -20.06
CA THR A 194 -28.82 -35.63 -19.93
C THR A 194 -30.26 -35.95 -20.44
N ASN A 195 -30.49 -37.16 -20.97
CA ASN A 195 -31.83 -37.57 -21.45
C ASN A 195 -32.81 -37.70 -20.28
N TYR A 196 -34.05 -37.17 -20.41
CA TYR A 196 -35.07 -37.13 -19.34
C TYR A 196 -36.26 -38.07 -19.63
N PRO A 197 -37.04 -38.45 -18.62
CA PRO A 197 -38.27 -39.20 -19.02
C PRO A 197 -39.13 -38.47 -20.06
N ASP A 198 -39.76 -39.24 -20.91
CA ASP A 198 -40.62 -38.70 -21.97
C ASP A 198 -41.68 -37.73 -21.43
N ASN A 199 -42.31 -38.08 -20.32
CA ASN A 199 -43.41 -37.26 -19.84
C ASN A 199 -42.92 -35.89 -19.39
N VAL A 200 -41.66 -35.82 -19.02
CA VAL A 200 -41.03 -34.54 -18.62
C VAL A 200 -40.72 -33.68 -19.87
N VAL A 201 -40.16 -34.33 -20.87
CA VAL A 201 -39.87 -33.70 -22.11
C VAL A 201 -41.18 -33.13 -22.67
N LYS A 202 -42.24 -33.94 -22.63
CA LYS A 202 -43.56 -33.52 -23.12
C LYS A 202 -44.14 -32.32 -22.35
N TYR A 203 -43.98 -32.31 -21.03
CA TYR A 203 -44.55 -31.28 -20.22
C TYR A 203 -43.72 -30.02 -20.53
N PHE A 204 -42.40 -30.13 -20.49
CA PHE A 204 -41.62 -28.97 -20.76
C PHE A 204 -42.04 -28.38 -22.09
N VAL A 205 -42.16 -29.18 -23.13
CA VAL A 205 -42.60 -28.59 -24.40
C VAL A 205 -43.97 -27.99 -24.32
N ARG A 206 -44.91 -28.59 -23.59
CA ARG A 206 -46.21 -27.93 -23.40
C ARG A 206 -46.05 -26.53 -22.72
N GLN A 207 -45.22 -26.41 -21.69
CA GLN A 207 -45.06 -25.10 -21.06
C GLN A 207 -44.37 -24.10 -21.99
N ALA A 208 -43.30 -24.52 -22.68
CA ALA A 208 -42.63 -23.66 -23.65
C ALA A 208 -43.55 -23.04 -24.71
N ALA A 209 -44.45 -23.86 -25.23
CA ALA A 209 -45.56 -23.38 -26.11
C ALA A 209 -46.43 -22.35 -25.47
N LYS A 210 -47.04 -22.73 -24.34
CA LYS A 210 -47.90 -21.82 -23.62
C LYS A 210 -47.13 -20.54 -23.32
N GLY A 211 -45.85 -20.67 -22.98
CA GLY A 211 -45.06 -19.53 -22.60
C GLY A 211 -44.71 -18.58 -23.70
N GLY A 212 -44.87 -18.94 -24.97
CA GLY A 212 -44.62 -18.00 -26.07
C GLY A 212 -43.69 -18.49 -27.19
N ILE A 213 -43.13 -19.70 -27.09
CA ILE A 213 -42.30 -20.17 -28.17
C ILE A 213 -43.18 -20.58 -29.35
N ASP A 214 -42.84 -20.11 -30.54
CA ASP A 214 -43.53 -20.50 -31.76
C ASP A 214 -42.78 -21.51 -32.58
N LEU A 215 -41.46 -21.48 -32.45
CA LEU A 215 -40.57 -22.20 -33.37
C LEU A 215 -39.52 -22.95 -32.58
N PHE A 216 -39.61 -24.27 -32.56
CA PHE A 216 -38.69 -25.08 -31.80
C PHE A 216 -37.67 -25.68 -32.72
N ARG A 217 -36.44 -25.22 -32.66
CA ARG A 217 -35.35 -25.91 -33.42
C ARG A 217 -34.89 -27.00 -32.51
N VAL A 218 -35.19 -28.25 -32.89
CA VAL A 218 -34.92 -29.38 -32.02
C VAL A 218 -33.82 -30.28 -32.61
N PHE A 219 -32.83 -30.64 -31.81
CA PHE A 219 -31.72 -31.44 -32.30
C PHE A 219 -31.37 -32.54 -31.34
N ASP A 220 -30.82 -33.63 -31.85
CA ASP A 220 -30.24 -34.72 -31.01
C ASP A 220 -28.76 -34.74 -31.18
N CYS A 221 -28.02 -34.95 -30.09
CA CYS A 221 -26.55 -34.84 -30.18
C CYS A 221 -25.83 -35.85 -31.03
N LEU A 222 -26.50 -36.94 -31.38
CA LEU A 222 -25.94 -37.99 -32.25
C LEU A 222 -26.70 -38.13 -33.56
N ASN A 223 -27.50 -37.15 -33.88
CA ASN A 223 -28.38 -37.16 -35.01
C ASN A 223 -29.20 -38.46 -35.08
N TRP A 224 -29.69 -38.94 -33.93
CA TRP A 224 -30.48 -40.16 -33.87
C TRP A 224 -31.96 -39.85 -33.89
N VAL A 225 -32.56 -39.95 -35.05
CA VAL A 225 -33.96 -39.63 -35.25
C VAL A 225 -34.88 -40.33 -34.27
N GLU A 226 -34.61 -41.58 -33.95
CA GLU A 226 -35.41 -42.33 -32.96
C GLU A 226 -35.51 -41.57 -31.61
N ASN A 227 -34.42 -40.93 -31.19
CA ASN A 227 -34.39 -40.22 -29.94
C ASN A 227 -35.00 -38.77 -30.07
N MET A 228 -35.42 -38.37 -31.28
CA MET A 228 -36.07 -37.07 -31.56
C MET A 228 -37.62 -37.13 -31.62
N ARG A 229 -38.19 -38.34 -31.71
CA ARG A 229 -39.59 -38.51 -32.05
C ARG A 229 -40.55 -37.95 -30.98
N VAL A 230 -40.16 -38.11 -29.73
CA VAL A 230 -40.95 -37.61 -28.64
C VAL A 230 -41.11 -36.10 -28.65
N SER A 231 -40.03 -35.38 -28.88
CA SER A 231 -40.01 -33.93 -28.86
C SER A 231 -40.77 -33.41 -30.05
N MET A 232 -40.43 -33.94 -31.22
CA MET A 232 -41.06 -33.50 -32.45
C MET A 232 -42.57 -33.71 -32.38
N ASP A 233 -43.01 -34.85 -31.85
CA ASP A 233 -44.46 -35.03 -31.69
C ASP A 233 -45.04 -34.10 -30.67
N ALA A 234 -44.27 -33.77 -29.65
CA ALA A 234 -44.85 -32.92 -28.65
C ALA A 234 -44.99 -31.49 -29.21
N ILE A 235 -44.02 -31.05 -29.99
CA ILE A 235 -44.09 -29.74 -30.62
C ILE A 235 -45.31 -29.64 -31.56
N ALA A 236 -45.55 -30.69 -32.32
CA ALA A 236 -46.69 -30.76 -33.24
C ALA A 236 -48.02 -30.78 -32.51
N GLU A 237 -48.08 -31.54 -31.42
CA GLU A 237 -49.30 -31.57 -30.58
C GLU A 237 -49.63 -30.19 -30.03
N GLU A 238 -48.65 -29.32 -29.87
CA GLU A 238 -48.92 -27.95 -29.46
C GLU A 238 -49.23 -27.04 -30.65
N ASN A 239 -49.31 -27.65 -31.83
CA ASN A 239 -49.59 -26.90 -33.07
C ASN A 239 -48.57 -25.77 -33.20
N LYS A 240 -47.31 -26.07 -32.89
CA LYS A 240 -46.20 -25.19 -33.15
C LYS A 240 -45.23 -25.73 -34.20
N LEU A 241 -44.29 -24.89 -34.61
CA LEU A 241 -43.31 -25.26 -35.60
C LEU A 241 -42.22 -26.13 -35.04
N CYS A 242 -42.10 -27.32 -35.61
CA CYS A 242 -41.06 -28.26 -35.35
C CYS A 242 -40.04 -28.13 -36.48
N GLU A 243 -38.88 -27.62 -36.11
CA GLU A 243 -37.83 -27.44 -37.06
C GLU A 243 -36.81 -28.43 -36.60
N ALA A 244 -36.71 -29.54 -37.33
CA ALA A 244 -35.88 -30.66 -36.88
C ALA A 244 -34.51 -30.43 -37.45
N ALA A 245 -33.50 -30.49 -36.62
CA ALA A 245 -32.18 -30.19 -37.12
C ALA A 245 -31.36 -31.44 -37.38
N ILE A 246 -30.51 -31.29 -38.39
CA ILE A 246 -29.43 -32.21 -38.69
C ILE A 246 -28.15 -31.50 -38.35
N CYS A 247 -27.41 -32.01 -37.38
CA CYS A 247 -26.12 -31.42 -37.04
C CYS A 247 -25.07 -31.73 -38.10
N TYR A 248 -24.34 -30.70 -38.55
CA TYR A 248 -23.31 -30.94 -39.56
C TYR A 248 -21.99 -31.25 -38.90
N THR A 249 -21.27 -32.18 -39.49
CA THR A 249 -19.94 -32.43 -39.07
C THR A 249 -19.12 -33.01 -40.20
N GLY A 250 -17.82 -33.08 -40.00
CA GLY A 250 -16.93 -33.56 -41.05
C GLY A 250 -16.88 -32.64 -42.26
N ASP A 251 -16.81 -33.24 -43.40
CA ASP A 251 -16.73 -32.55 -44.66
C ASP A 251 -17.31 -33.43 -45.77
N ILE A 252 -18.39 -33.04 -46.43
CA ILE A 252 -19.00 -33.94 -47.42
C ILE A 252 -18.15 -34.03 -48.71
N LEU A 253 -17.20 -33.12 -48.91
CA LEU A 253 -16.47 -33.08 -50.16
C LEU A 253 -15.12 -33.75 -50.05
N ASN A 254 -14.86 -34.31 -48.87
CA ASN A 254 -13.67 -35.09 -48.64
C ASN A 254 -14.01 -36.57 -48.50
N SER A 255 -13.70 -37.30 -49.55
CA SER A 255 -13.99 -38.73 -49.64
C SER A 255 -13.13 -39.65 -48.76
N ALA A 256 -12.15 -39.10 -48.06
CA ALA A 256 -11.40 -39.85 -47.06
C ALA A 256 -12.14 -39.81 -45.74
N ARG A 257 -13.39 -39.42 -45.75
CA ARG A 257 -14.16 -39.38 -44.49
C ARG A 257 -15.62 -39.69 -44.79
N PRO A 258 -15.85 -40.81 -45.48
CA PRO A 258 -17.15 -41.07 -46.09
C PRO A 258 -18.33 -41.17 -45.14
N LYS A 259 -18.07 -41.15 -43.85
CA LYS A 259 -19.12 -41.53 -42.88
C LYS A 259 -20.22 -40.47 -42.89
N TYR A 260 -19.84 -39.22 -43.15
CA TYR A 260 -20.74 -38.06 -43.15
C TYR A 260 -20.72 -37.49 -44.56
N ASP A 261 -21.24 -38.26 -45.50
CA ASP A 261 -21.25 -37.85 -46.90
C ASP A 261 -22.60 -37.19 -47.18
N LEU A 262 -22.81 -36.78 -48.44
CA LEU A 262 -24.00 -36.09 -48.84
C LEU A 262 -25.24 -36.92 -48.56
N LYS A 263 -25.16 -38.22 -48.78
CA LYS A 263 -26.28 -39.14 -48.59
C LYS A 263 -26.73 -39.18 -47.11
N TYR A 264 -25.76 -39.06 -46.21
CA TYR A 264 -26.05 -39.15 -44.78
C TYR A 264 -27.07 -38.09 -44.42
N TYR A 265 -26.82 -36.89 -44.93
CA TYR A 265 -27.65 -35.72 -44.67
C TYR A 265 -28.99 -35.78 -45.38
N THR A 266 -29.00 -35.98 -46.70
CA THR A 266 -30.27 -36.10 -47.43
C THR A 266 -31.13 -37.23 -46.91
N ASN A 267 -30.54 -38.36 -46.50
CA ASN A 267 -31.39 -39.41 -45.93
C ASN A 267 -32.01 -38.99 -44.61
N LEU A 268 -31.27 -38.25 -43.81
CA LEU A 268 -31.81 -37.77 -42.57
C LEU A 268 -32.96 -36.78 -42.79
N ALA A 269 -32.81 -35.90 -43.77
CA ALA A 269 -33.90 -34.95 -44.04
C ALA A 269 -35.16 -35.73 -44.39
N VAL A 270 -35.03 -36.79 -45.21
CA VAL A 270 -36.20 -37.60 -45.56
C VAL A 270 -36.75 -38.23 -44.30
N GLU A 271 -35.88 -38.74 -43.42
CA GLU A 271 -36.34 -39.51 -42.25
C GLU A 271 -37.16 -38.56 -41.39
N LEU A 272 -36.64 -37.36 -41.19
CA LEU A 272 -37.34 -36.31 -40.41
C LEU A 272 -38.61 -35.72 -41.02
N GLU A 273 -38.70 -35.67 -42.33
CA GLU A 273 -39.94 -35.32 -42.98
C GLU A 273 -40.96 -36.37 -42.55
N LYS A 274 -40.56 -37.64 -42.64
CA LYS A 274 -41.46 -38.79 -42.28
C LYS A 274 -41.86 -38.70 -40.80
N ALA A 275 -41.03 -38.05 -39.99
CA ALA A 275 -41.27 -37.96 -38.59
C ALA A 275 -42.06 -36.73 -38.20
N GLY A 276 -42.52 -35.92 -39.16
CA GLY A 276 -43.41 -34.78 -38.85
C GLY A 276 -42.79 -33.39 -38.87
N ALA A 277 -41.57 -33.22 -39.32
CA ALA A 277 -41.00 -31.87 -39.35
C ALA A 277 -41.76 -30.91 -40.23
N HIS A 278 -41.83 -29.66 -39.79
CA HIS A 278 -42.37 -28.59 -40.61
C HIS A 278 -41.25 -27.89 -41.34
N ILE A 279 -40.07 -27.95 -40.77
CA ILE A 279 -38.89 -27.32 -41.32
C ILE A 279 -37.72 -28.26 -41.06
N ILE A 280 -36.75 -28.29 -41.96
CA ILE A 280 -35.48 -28.96 -41.63
C ILE A 280 -34.39 -27.94 -41.45
N ALA A 281 -33.62 -28.09 -40.37
CA ALA A 281 -32.45 -27.26 -40.18
C ALA A 281 -31.16 -27.98 -40.43
N VAL A 282 -30.18 -27.23 -40.87
CA VAL A 282 -28.80 -27.67 -40.85
C VAL A 282 -28.17 -26.85 -39.74
N KCX A 283 -27.75 -27.52 -38.68
CA KCX A 283 -27.19 -26.90 -37.47
CB KCX A 283 -27.85 -27.54 -36.21
CG KCX A 283 -27.20 -27.11 -34.92
CD KCX A 283 -27.90 -27.44 -33.61
CE KCX A 283 -27.17 -26.78 -32.44
NZ KCX A 283 -27.35 -25.33 -32.20
C KCX A 283 -25.71 -27.20 -37.54
O KCX A 283 -25.28 -28.31 -37.24
CX KCX A 283 -26.46 -24.30 -32.30
OQ1 KCX A 283 -25.35 -24.44 -32.61
OQ2 KCX A 283 -26.97 -23.21 -31.94
N ASP A 284 -24.93 -26.23 -38.02
CA ASP A 284 -23.50 -26.40 -38.19
C ASP A 284 -22.94 -25.76 -36.95
N MET A 285 -22.96 -26.50 -35.85
CA MET A 285 -22.60 -25.99 -34.58
C MET A 285 -21.19 -25.59 -34.38
N ALA A 286 -20.28 -26.08 -35.20
CA ALA A 286 -18.88 -25.70 -35.04
C ALA A 286 -18.37 -24.89 -36.20
N GLY A 287 -19.24 -24.50 -37.11
CA GLY A 287 -18.79 -23.72 -38.23
C GLY A 287 -17.96 -24.48 -39.21
N LEU A 288 -18.31 -25.74 -39.50
CA LEU A 288 -17.49 -26.57 -40.33
C LEU A 288 -17.90 -26.57 -41.79
N LEU A 289 -19.14 -26.23 -42.11
CA LEU A 289 -19.56 -26.21 -43.50
C LEU A 289 -18.80 -25.17 -44.32
N LYS A 290 -18.20 -25.59 -45.41
CA LYS A 290 -17.51 -24.65 -46.31
C LYS A 290 -18.38 -24.30 -47.49
N PRO A 291 -18.04 -23.20 -48.11
CA PRO A 291 -18.90 -22.71 -49.17
C PRO A 291 -19.18 -23.70 -50.29
N ALA A 292 -18.13 -24.42 -50.75
CA ALA A 292 -18.33 -25.31 -51.90
C ALA A 292 -19.29 -26.37 -51.42
N ALA A 293 -19.15 -26.84 -50.18
CA ALA A 293 -20.05 -27.85 -49.68
C ALA A 293 -21.53 -27.33 -49.54
N ALA A 294 -21.74 -26.09 -49.14
CA ALA A 294 -23.08 -25.58 -49.00
C ALA A 294 -23.79 -25.60 -50.34
N LYS A 295 -23.07 -25.24 -51.42
CA LYS A 295 -23.65 -25.21 -52.78
C LYS A 295 -24.22 -26.60 -53.09
N VAL A 296 -23.46 -27.64 -52.78
CA VAL A 296 -23.90 -29.00 -53.03
C VAL A 296 -24.96 -29.41 -52.00
N LEU A 297 -24.72 -29.15 -50.73
CA LEU A 297 -25.61 -29.63 -49.67
C LEU A 297 -27.04 -29.07 -49.82
N PHE A 298 -27.16 -27.76 -49.97
CA PHE A 298 -28.49 -27.19 -50.00
C PHE A 298 -29.28 -27.51 -51.26
N LYS A 299 -28.63 -27.53 -52.42
CA LYS A 299 -29.25 -27.95 -53.65
C LYS A 299 -29.76 -29.38 -53.49
N ALA A 300 -29.03 -30.25 -52.80
CA ALA A 300 -29.46 -31.65 -52.67
C ALA A 300 -30.59 -31.78 -51.68
N LEU A 301 -30.46 -31.06 -50.59
CA LEU A 301 -31.52 -31.08 -49.57
C LEU A 301 -32.83 -30.68 -50.17
N ARG A 302 -32.85 -29.56 -50.90
CA ARG A 302 -34.08 -29.00 -51.38
C ARG A 302 -34.63 -29.90 -52.50
N GLU A 303 -33.79 -30.75 -53.08
CA GLU A 303 -34.29 -31.84 -53.94
C GLU A 303 -34.75 -33.09 -53.18
N ALA A 304 -34.33 -33.31 -51.95
CA ALA A 304 -34.67 -34.55 -51.22
C ALA A 304 -35.93 -34.40 -50.36
N THR A 305 -36.27 -33.18 -49.95
CA THR A 305 -37.52 -32.96 -49.27
C THR A 305 -38.15 -31.69 -49.83
N GLY A 306 -39.48 -31.61 -49.74
CA GLY A 306 -40.18 -30.39 -50.09
C GLY A 306 -40.21 -29.37 -48.97
N LEU A 307 -39.87 -29.82 -47.76
CA LEU A 307 -39.80 -28.93 -46.58
C LEU A 307 -38.77 -27.84 -46.76
N PRO A 308 -39.00 -26.68 -46.13
CA PRO A 308 -38.01 -25.65 -46.20
C PRO A 308 -36.83 -25.93 -45.35
N ILE A 309 -35.72 -25.29 -45.70
CA ILE A 309 -34.45 -25.53 -45.05
C ILE A 309 -33.99 -24.26 -44.35
N HIS A 310 -33.47 -24.40 -43.13
CA HIS A 310 -33.00 -23.30 -42.31
C HIS A 310 -31.57 -23.61 -41.94
N PHE A 311 -30.62 -22.73 -42.26
CA PHE A 311 -29.16 -22.95 -42.03
C PHE A 311 -28.60 -22.13 -40.90
N HIS A 312 -28.03 -22.80 -39.89
CA HIS A 312 -27.43 -22.15 -38.71
C HIS A 312 -25.94 -22.50 -38.68
N THR A 313 -25.07 -21.50 -38.54
CA THR A 313 -23.62 -21.74 -38.47
C THR A 313 -22.92 -20.75 -37.54
N HIS A 314 -21.64 -21.01 -37.29
CA HIS A 314 -20.76 -20.21 -36.42
C HIS A 314 -19.53 -19.81 -37.22
N ASP A 315 -18.92 -18.68 -36.87
CA ASP A 315 -17.94 -17.98 -37.70
C ASP A 315 -16.53 -18.18 -37.15
N THR A 316 -16.35 -19.22 -36.36
CA THR A 316 -15.03 -19.52 -35.80
C THR A 316 -13.92 -19.56 -36.85
N SER A 317 -14.23 -20.05 -38.06
CA SER A 317 -13.23 -20.15 -39.16
C SER A 317 -12.87 -18.79 -39.78
N GLY A 318 -13.70 -17.80 -39.55
CA GLY A 318 -13.64 -16.52 -40.23
C GLY A 318 -14.20 -16.51 -41.65
N ILE A 319 -14.83 -17.63 -42.08
CA ILE A 319 -15.44 -17.66 -43.40
C ILE A 319 -16.89 -18.04 -43.53
N ALA A 320 -17.59 -18.21 -42.41
CA ALA A 320 -19.00 -18.65 -42.41
C ALA A 320 -19.95 -17.70 -43.19
N ALA A 321 -19.60 -16.43 -43.33
CA ALA A 321 -20.43 -15.53 -44.14
C ALA A 321 -20.40 -15.98 -45.59
N ALA A 322 -19.25 -16.46 -46.03
CA ALA A 322 -19.17 -17.05 -47.35
C ALA A 322 -20.08 -18.23 -47.37
N THR A 323 -20.02 -19.08 -46.34
CA THR A 323 -20.87 -20.30 -46.41
C THR A 323 -22.37 -19.94 -46.43
N VAL A 324 -22.74 -18.92 -45.68
CA VAL A 324 -24.10 -18.45 -45.67
C VAL A 324 -24.50 -17.87 -47.04
N LEU A 325 -23.63 -17.12 -47.67
CA LEU A 325 -23.99 -16.59 -48.96
C LEU A 325 -24.14 -17.67 -50.04
N ALA A 326 -23.37 -18.72 -49.92
CA ALA A 326 -23.44 -19.80 -50.88
C ALA A 326 -24.73 -20.54 -50.65
N ALA A 327 -25.08 -20.76 -49.38
CA ALA A 327 -26.36 -21.38 -49.04
C ALA A 327 -27.46 -20.61 -49.64
N VAL A 328 -27.40 -19.28 -49.61
CA VAL A 328 -28.45 -18.41 -50.15
C VAL A 328 -28.47 -18.55 -51.65
N GLU A 329 -27.30 -18.60 -52.27
CA GLU A 329 -27.27 -18.71 -53.69
C GLU A 329 -27.87 -20.06 -54.09
N ALA A 330 -27.73 -21.08 -53.27
CA ALA A 330 -28.25 -22.41 -53.59
C ALA A 330 -29.71 -22.65 -53.19
N GLY A 331 -30.43 -21.65 -52.70
CA GLY A 331 -31.86 -21.80 -52.44
C GLY A 331 -32.34 -22.05 -51.03
N VAL A 332 -31.48 -21.85 -50.03
CA VAL A 332 -31.88 -22.16 -48.67
C VAL A 332 -32.91 -21.15 -48.31
N ASP A 333 -33.82 -21.53 -47.40
CA ASP A 333 -35.02 -20.72 -47.19
C ASP A 333 -34.77 -19.72 -46.15
N ALA A 334 -34.07 -20.12 -45.10
CA ALA A 334 -33.74 -19.20 -44.02
C ALA A 334 -32.31 -19.42 -43.59
N VAL A 335 -31.69 -18.35 -43.06
CA VAL A 335 -30.38 -18.41 -42.45
C VAL A 335 -30.40 -17.65 -41.17
N ASP A 336 -29.53 -18.02 -40.25
CA ASP A 336 -29.38 -17.30 -38.96
C ASP A 336 -28.15 -16.39 -39.01
N ALA A 337 -28.20 -15.27 -38.30
CA ALA A 337 -27.04 -14.36 -38.23
C ALA A 337 -27.17 -13.60 -36.95
N ALA A 338 -26.08 -12.99 -36.48
CA ALA A 338 -26.12 -12.14 -35.30
C ALA A 338 -25.76 -10.72 -35.61
N MET A 339 -26.30 -9.81 -34.82
CA MET A 339 -26.02 -8.41 -34.96
C MET A 339 -24.54 -8.22 -34.87
N ASP A 340 -24.08 -7.21 -35.59
CA ASP A 340 -22.68 -7.01 -35.83
C ASP A 340 -21.89 -7.08 -34.56
N ALA A 341 -22.31 -6.25 -33.60
CA ALA A 341 -21.70 -6.09 -32.31
C ALA A 341 -21.59 -7.36 -31.45
N LEU A 342 -22.26 -8.42 -31.86
CA LEU A 342 -22.12 -9.71 -31.16
C LEU A 342 -21.97 -10.79 -32.23
N SER A 343 -21.27 -10.46 -33.31
CA SER A 343 -21.07 -11.37 -34.38
C SER A 343 -19.61 -11.66 -34.52
N GLY A 344 -19.28 -12.63 -35.37
CA GLY A 344 -17.90 -13.01 -35.56
C GLY A 344 -17.43 -14.07 -34.58
N ASN A 345 -16.24 -14.56 -34.83
CA ASN A 345 -15.61 -15.52 -33.99
C ASN A 345 -16.51 -16.66 -33.75
N THR A 346 -16.73 -17.01 -32.50
CA THR A 346 -17.44 -18.20 -32.18
C THR A 346 -18.90 -17.93 -32.27
N SER A 347 -19.30 -16.70 -32.55
CA SER A 347 -20.72 -16.40 -32.67
C SER A 347 -21.19 -16.66 -34.12
N GLN A 348 -22.36 -16.15 -34.48
CA GLN A 348 -22.82 -16.24 -35.85
C GLN A 348 -22.10 -15.18 -36.65
N PRO A 349 -22.11 -15.31 -37.97
CA PRO A 349 -21.51 -14.25 -38.77
C PRO A 349 -22.36 -13.01 -38.78
N CYS A 350 -21.78 -11.92 -39.25
CA CYS A 350 -22.35 -10.58 -39.17
C CYS A 350 -23.59 -10.38 -39.95
N LEU A 351 -24.68 -10.08 -39.25
CA LEU A 351 -26.00 -9.86 -39.88
C LEU A 351 -25.98 -8.63 -40.77
N GLY A 352 -25.44 -7.53 -40.29
CA GLY A 352 -25.44 -6.32 -41.13
C GLY A 352 -24.72 -6.56 -42.45
N SER A 353 -23.56 -7.23 -42.40
CA SER A 353 -22.75 -7.36 -43.60
C SER A 353 -23.33 -8.37 -44.61
N ILE A 354 -23.98 -9.41 -44.12
CA ILE A 354 -24.66 -10.35 -45.00
C ILE A 354 -25.83 -9.70 -45.73
N VAL A 355 -26.59 -8.95 -44.98
CA VAL A 355 -27.65 -8.20 -45.59
C VAL A 355 -27.08 -7.25 -46.66
N GLU A 356 -26.00 -6.56 -46.34
CA GLU A 356 -25.46 -5.66 -47.31
C GLU A 356 -25.06 -6.38 -48.61
N ALA A 357 -24.51 -7.56 -48.50
CA ALA A 357 -24.08 -8.30 -49.68
C ALA A 357 -25.27 -8.77 -50.46
N LEU A 358 -26.39 -9.00 -49.81
CA LEU A 358 -27.55 -9.49 -50.54
C LEU A 358 -28.37 -8.42 -51.15
N SER A 359 -28.15 -7.22 -50.69
CA SER A 359 -28.94 -6.10 -51.05
C SER A 359 -28.93 -5.84 -52.56
N GLY A 360 -30.14 -5.81 -53.12
CA GLY A 360 -30.34 -5.58 -54.55
C GLY A 360 -30.36 -6.89 -55.28
N SER A 361 -29.95 -8.00 -54.67
CA SER A 361 -30.07 -9.29 -55.35
C SER A 361 -31.51 -9.84 -55.40
N GLU A 362 -31.65 -10.95 -56.10
CA GLU A 362 -32.94 -11.60 -56.28
C GLU A 362 -33.55 -12.04 -54.99
N ARG A 363 -32.72 -12.37 -54.03
CA ARG A 363 -33.17 -12.94 -52.77
C ARG A 363 -32.93 -11.95 -51.67
N ASP A 364 -32.59 -10.71 -52.05
CA ASP A 364 -32.57 -9.59 -51.08
C ASP A 364 -33.66 -9.84 -50.03
N PRO A 365 -33.29 -9.85 -48.76
CA PRO A 365 -34.22 -10.23 -47.70
C PRO A 365 -35.07 -9.09 -47.17
N GLY A 366 -34.84 -7.86 -47.64
CA GLY A 366 -35.71 -6.74 -47.34
C GLY A 366 -35.61 -6.11 -45.99
N LEU A 367 -34.41 -5.98 -45.43
CA LEU A 367 -34.25 -5.40 -44.10
C LEU A 367 -33.48 -4.11 -44.10
N ASP A 368 -34.00 -3.09 -43.45
CA ASP A 368 -33.39 -1.79 -43.47
C ASP A 368 -32.07 -1.85 -42.73
N PRO A 369 -30.94 -1.55 -43.42
CA PRO A 369 -29.61 -1.72 -42.81
C PRO A 369 -29.26 -0.68 -41.78
N ALA A 370 -29.80 0.50 -41.97
CA ALA A 370 -29.62 1.56 -41.04
C ALA A 370 -30.21 1.13 -39.69
N TRP A 371 -31.43 0.60 -39.69
CA TRP A 371 -31.97 0.02 -38.47
C TRP A 371 -31.13 -1.13 -37.94
N ILE A 372 -30.62 -1.97 -38.83
CA ILE A 372 -29.77 -3.06 -38.31
C ILE A 372 -28.60 -2.45 -37.54
N ARG A 373 -28.01 -1.40 -38.10
CA ARG A 373 -26.85 -0.77 -37.49
C ARG A 373 -27.18 -0.02 -36.20
N ARG A 374 -28.39 0.53 -36.14
CA ARG A 374 -28.87 1.18 -34.90
C ARG A 374 -29.08 0.15 -33.81
N ILE A 375 -29.59 -1.03 -34.14
CA ILE A 375 -29.82 -2.02 -33.09
C ILE A 375 -28.50 -2.64 -32.66
N SER A 376 -27.59 -2.86 -33.61
CA SER A 376 -26.20 -3.22 -33.30
C SER A 376 -25.56 -2.22 -32.37
N PHE A 377 -25.80 -0.93 -32.55
CA PHE A 377 -25.19 0.09 -31.68
C PHE A 377 -25.73 -0.08 -30.22
N TYR A 378 -27.01 -0.37 -30.09
CA TYR A 378 -27.52 -0.67 -28.77
C TYR A 378 -26.78 -1.89 -28.22
N TRP A 379 -26.63 -2.92 -29.06
CA TRP A 379 -26.03 -4.16 -28.59
C TRP A 379 -24.60 -3.95 -28.17
N GLU A 380 -23.90 -3.07 -28.89
CA GLU A 380 -22.53 -2.73 -28.55
C GLU A 380 -22.48 -2.13 -27.14
N ALA A 381 -23.39 -1.21 -26.84
CA ALA A 381 -23.35 -0.54 -25.55
C ALA A 381 -23.75 -1.54 -24.47
N VAL A 382 -24.76 -2.36 -24.76
CA VAL A 382 -25.11 -3.45 -23.87
C VAL A 382 -23.93 -4.31 -23.55
N ARG A 383 -23.24 -4.73 -24.58
CA ARG A 383 -22.11 -5.65 -24.41
C ARG A 383 -20.94 -5.10 -23.64
N ASN A 384 -20.72 -3.80 -23.72
CA ASN A 384 -19.64 -3.24 -22.92
C ASN A 384 -19.82 -3.43 -21.44
N GLN A 385 -21.07 -3.61 -21.01
CA GLN A 385 -21.36 -3.84 -19.60
C GLN A 385 -20.88 -5.22 -19.18
N TYR A 386 -20.71 -6.14 -20.14
CA TYR A 386 -20.37 -7.50 -19.76
C TYR A 386 -18.89 -7.82 -19.92
N ALA A 387 -18.03 -6.81 -19.71
CA ALA A 387 -16.60 -7.00 -19.86
C ALA A 387 -16.09 -8.17 -19.05
N ALA A 388 -16.74 -8.48 -17.94
CA ALA A 388 -16.23 -9.49 -17.04
C ALA A 388 -16.25 -10.85 -17.69
N PHE A 389 -17.04 -10.98 -18.75
CA PHE A 389 -17.30 -12.24 -19.37
C PHE A 389 -16.74 -12.32 -20.79
N GLU A 390 -16.01 -11.31 -21.23
CA GLU A 390 -15.28 -11.41 -22.49
C GLU A 390 -14.24 -12.53 -22.43
N SER A 391 -14.06 -13.28 -23.50
CA SER A 391 -12.93 -14.24 -23.58
C SER A 391 -11.71 -13.59 -24.23
N ASP A 392 -10.62 -14.31 -24.31
CA ASP A 392 -9.42 -13.69 -24.86
C ASP A 392 -9.27 -14.06 -26.35
N LEU A 393 -10.38 -14.46 -26.96
CA LEU A 393 -10.34 -14.94 -28.33
C LEU A 393 -10.10 -13.78 -29.31
N LYS A 394 -9.04 -13.86 -30.07
CA LYS A 394 -8.59 -12.74 -30.92
C LYS A 394 -9.17 -12.68 -32.37
N GLY A 395 -9.66 -13.81 -32.90
CA GLY A 395 -10.18 -13.88 -34.27
C GLY A 395 -10.20 -15.26 -34.94
N PRO A 396 -10.18 -15.28 -36.26
CA PRO A 396 -10.46 -16.55 -36.95
C PRO A 396 -9.47 -17.65 -36.64
N ALA A 397 -9.92 -18.90 -36.68
CA ALA A 397 -9.04 -20.03 -36.47
C ALA A 397 -9.40 -21.20 -37.37
N SER A 398 -8.54 -21.48 -38.33
CA SER A 398 -8.72 -22.65 -39.19
C SER A 398 -8.53 -23.95 -38.46
N GLU A 399 -7.92 -23.88 -37.29
CA GLU A 399 -7.86 -24.97 -36.34
C GLU A 399 -9.16 -25.64 -36.10
N VAL A 400 -10.24 -24.90 -36.22
CA VAL A 400 -11.57 -25.49 -36.01
C VAL A 400 -11.81 -26.67 -36.92
N TYR A 401 -11.20 -26.67 -38.11
CA TYR A 401 -11.42 -27.85 -39.02
C TYR A 401 -10.82 -29.09 -38.44
N LEU A 402 -9.83 -28.95 -37.61
CA LEU A 402 -9.20 -30.04 -36.86
C LEU A 402 -9.97 -30.38 -35.61
N HIS A 403 -10.21 -29.45 -34.68
CA HIS A 403 -10.87 -29.88 -33.41
C HIS A 403 -12.39 -30.08 -33.48
N GLU A 404 -13.10 -29.30 -34.28
CA GLU A 404 -14.51 -29.36 -34.45
C GLU A 404 -15.23 -29.06 -33.15
N MET A 405 -14.65 -28.23 -32.30
CA MET A 405 -15.37 -27.74 -31.10
C MET A 405 -16.49 -26.82 -31.49
N PRO A 406 -17.70 -27.15 -31.06
CA PRO A 406 -18.82 -26.22 -31.27
C PRO A 406 -18.47 -24.81 -30.75
N GLY A 407 -18.89 -23.77 -31.46
CA GLY A 407 -18.64 -22.38 -31.03
C GLY A 407 -18.99 -22.09 -29.58
N GLY A 408 -20.16 -22.55 -29.18
CA GLY A 408 -20.63 -22.43 -27.79
C GLY A 408 -19.82 -23.15 -26.71
N GLN A 409 -18.89 -24.01 -27.09
CA GLN A 409 -18.13 -24.80 -26.11
C GLN A 409 -16.75 -24.22 -25.99
N PHE A 410 -16.35 -23.51 -27.03
CA PHE A 410 -14.91 -23.26 -27.25
C PHE A 410 -14.37 -22.63 -25.99
N THR A 411 -14.99 -21.52 -25.68
CA THR A 411 -14.57 -20.71 -24.56
C THR A 411 -14.66 -21.39 -23.21
N ASN A 412 -15.83 -21.93 -22.92
CA ASN A 412 -16.07 -22.73 -21.71
C ASN A 412 -14.97 -23.80 -21.52
N LEU A 413 -14.67 -24.57 -22.56
CA LEU A 413 -13.64 -25.56 -22.49
C LEU A 413 -12.26 -24.93 -22.27
N LYS A 414 -11.96 -23.80 -22.90
CA LYS A 414 -10.64 -23.15 -22.72
C LYS A 414 -10.39 -22.77 -21.25
N GLU A 415 -11.45 -22.34 -20.60
CA GLU A 415 -11.43 -22.03 -19.19
C GLU A 415 -11.41 -23.25 -18.29
N GLN A 416 -12.26 -24.21 -18.59
CA GLN A 416 -12.18 -25.50 -17.90
C GLN A 416 -10.77 -26.09 -18.01
N ALA A 417 -10.05 -25.83 -19.09
CA ALA A 417 -8.65 -26.22 -19.15
C ALA A 417 -7.71 -25.31 -18.35
N ARG A 418 -8.02 -24.01 -18.35
CA ARG A 418 -7.20 -23.03 -17.60
C ARG A 418 -7.22 -23.45 -16.14
N SER A 419 -8.44 -23.71 -15.74
CA SER A 419 -8.76 -24.36 -14.48
C SER A 419 -7.86 -25.49 -14.05
N LEU A 420 -7.57 -26.48 -14.90
CA LEU A 420 -6.71 -27.65 -14.52
C LEU A 420 -5.23 -27.38 -14.81
N GLY A 421 -4.85 -26.12 -14.99
CA GLY A 421 -3.46 -25.81 -15.21
C GLY A 421 -2.95 -26.12 -16.60
N LEU A 422 -3.85 -26.16 -17.60
CA LEU A 422 -3.47 -26.53 -18.99
C LEU A 422 -3.53 -25.35 -19.99
N GLU A 423 -3.72 -24.13 -19.47
CA GLU A 423 -3.70 -22.87 -20.24
C GLU A 423 -2.60 -22.91 -21.25
N THR A 424 -1.41 -23.34 -20.85
CA THR A 424 -0.31 -23.27 -21.77
C THR A 424 -0.33 -24.37 -22.79
N ARG A 425 -1.27 -25.32 -22.72
CA ARG A 425 -1.23 -26.42 -23.68
C ARG A 425 -2.58 -26.54 -24.37
N TRP A 426 -3.24 -25.41 -24.48
CA TRP A 426 -4.50 -25.39 -25.18
C TRP A 426 -4.40 -26.14 -26.50
N HIS A 427 -3.35 -25.96 -27.29
CA HIS A 427 -3.29 -26.64 -28.59
C HIS A 427 -3.16 -28.15 -28.46
N GLN A 428 -2.60 -28.62 -27.35
CA GLN A 428 -2.56 -30.09 -27.07
C GLN A 428 -3.97 -30.59 -26.76
N VAL A 429 -4.74 -29.78 -26.04
CA VAL A 429 -6.15 -30.11 -25.78
C VAL A 429 -7.00 -30.16 -27.06
N ALA A 430 -6.84 -29.18 -27.94
CA ALA A 430 -7.55 -29.25 -29.21
C ALA A 430 -7.15 -30.49 -30.03
N GLN A 431 -5.88 -30.89 -29.94
CA GLN A 431 -5.49 -32.07 -30.69
C GLN A 431 -6.11 -33.31 -30.04
N ALA A 432 -6.10 -33.35 -28.71
CA ALA A 432 -6.65 -34.50 -27.99
C ALA A 432 -8.15 -34.62 -28.25
N TYR A 433 -8.80 -33.49 -28.35
CA TYR A 433 -10.23 -33.46 -28.67
C TYR A 433 -10.51 -34.12 -30.01
N ALA A 434 -9.63 -33.88 -30.98
CA ALA A 434 -9.78 -34.48 -32.32
C ALA A 434 -9.52 -35.95 -32.23
N ASP A 435 -8.48 -36.31 -31.48
CA ASP A 435 -8.14 -37.71 -31.28
C ASP A 435 -9.23 -38.44 -30.54
N ALA A 436 -9.78 -37.84 -29.47
CA ALA A 436 -10.88 -38.43 -28.74
C ALA A 436 -12.08 -38.64 -29.64
N ASN A 437 -12.36 -37.65 -30.49
CA ASN A 437 -13.44 -37.82 -31.42
C ASN A 437 -13.29 -39.06 -32.27
N GLN A 438 -12.08 -39.25 -32.84
CA GLN A 438 -11.85 -40.44 -33.68
C GLN A 438 -11.95 -41.71 -32.85
N MET A 439 -11.42 -41.69 -31.66
CA MET A 439 -11.52 -42.83 -30.74
C MET A 439 -12.97 -43.25 -30.45
N PHE A 440 -13.88 -42.31 -30.32
CA PHE A 440 -15.29 -42.64 -30.15
C PHE A 440 -15.95 -43.05 -31.44
N GLY A 441 -15.17 -43.15 -32.53
CA GLY A 441 -15.66 -43.62 -33.85
C GLY A 441 -16.07 -42.50 -34.81
N ASP A 442 -15.74 -41.25 -34.50
CA ASP A 442 -16.10 -40.06 -35.31
C ASP A 442 -17.58 -39.64 -35.14
N ILE A 443 -17.83 -38.94 -34.06
CA ILE A 443 -19.22 -38.61 -33.71
C ILE A 443 -19.54 -37.13 -33.81
N VAL A 444 -20.84 -36.89 -33.83
CA VAL A 444 -21.42 -35.55 -33.78
C VAL A 444 -21.19 -35.06 -32.40
N LYS A 445 -20.58 -33.89 -32.34
CA LYS A 445 -20.17 -33.26 -31.11
C LYS A 445 -20.92 -31.95 -30.91
N VAL A 446 -21.95 -32.00 -30.06
CA VAL A 446 -22.83 -30.87 -29.78
C VAL A 446 -23.50 -31.20 -28.47
N THR A 447 -24.14 -30.26 -27.78
CA THR A 447 -24.51 -30.51 -26.40
C THR A 447 -25.52 -31.62 -26.37
N PRO A 448 -25.33 -32.65 -25.54
CA PRO A 448 -24.22 -32.79 -24.61
C PRO A 448 -23.03 -33.70 -25.05
N SER A 449 -23.00 -34.27 -26.26
CA SER A 449 -21.86 -35.15 -26.67
C SER A 449 -20.54 -34.40 -26.67
N SER A 450 -20.53 -33.12 -26.93
CA SER A 450 -19.25 -32.34 -26.93
C SER A 450 -18.64 -32.23 -25.55
N LYS A 451 -19.48 -32.18 -24.55
CA LYS A 451 -19.01 -32.11 -23.20
C LYS A 451 -18.26 -33.39 -22.91
N VAL A 452 -18.78 -34.54 -23.35
CA VAL A 452 -18.10 -35.81 -23.09
C VAL A 452 -16.71 -35.85 -23.76
N VAL A 453 -16.68 -35.38 -25.00
CA VAL A 453 -15.42 -35.41 -25.75
C VAL A 453 -14.46 -34.40 -25.08
N GLY A 454 -15.00 -33.30 -24.64
CA GLY A 454 -14.24 -32.33 -23.85
C GLY A 454 -13.63 -32.93 -22.59
N ASP A 455 -14.41 -33.69 -21.81
CA ASP A 455 -13.85 -34.29 -20.59
C ASP A 455 -12.71 -35.23 -20.92
N MET A 456 -12.94 -36.03 -21.98
CA MET A 456 -11.97 -37.07 -22.38
CA MET A 456 -11.97 -37.07 -22.36
C MET A 456 -10.66 -36.38 -22.80
N ALA A 457 -10.77 -35.31 -23.59
CA ALA A 457 -9.60 -34.56 -24.05
C ALA A 457 -8.83 -33.99 -22.87
N LEU A 458 -9.56 -33.41 -21.90
CA LEU A 458 -8.91 -32.83 -20.75
C LEU A 458 -8.21 -33.91 -19.98
N MET A 459 -8.83 -35.07 -19.84
CA MET A 459 -8.15 -36.09 -19.07
C MET A 459 -6.87 -36.53 -19.79
N MET A 460 -6.98 -36.76 -21.10
CA MET A 460 -5.83 -37.25 -21.90
C MET A 460 -4.65 -36.31 -21.71
N VAL A 461 -4.92 -35.04 -21.76
CA VAL A 461 -3.85 -34.11 -21.56
C VAL A 461 -3.32 -34.08 -20.13
N SER A 462 -4.19 -33.89 -19.13
CA SER A 462 -3.70 -33.93 -17.74
C SER A 462 -2.82 -35.08 -17.49
N GLN A 463 -3.18 -36.25 -17.97
CA GLN A 463 -2.53 -37.48 -17.60
C GLN A 463 -1.54 -37.93 -18.66
N ASP A 464 -1.34 -37.14 -19.71
CA ASP A 464 -0.34 -37.46 -20.73
C ASP A 464 -0.60 -38.81 -21.30
N LEU A 465 -1.78 -38.99 -21.85
CA LEU A 465 -2.20 -40.27 -22.41
C LEU A 465 -2.59 -40.09 -23.85
N THR A 466 -2.08 -40.98 -24.69
CA THR A 466 -2.49 -41.02 -26.06
C THR A 466 -3.68 -41.97 -26.16
N VAL A 467 -4.30 -41.99 -27.31
CA VAL A 467 -5.43 -42.84 -27.51
C VAL A 467 -4.98 -44.27 -27.38
N ALA A 468 -3.79 -44.56 -27.90
CA ALA A 468 -3.23 -45.91 -27.77
C ALA A 468 -3.16 -46.30 -26.30
N ASP A 469 -2.52 -45.49 -25.48
CA ASP A 469 -2.62 -45.62 -24.01
C ASP A 469 -4.03 -45.79 -23.48
N VAL A 470 -4.94 -44.97 -23.96
CA VAL A 470 -6.31 -45.01 -23.37
C VAL A 470 -6.97 -46.40 -23.50
N VAL A 471 -6.81 -47.03 -24.67
CA VAL A 471 -7.36 -48.37 -24.97
C VAL A 471 -6.36 -49.49 -24.68
N SER A 472 -5.32 -49.17 -23.93
CA SER A 472 -4.25 -50.14 -23.67
C SER A 472 -4.78 -51.23 -22.75
N PRO A 473 -4.49 -52.48 -23.08
CA PRO A 473 -4.83 -53.52 -22.11
C PRO A 473 -4.10 -53.34 -20.81
N ASP A 474 -2.91 -52.75 -20.81
CA ASP A 474 -2.05 -52.80 -19.67
C ASP A 474 -2.13 -51.54 -18.85
N ARG A 475 -3.13 -50.72 -19.05
CA ARG A 475 -3.04 -49.37 -18.58
C ARG A 475 -4.33 -49.01 -17.93
N GLU A 476 -4.31 -48.93 -16.60
CA GLU A 476 -5.52 -48.60 -15.83
C GLU A 476 -5.88 -47.10 -16.08
N VAL A 477 -7.08 -46.82 -16.52
CA VAL A 477 -7.47 -45.46 -16.85
C VAL A 477 -8.79 -45.15 -16.11
N SER A 478 -8.82 -44.12 -15.29
CA SER A 478 -10.08 -43.70 -14.73
C SER A 478 -10.82 -42.82 -15.73
N PHE A 479 -11.75 -43.41 -16.48
CA PHE A 479 -12.53 -42.61 -17.46
C PHE A 479 -13.49 -41.64 -16.79
N PRO A 480 -13.68 -40.48 -17.36
CA PRO A 480 -14.67 -39.63 -16.75
C PRO A 480 -16.07 -40.25 -16.71
N GLU A 481 -16.91 -39.86 -15.71
CA GLU A 481 -18.26 -40.43 -15.56
C GLU A 481 -19.10 -40.23 -16.83
N SER A 482 -18.86 -39.14 -17.53
CA SER A 482 -19.68 -38.78 -18.66
C SER A 482 -19.31 -39.65 -19.87
N VAL A 483 -18.04 -40.05 -19.94
CA VAL A 483 -17.60 -40.93 -21.03
C VAL A 483 -18.17 -42.34 -20.77
N VAL A 484 -18.09 -42.81 -19.55
CA VAL A 484 -18.67 -44.10 -19.20
C VAL A 484 -20.16 -44.16 -19.52
N SER A 485 -20.83 -43.13 -19.09
CA SER A 485 -22.24 -42.95 -19.32
C SER A 485 -22.62 -42.82 -20.82
N MET A 486 -21.88 -42.04 -21.59
CA MET A 486 -22.13 -42.04 -23.04
C MET A 486 -21.95 -43.47 -23.62
N LEU A 487 -20.87 -44.14 -23.28
CA LEU A 487 -20.60 -45.45 -23.86
C LEU A 487 -21.58 -46.53 -23.39
N LYS A 488 -22.22 -46.27 -22.26
CA LYS A 488 -23.20 -47.23 -21.73
C LYS A 488 -24.47 -47.16 -22.57
N GLY A 489 -24.76 -45.98 -23.10
CA GLY A 489 -25.95 -45.73 -23.91
C GLY A 489 -26.79 -44.50 -23.54
N ASP A 490 -26.42 -43.80 -22.48
CA ASP A 490 -27.30 -42.77 -21.91
C ASP A 490 -27.53 -41.55 -22.79
N LEU A 491 -26.74 -41.39 -23.84
CA LEU A 491 -26.93 -40.23 -24.72
C LEU A 491 -27.52 -40.68 -26.04
N GLY A 492 -27.72 -42.00 -26.21
CA GLY A 492 -28.19 -42.57 -27.47
C GLY A 492 -27.12 -43.31 -28.30
N GLN A 493 -27.41 -43.48 -29.60
CA GLN A 493 -26.57 -44.29 -30.46
C GLN A 493 -26.14 -43.57 -31.69
N PRO A 494 -24.83 -43.56 -31.87
CA PRO A 494 -24.25 -43.06 -33.11
C PRO A 494 -24.58 -44.04 -34.20
N PRO A 495 -24.63 -43.58 -35.43
CA PRO A 495 -25.07 -44.50 -36.48
C PRO A 495 -24.32 -45.85 -36.63
N SER A 496 -23.11 -46.00 -36.10
CA SER A 496 -22.47 -47.35 -36.18
C SER A 496 -22.16 -48.01 -34.83
N GLY A 497 -22.88 -47.60 -33.79
CA GLY A 497 -22.63 -48.10 -32.44
C GLY A 497 -21.33 -47.54 -31.86
N TRP A 498 -21.06 -47.86 -30.60
CA TRP A 498 -19.86 -47.45 -29.93
C TRP A 498 -18.75 -48.49 -30.17
N PRO A 499 -17.51 -48.02 -30.39
CA PRO A 499 -16.40 -48.99 -30.63
C PRO A 499 -16.29 -49.99 -29.49
N GLU A 500 -16.28 -51.29 -29.81
CA GLU A 500 -16.31 -52.29 -28.76
C GLU A 500 -15.17 -52.23 -27.77
N ALA A 501 -13.92 -52.16 -28.26
CA ALA A 501 -12.78 -52.33 -27.36
C ALA A 501 -12.76 -51.16 -26.37
N LEU A 502 -12.84 -49.94 -26.85
CA LEU A 502 -12.91 -48.84 -25.91
C LEU A 502 -14.04 -49.04 -24.88
N GLN A 503 -15.20 -49.47 -25.37
CA GLN A 503 -16.41 -49.69 -24.57
C GLN A 503 -16.26 -50.78 -23.52
N LYS A 504 -15.90 -51.98 -23.93
CA LYS A 504 -15.65 -53.04 -22.96
C LYS A 504 -14.70 -52.47 -21.90
N LYS A 505 -13.73 -51.68 -22.27
CA LYS A 505 -12.77 -51.26 -21.28
C LYS A 505 -13.34 -50.14 -20.41
N ALA A 506 -14.09 -49.24 -20.98
CA ALA A 506 -14.72 -48.21 -20.17
C ALA A 506 -15.70 -48.80 -19.16
N LEU A 507 -16.51 -49.74 -19.59
CA LEU A 507 -17.61 -50.16 -18.75
C LEU A 507 -17.21 -51.08 -17.62
N LYS A 508 -16.02 -51.66 -17.64
CA LYS A 508 -15.58 -52.52 -16.52
C LYS A 508 -16.71 -53.47 -16.17
N GLY A 509 -17.20 -54.22 -17.16
CA GLY A 509 -18.25 -55.23 -16.87
C GLY A 509 -19.74 -54.78 -16.90
N GLU A 510 -20.09 -53.55 -16.54
CA GLU A 510 -21.48 -53.11 -16.72
C GLU A 510 -21.87 -53.27 -18.23
N LYS A 511 -23.05 -53.84 -18.49
CA LYS A 511 -23.53 -54.09 -19.88
C LYS A 511 -24.11 -52.80 -20.50
N PRO A 512 -23.71 -52.49 -21.73
CA PRO A 512 -24.32 -51.37 -22.38
C PRO A 512 -25.65 -51.75 -23.01
N TYR A 513 -26.42 -50.75 -23.41
CA TYR A 513 -27.68 -50.95 -24.10
C TYR A 513 -27.74 -50.05 -25.32
N THR A 514 -28.52 -50.48 -26.28
CA THR A 514 -28.72 -49.75 -27.51
C THR A 514 -30.16 -49.23 -27.75
N VAL A 515 -31.04 -49.35 -26.74
CA VAL A 515 -32.38 -48.78 -26.83
C VAL A 515 -32.34 -47.25 -26.47
N ARG A 516 -33.34 -46.51 -26.96
CA ARG A 516 -33.56 -45.12 -26.61
C ARG A 516 -33.44 -44.98 -25.10
N PRO A 517 -32.62 -44.06 -24.62
CA PRO A 517 -32.49 -44.02 -23.17
C PRO A 517 -33.79 -43.78 -22.46
N GLY A 518 -34.69 -42.99 -23.03
CA GLY A 518 -36.01 -42.73 -22.37
C GLY A 518 -36.91 -43.95 -22.17
N SER A 519 -36.72 -44.97 -22.96
CA SER A 519 -37.45 -46.18 -22.73
C SER A 519 -37.01 -46.94 -21.48
N LEU A 520 -35.91 -46.59 -20.84
CA LEU A 520 -35.58 -47.22 -19.56
C LEU A 520 -35.88 -46.39 -18.30
N LEU A 521 -36.20 -45.11 -18.47
CA LEU A 521 -36.46 -44.20 -17.34
C LEU A 521 -37.84 -44.31 -16.76
N LYS A 522 -37.93 -44.42 -15.45
CA LYS A 522 -39.22 -44.52 -14.82
C LYS A 522 -39.91 -43.23 -15.21
N GLU A 523 -41.19 -43.33 -15.48
CA GLU A 523 -41.99 -42.19 -15.76
C GLU A 523 -41.99 -41.35 -14.51
N ALA A 524 -41.72 -40.05 -14.66
CA ALA A 524 -41.83 -39.14 -13.51
C ALA A 524 -43.27 -39.06 -13.07
N ASP A 525 -43.47 -39.28 -11.77
CA ASP A 525 -44.72 -39.06 -11.07
C ASP A 525 -44.96 -37.54 -10.84
N LEU A 526 -45.49 -36.85 -11.85
CA LEU A 526 -45.73 -35.40 -11.81
C LEU A 526 -46.47 -34.85 -10.60
N ASP A 527 -47.58 -35.47 -10.21
CA ASP A 527 -48.30 -35.04 -9.00
C ASP A 527 -47.40 -35.08 -7.76
N ALA A 528 -46.64 -36.17 -7.59
CA ALA A 528 -45.74 -36.32 -6.44
C ALA A 528 -44.53 -35.38 -6.46
N GLU A 529 -44.07 -35.03 -7.65
CA GLU A 529 -42.92 -34.19 -7.80
C GLU A 529 -43.38 -32.80 -7.46
N ARG A 530 -44.58 -32.44 -7.89
CA ARG A 530 -45.05 -31.10 -7.61
C ARG A 530 -45.12 -30.92 -6.10
N LYS A 531 -45.62 -31.93 -5.40
CA LYS A 531 -45.74 -31.82 -3.96
C LYS A 531 -44.34 -31.69 -3.33
N VAL A 532 -43.35 -32.42 -3.81
CA VAL A 532 -42.03 -32.25 -3.23
C VAL A 532 -41.59 -30.78 -3.20
N ILE A 533 -41.60 -30.11 -4.36
CA ILE A 533 -41.06 -28.76 -4.43
C ILE A 533 -41.95 -27.75 -3.68
N GLU A 534 -43.27 -27.93 -3.79
CA GLU A 534 -44.23 -27.13 -3.03
C GLU A 534 -43.97 -27.17 -1.51
N LYS A 535 -43.60 -28.33 -0.95
CA LYS A 535 -43.19 -28.43 0.48
C LYS A 535 -41.85 -27.75 0.69
N LYS A 536 -40.92 -27.91 -0.24
CA LYS A 536 -39.59 -27.32 -0.08
C LYS A 536 -39.69 -25.80 0.06
N LEU A 537 -40.72 -25.22 -0.55
CA LEU A 537 -40.83 -23.80 -0.74
C LEU A 537 -41.99 -23.21 0.06
N GLU A 538 -42.71 -24.08 0.75
CA GLU A 538 -43.89 -23.71 1.52
C GLU A 538 -44.87 -22.86 0.72
N ARG A 539 -45.05 -23.19 -0.56
CA ARG A 539 -46.06 -22.53 -1.40
C ARG A 539 -46.38 -23.27 -2.71
N GLU A 540 -47.50 -22.91 -3.34
CA GLU A 540 -47.86 -23.38 -4.65
C GLU A 540 -46.92 -22.76 -5.67
N VAL A 541 -46.46 -23.54 -6.64
CA VAL A 541 -45.67 -23.03 -7.73
C VAL A 541 -46.51 -23.08 -8.99
N SER A 542 -46.10 -22.36 -10.02
CA SER A 542 -46.84 -22.33 -11.27
C SER A 542 -46.38 -23.50 -12.11
N ASP A 543 -47.09 -23.75 -13.17
CA ASP A 543 -46.71 -24.81 -14.06
C ASP A 543 -45.35 -24.57 -14.72
N PHE A 544 -45.10 -23.30 -15.07
CA PHE A 544 -43.82 -22.90 -15.62
C PHE A 544 -42.68 -23.20 -14.66
N GLU A 545 -42.88 -22.81 -13.39
CA GLU A 545 -41.91 -23.08 -12.37
C GLU A 545 -41.73 -24.59 -12.18
N PHE A 546 -42.81 -25.35 -12.36
CA PHE A 546 -42.69 -26.80 -12.16
C PHE A 546 -41.85 -27.38 -13.31
N ALA A 547 -42.07 -26.83 -14.50
CA ALA A 547 -41.30 -27.23 -15.66
C ALA A 547 -39.85 -26.91 -15.40
N SER A 548 -39.57 -25.80 -14.71
CA SER A 548 -38.21 -25.45 -14.34
C SER A 548 -37.60 -26.44 -13.36
N TYR A 549 -38.39 -26.80 -12.36
CA TYR A 549 -37.99 -27.79 -11.35
C TYR A 549 -37.69 -29.13 -11.94
N LEU A 550 -38.56 -29.57 -12.87
CA LEU A 550 -38.37 -30.83 -13.57
C LEU A 550 -37.07 -30.84 -14.36
N MET A 551 -36.68 -29.68 -14.91
CA MET A 551 -35.43 -29.61 -15.72
C MET A 551 -34.18 -29.43 -14.87
N TYR A 552 -34.32 -28.70 -13.78
CA TYR A 552 -33.19 -28.27 -12.98
C TYR A 552 -33.69 -28.16 -11.53
N PRO A 553 -33.83 -29.29 -10.85
CA PRO A 553 -34.41 -29.28 -9.52
C PRO A 553 -33.62 -28.47 -8.50
N LYS A 554 -32.31 -28.61 -8.44
CA LYS A 554 -31.53 -27.91 -7.43
C LYS A 554 -31.36 -26.46 -7.84
N VAL A 555 -31.07 -26.25 -9.10
CA VAL A 555 -30.86 -24.91 -9.54
C VAL A 555 -32.12 -24.14 -9.37
N PHE A 556 -33.30 -24.69 -9.73
CA PHE A 556 -34.57 -23.94 -9.58
C PHE A 556 -34.85 -23.69 -8.13
N THR A 557 -34.60 -24.68 -7.29
CA THR A 557 -34.80 -24.55 -5.84
C THR A 557 -33.97 -23.38 -5.27
N ASP A 558 -32.66 -23.42 -5.51
CA ASP A 558 -31.78 -22.27 -5.19
C ASP A 558 -32.28 -20.89 -5.69
N PHE A 559 -32.77 -20.85 -6.93
CA PHE A 559 -33.27 -19.59 -7.50
C PHE A 559 -34.50 -19.13 -6.78
N ALA A 560 -35.50 -19.99 -6.63
CA ALA A 560 -36.71 -19.61 -5.88
C ALA A 560 -36.41 -19.11 -4.48
N LEU A 561 -35.41 -19.68 -3.82
CA LEU A 561 -35.10 -19.25 -2.43
C LEU A 561 -34.37 -17.92 -2.43
N ALA A 562 -33.48 -17.77 -3.41
CA ALA A 562 -32.85 -16.49 -3.63
C ALA A 562 -33.89 -15.40 -3.90
N SER A 563 -34.93 -15.73 -4.67
CA SER A 563 -35.95 -14.76 -5.03
C SER A 563 -36.73 -14.28 -3.86
N ASP A 564 -36.99 -15.15 -2.90
CA ASP A 564 -37.71 -14.73 -1.68
C ASP A 564 -36.87 -13.78 -0.85
N THR A 565 -35.54 -13.92 -0.89
CA THR A 565 -34.69 -12.98 -0.19
C THR A 565 -34.55 -11.66 -0.95
N TYR A 566 -34.18 -11.72 -2.23
CA TYR A 566 -33.79 -10.52 -3.00
C TYR A 566 -34.87 -9.86 -3.86
N GLY A 567 -35.99 -10.53 -4.07
CA GLY A 567 -37.08 -9.96 -4.84
C GLY A 567 -36.73 -9.99 -6.31
N PRO A 568 -37.32 -9.10 -7.11
CA PRO A 568 -37.18 -9.27 -8.54
C PRO A 568 -35.99 -8.51 -9.10
N VAL A 569 -34.79 -8.94 -8.74
CA VAL A 569 -33.57 -8.28 -9.21
C VAL A 569 -33.37 -8.23 -10.72
N SER A 570 -34.18 -8.91 -11.51
CA SER A 570 -34.05 -8.79 -12.96
C SER A 570 -34.42 -7.38 -13.42
N VAL A 571 -35.21 -6.66 -12.63
CA VAL A 571 -35.58 -5.32 -13.02
C VAL A 571 -34.41 -4.37 -12.85
N LEU A 572 -33.30 -4.78 -12.23
CA LEU A 572 -32.15 -3.85 -12.09
C LEU A 572 -31.39 -3.77 -13.35
N PRO A 573 -30.89 -2.58 -13.63
CA PRO A 573 -30.00 -2.40 -14.80
C PRO A 573 -28.71 -3.12 -14.54
N THR A 574 -28.00 -3.50 -15.60
CA THR A 574 -26.97 -4.47 -15.47
C THR A 574 -25.80 -4.05 -14.57
N PRO A 575 -25.37 -2.81 -14.61
CA PRO A 575 -24.22 -2.46 -13.74
C PRO A 575 -24.59 -2.59 -12.30
N ALA A 576 -25.83 -2.26 -11.97
CA ALA A 576 -26.24 -2.36 -10.59
C ALA A 576 -26.34 -3.82 -10.18
N TYR A 577 -26.78 -4.69 -11.10
CA TYR A 577 -26.91 -6.11 -10.74
C TYR A 577 -25.53 -6.66 -10.42
N PHE A 578 -24.49 -6.24 -11.13
CA PHE A 578 -23.16 -6.90 -10.98
C PHE A 578 -22.26 -6.19 -9.99
N TYR A 579 -22.48 -4.90 -9.78
CA TYR A 579 -21.56 -4.12 -8.98
C TYR A 579 -22.23 -3.29 -7.87
N GLY A 580 -23.56 -3.28 -7.79
CA GLY A 580 -24.24 -2.47 -6.79
C GLY A 580 -24.12 -1.01 -7.11
N LEU A 581 -24.01 -0.17 -6.07
CA LEU A 581 -23.99 1.26 -6.25
C LEU A 581 -22.74 1.85 -5.64
N ALA A 582 -22.06 2.70 -6.39
CA ALA A 582 -20.95 3.48 -5.89
C ALA A 582 -21.38 4.44 -4.78
N ASP A 583 -20.42 4.98 -4.05
CA ASP A 583 -20.72 5.92 -2.99
C ASP A 583 -21.37 7.13 -3.58
N GLY A 584 -22.48 7.53 -3.01
CA GLY A 584 -23.22 8.68 -3.50
C GLY A 584 -24.09 8.37 -4.70
N GLU A 585 -24.03 7.18 -5.26
CA GLU A 585 -24.62 6.97 -6.55
C GLU A 585 -26.14 6.91 -6.42
N GLU A 586 -26.80 7.41 -7.48
CA GLU A 586 -28.28 7.45 -7.64
C GLU A 586 -28.74 6.47 -8.67
N LEU A 587 -29.76 5.71 -8.37
CA LEU A 587 -30.22 4.66 -9.29
C LEU A 587 -31.72 4.77 -9.43
N PHE A 588 -32.23 4.52 -10.65
CA PHE A 588 -33.67 4.57 -10.95
C PHE A 588 -34.05 3.16 -11.19
N ALA A 589 -34.95 2.57 -10.41
CA ALA A 589 -35.41 1.22 -10.76
C ALA A 589 -36.92 1.14 -10.76
N ASP A 590 -37.43 0.38 -11.74
CA ASP A 590 -38.84 0.19 -11.97
C ASP A 590 -39.19 -1.11 -11.32
N ILE A 591 -39.60 -1.07 -10.08
CA ILE A 591 -40.10 -2.27 -9.48
C ILE A 591 -41.33 -2.71 -10.22
N GLU A 592 -42.12 -1.74 -10.69
CA GLU A 592 -43.39 -2.00 -11.36
C GLU A 592 -43.70 -0.96 -12.40
N LYS A 593 -44.82 -1.10 -13.10
CA LYS A 593 -45.18 -0.13 -14.13
C LYS A 593 -45.47 1.28 -13.64
N GLY A 594 -46.29 1.46 -12.61
CA GLY A 594 -46.28 2.79 -12.03
C GLY A 594 -44.93 3.07 -11.36
N LYS A 595 -44.72 2.41 -10.21
CA LYS A 595 -43.62 2.66 -9.26
C LYS A 595 -42.14 2.61 -9.78
N THR A 596 -41.51 3.78 -9.85
CA THR A 596 -40.07 3.87 -9.95
C THR A 596 -39.39 4.27 -8.59
N LEU A 597 -38.51 3.39 -8.14
CA LEU A 597 -37.70 3.63 -6.94
C LEU A 597 -36.46 4.45 -7.31
N VAL A 598 -36.29 5.59 -6.65
CA VAL A 598 -35.01 6.35 -6.68
C VAL A 598 -34.19 5.98 -5.43
N ILE A 599 -33.04 5.38 -5.66
CA ILE A 599 -32.24 4.79 -4.60
C ILE A 599 -30.88 5.45 -4.59
N VAL A 600 -30.46 5.97 -3.45
CA VAL A 600 -29.15 6.62 -3.32
C VAL A 600 -28.35 5.90 -2.27
N ASN A 601 -27.08 5.67 -2.57
CA ASN A 601 -26.13 5.07 -1.61
C ASN A 601 -25.48 6.17 -0.88
N GLN A 602 -25.87 6.39 0.35
CA GLN A 602 -25.34 7.56 1.07
C GLN A 602 -24.07 7.30 1.88
N ALA A 603 -23.90 6.07 2.32
CA ALA A 603 -22.82 5.69 3.19
C ALA A 603 -22.93 4.22 3.45
N VAL A 604 -21.82 3.63 3.84
CA VAL A 604 -21.71 2.23 4.11
C VAL A 604 -20.88 2.09 5.36
N SER A 605 -21.32 1.36 6.34
CA SER A 605 -20.54 1.29 7.57
C SER A 605 -19.38 0.33 7.44
N ALA A 606 -18.45 0.52 8.36
CA ALA A 606 -17.49 -0.46 8.79
C ALA A 606 -18.23 -1.70 9.25
N THR A 607 -17.55 -2.83 9.23
CA THR A 607 -18.14 -4.11 9.61
C THR A 607 -18.31 -4.15 11.12
N ASP A 608 -19.45 -4.62 11.64
CA ASP A 608 -19.68 -4.61 13.12
C ASP A 608 -19.31 -5.94 13.80
N SER A 609 -19.33 -5.94 15.12
CA SER A 609 -19.08 -7.15 15.94
C SER A 609 -19.86 -8.40 15.46
N GLN A 610 -21.12 -8.27 15.08
CA GLN A 610 -21.88 -9.42 14.54
C GLN A 610 -21.49 -9.81 13.10
N GLY A 611 -20.43 -9.19 12.54
CA GLY A 611 -19.97 -9.46 11.14
C GLY A 611 -20.89 -8.90 10.06
N MET A 612 -21.70 -7.89 10.44
CA MET A 612 -22.65 -7.25 9.54
C MET A 612 -22.19 -5.86 9.17
N VAL A 613 -22.61 -5.47 7.96
CA VAL A 613 -22.33 -4.15 7.40
C VAL A 613 -23.68 -3.53 7.15
N THR A 614 -23.83 -2.26 7.47
CA THR A 614 -25.07 -1.51 7.27
C THR A 614 -24.92 -0.51 6.14
N VAL A 615 -25.70 -0.68 5.07
CA VAL A 615 -25.77 0.31 4.01
C VAL A 615 -26.89 1.34 4.27
N PHE A 616 -26.61 2.63 4.03
CA PHE A 616 -27.51 3.72 4.34
C PHE A 616 -28.04 4.28 3.04
N PHE A 617 -29.20 3.79 2.64
CA PHE A 617 -29.92 4.24 1.46
C PHE A 617 -30.93 5.37 1.73
N GLU A 618 -31.08 6.20 0.72
CA GLU A 618 -32.28 7.00 0.58
C GLU A 618 -33.18 6.34 -0.53
N LEU A 619 -34.41 6.00 -0.17
CA LEU A 619 -35.45 5.50 -1.09
C LEU A 619 -36.51 6.64 -1.22
N ASN A 620 -36.55 7.22 -2.42
CA ASN A 620 -37.47 8.32 -2.75
C ASN A 620 -37.48 9.31 -1.66
N GLY A 621 -36.30 9.75 -1.27
CA GLY A 621 -36.11 10.80 -0.26
C GLY A 621 -36.34 10.37 1.18
N GLN A 622 -36.63 9.09 1.39
CA GLN A 622 -36.79 8.51 2.73
C GLN A 622 -35.57 7.60 3.04
N PRO A 623 -35.08 7.68 4.29
CA PRO A 623 -33.89 6.96 4.76
C PRO A 623 -34.15 5.50 5.08
N ARG A 624 -33.30 4.58 4.61
CA ARG A 624 -33.40 3.14 4.89
C ARG A 624 -32.03 2.62 5.25
N ARG A 625 -31.96 1.84 6.32
CA ARG A 625 -30.73 1.26 6.77
C ARG A 625 -30.90 -0.20 6.44
N ILE A 626 -30.04 -0.77 5.60
CA ILE A 626 -30.11 -2.17 5.32
C ILE A 626 -28.87 -2.91 5.78
N LYS A 627 -29.04 -3.96 6.58
CA LYS A 627 -27.89 -4.72 7.10
C LYS A 627 -27.64 -5.98 6.26
N VAL A 628 -26.38 -6.26 5.95
CA VAL A 628 -26.00 -7.48 5.25
C VAL A 628 -24.72 -8.08 5.81
N PRO A 629 -24.47 -9.33 5.50
CA PRO A 629 -23.21 -9.89 5.99
C PRO A 629 -21.95 -9.47 5.23
N ASP A 630 -20.86 -9.30 5.98
CA ASP A 630 -19.51 -9.23 5.40
C ASP A 630 -18.98 -10.62 5.00
N ARG A 631 -19.11 -10.98 3.75
CA ARG A 631 -18.73 -12.32 3.30
C ARG A 631 -17.25 -12.53 2.98
N ALA A 632 -16.35 -11.78 3.59
CA ALA A 632 -14.96 -11.75 3.07
C ALA A 632 -14.08 -12.81 3.74
N ASP B 36 31.86 -4.09 -25.69
CA ASP B 36 31.17 -2.76 -25.72
C ASP B 36 29.89 -2.68 -26.60
N ARG B 37 29.76 -3.50 -27.65
CA ARG B 37 28.43 -3.64 -28.31
C ARG B 37 27.48 -4.11 -27.22
N ALA B 38 28.00 -4.96 -26.33
CA ALA B 38 27.32 -5.37 -25.12
C ALA B 38 27.05 -4.22 -24.15
N THR B 39 28.07 -3.44 -23.86
CA THR B 39 27.91 -2.34 -22.93
C THR B 39 26.71 -1.47 -23.31
N LYS B 40 26.57 -1.21 -24.60
CA LYS B 40 25.50 -0.33 -25.05
C LYS B 40 24.15 -1.04 -24.82
N LEU B 41 24.14 -2.34 -25.06
CA LEU B 41 22.95 -3.18 -24.84
C LEU B 41 22.55 -3.25 -23.41
N LEU B 42 23.53 -3.47 -22.53
CA LEU B 42 23.26 -3.50 -21.10
C LEU B 42 22.63 -2.18 -20.68
N THR B 43 23.14 -1.10 -21.27
CA THR B 43 22.67 0.24 -20.94
C THR B 43 21.19 0.36 -21.33
N TYR B 44 20.81 -0.27 -22.43
CA TYR B 44 19.40 -0.29 -22.78
C TYR B 44 18.56 -1.14 -21.82
N LEU B 45 19.06 -2.31 -21.49
CA LEU B 45 18.38 -3.21 -20.57
C LEU B 45 18.34 -2.69 -19.16
N ALA B 46 19.27 -1.83 -18.79
CA ALA B 46 19.20 -1.25 -17.45
C ALA B 46 18.15 -0.14 -17.48
N ASP B 47 18.21 0.66 -18.55
CA ASP B 47 17.36 1.85 -18.67
C ASP B 47 15.88 1.46 -18.73
N VAL B 48 15.55 0.54 -19.60
CA VAL B 48 14.16 0.08 -19.64
C VAL B 48 13.76 -0.77 -18.43
N THR B 49 14.72 -1.38 -17.72
CA THR B 49 14.35 -2.20 -16.60
C THR B 49 13.90 -1.32 -15.47
N VAL B 50 14.64 -0.23 -15.27
CA VAL B 50 14.36 0.72 -14.18
C VAL B 50 13.13 1.56 -14.61
N ASN B 51 13.10 2.02 -15.85
CA ASN B 51 12.16 3.08 -16.24
C ASN B 51 11.01 2.62 -17.10
N GLY B 52 11.14 1.46 -17.72
CA GLY B 52 10.15 1.01 -18.68
C GLY B 52 10.33 1.69 -20.03
N HIS B 53 9.49 1.29 -20.98
CA HIS B 53 9.54 1.79 -22.36
C HIS B 53 8.36 2.75 -22.54
N PRO B 54 8.59 3.93 -23.16
CA PRO B 54 7.45 4.87 -23.26
C PRO B 54 6.24 4.27 -24.00
N GLU B 55 6.45 3.55 -25.09
CA GLU B 55 5.33 2.91 -25.81
C GLU B 55 4.50 1.87 -25.01
N ALA B 56 5.01 1.43 -23.85
CA ALA B 56 4.37 0.40 -23.06
C ALA B 56 4.07 0.73 -21.60
N LYS B 57 4.57 1.84 -21.06
CA LYS B 57 4.51 2.04 -19.61
C LYS B 57 3.07 2.06 -19.08
N ASP B 58 2.13 2.69 -19.79
CA ASP B 58 0.75 2.80 -19.21
C ASP B 58 -0.31 2.20 -20.13
N ARG B 59 0.03 1.04 -20.71
CA ARG B 59 -0.86 0.26 -21.53
C ARG B 59 -0.89 -1.20 -20.98
N PRO B 60 -1.80 -2.04 -21.46
CA PRO B 60 -1.80 -3.38 -20.85
C PRO B 60 -0.49 -4.19 -21.00
N LYS B 61 -0.09 -4.83 -19.90
CA LYS B 61 0.95 -5.87 -19.93
C LYS B 61 0.34 -7.18 -20.47
N PRO B 62 1.17 -8.06 -21.05
CA PRO B 62 0.87 -9.48 -21.31
C PRO B 62 0.64 -10.23 -20.01
N LEU B 63 0.22 -11.51 -20.05
CA LEU B 63 0.29 -12.41 -18.85
C LEU B 63 1.73 -12.56 -18.28
N GLU B 64 1.83 -12.99 -17.04
CA GLU B 64 3.14 -13.22 -16.45
C GLU B 64 3.90 -14.44 -16.96
N ASN B 65 3.23 -15.58 -16.97
CA ASN B 65 3.98 -16.76 -17.27
C ASN B 65 4.51 -16.55 -18.65
N ALA B 66 3.60 -16.16 -19.55
CA ALA B 66 3.91 -15.83 -20.93
C ALA B 66 4.70 -16.92 -21.65
N ALA B 67 4.03 -17.73 -22.46
CA ALA B 67 4.76 -18.69 -23.27
C ALA B 67 5.58 -17.93 -24.27
N ARG B 68 6.87 -18.22 -24.34
CA ARG B 68 7.70 -17.59 -25.33
C ARG B 68 7.35 -18.25 -26.64
N PRO B 69 7.48 -17.52 -27.74
CA PRO B 69 7.24 -18.15 -29.00
C PRO B 69 8.36 -19.08 -29.38
N VAL B 70 7.98 -20.28 -29.80
CA VAL B 70 8.87 -21.29 -30.28
C VAL B 70 8.79 -21.46 -31.81
N VAL B 71 9.93 -21.26 -32.42
CA VAL B 71 10.12 -21.57 -33.78
C VAL B 71 9.90 -23.06 -33.94
N PRO B 72 9.01 -23.47 -34.86
CA PRO B 72 8.79 -24.88 -35.14
C PRO B 72 10.05 -25.58 -35.62
N TYR B 73 10.27 -26.85 -35.20
CA TYR B 73 11.38 -27.67 -35.74
C TYR B 73 11.06 -28.08 -37.16
N ALA B 74 12.03 -28.03 -38.07
CA ALA B 74 11.74 -28.31 -39.51
C ALA B 74 11.61 -29.81 -39.85
N GLY B 78 17.24 -28.73 -46.43
CA GLY B 78 17.17 -28.03 -47.71
C GLY B 78 15.81 -27.40 -48.08
N VAL B 79 15.88 -26.32 -48.85
CA VAL B 79 14.68 -25.63 -49.29
C VAL B 79 14.51 -25.73 -50.78
N LYS B 80 13.26 -25.95 -51.18
CA LYS B 80 12.84 -26.02 -52.55
C LYS B 80 12.88 -24.64 -53.18
N ASP B 81 13.48 -24.53 -54.34
CA ASP B 81 13.36 -23.35 -55.17
C ASP B 81 11.88 -23.04 -55.21
N GLY B 82 11.55 -21.75 -55.14
CA GLY B 82 10.19 -21.23 -55.49
C GLY B 82 10.23 -19.98 -56.37
N THR B 83 9.30 -19.08 -56.14
CA THR B 83 9.00 -17.94 -57.05
C THR B 83 10.17 -16.99 -57.29
N LYS B 84 10.93 -16.77 -56.25
CA LYS B 84 12.17 -16.04 -56.32
C LYS B 84 13.08 -16.56 -57.42
N GLN B 85 13.36 -17.85 -57.39
CA GLN B 85 14.23 -18.44 -58.39
C GLN B 85 13.62 -18.33 -59.78
N LEU B 86 12.28 -18.43 -59.81
CA LEU B 86 11.54 -18.35 -61.06
C LEU B 86 11.67 -16.96 -61.63
N LEU B 87 11.30 -15.98 -60.83
CA LEU B 87 11.44 -14.63 -61.27
C LEU B 87 12.83 -14.43 -61.81
N ASP B 88 13.86 -14.84 -61.06
CA ASP B 88 15.26 -14.66 -61.48
C ASP B 88 15.47 -15.26 -62.88
N THR B 89 14.72 -16.33 -63.20
CA THR B 89 14.88 -17.11 -64.43
C THR B 89 14.16 -16.41 -65.60
N LEU B 90 12.91 -16.03 -65.36
CA LEU B 90 11.98 -15.48 -66.37
C LEU B 90 11.96 -13.96 -66.55
N GLY B 91 12.30 -13.21 -65.50
CA GLY B 91 12.10 -11.76 -65.48
C GLY B 91 10.65 -11.39 -65.21
N PRO B 92 10.38 -10.13 -64.82
CA PRO B 92 9.09 -9.71 -64.39
C PRO B 92 7.99 -9.92 -65.37
N LYS B 93 8.21 -9.50 -66.60
CA LYS B 93 7.17 -9.57 -67.64
C LYS B 93 6.70 -11.01 -67.78
N LYS B 94 7.61 -11.89 -68.15
CA LYS B 94 7.28 -13.31 -68.37
C LYS B 94 6.84 -14.01 -67.08
N PHE B 95 7.18 -13.44 -65.93
CA PHE B 95 6.73 -13.97 -64.65
C PHE B 95 5.29 -13.62 -64.38
N GLY B 96 4.92 -12.38 -64.73
CA GLY B 96 3.50 -12.03 -64.72
C GLY B 96 2.70 -12.99 -65.59
N GLU B 97 3.20 -13.29 -66.76
CA GLU B 97 2.54 -14.28 -67.59
C GLU B 97 2.41 -15.66 -66.94
N TRP B 98 3.47 -16.08 -66.26
CA TRP B 98 3.47 -17.42 -65.68
C TRP B 98 2.35 -17.51 -64.67
N MET B 99 2.13 -16.38 -63.95
CA MET B 99 1.02 -16.18 -62.99
C MET B 99 -0.38 -16.26 -63.61
N ARG B 100 -0.54 -15.61 -64.75
CA ARG B 100 -1.79 -15.67 -65.49
C ARG B 100 -2.09 -17.12 -65.84
N ASN B 101 -1.11 -17.80 -66.41
CA ASN B 101 -1.37 -19.13 -66.94
C ASN B 101 -1.55 -20.14 -65.86
N GLU B 102 -1.15 -19.78 -64.66
CA GLU B 102 -1.20 -20.66 -63.52
C GLU B 102 -2.67 -20.85 -63.04
N LYS B 103 -3.06 -22.12 -62.85
CA LYS B 103 -4.45 -22.53 -62.55
C LYS B 103 -4.66 -22.39 -61.06
N ARG B 104 -3.70 -22.83 -60.28
CA ARG B 104 -3.84 -22.70 -58.82
C ARG B 104 -3.88 -21.22 -58.46
N VAL B 105 -4.62 -20.86 -57.42
CA VAL B 105 -4.54 -19.48 -56.98
C VAL B 105 -3.27 -19.35 -56.16
N LEU B 106 -2.52 -18.30 -56.44
CA LEU B 106 -1.26 -17.99 -55.81
C LEU B 106 -1.57 -17.19 -54.52
N LEU B 107 -0.86 -17.47 -53.41
CA LEU B 107 -1.15 -16.78 -52.14
C LEU B 107 -0.06 -15.90 -51.70
N THR B 108 -0.45 -14.74 -51.18
CA THR B 108 0.49 -13.82 -50.59
C THR B 108 0.12 -13.66 -49.12
N ASP B 109 1.12 -13.84 -48.24
CA ASP B 109 0.95 -13.81 -46.79
C ASP B 109 1.31 -12.40 -46.33
N THR B 110 0.38 -11.74 -45.64
CA THR B 110 0.57 -10.34 -45.22
C THR B 110 0.86 -10.16 -43.74
N THR B 111 0.97 -11.26 -43.03
CA THR B 111 1.21 -11.24 -41.61
C THR B 111 2.37 -10.32 -41.23
N MET B 112 3.44 -10.37 -41.97
CA MET B 112 4.62 -9.59 -41.64
C MET B 112 4.48 -8.12 -42.00
N ARG B 113 3.42 -7.67 -42.66
CA ARG B 113 3.23 -6.24 -42.89
C ARG B 113 1.77 -5.75 -42.55
N ASP B 114 0.79 -5.88 -43.42
CA ASP B 114 -0.49 -5.24 -43.15
C ASP B 114 -1.03 -5.78 -41.83
N GLY B 115 -0.77 -7.06 -41.60
CA GLY B 115 -1.34 -7.86 -40.53
C GLY B 115 -1.17 -7.24 -39.14
N HIS B 116 0.05 -6.90 -38.79
CA HIS B 116 0.30 -6.15 -37.57
C HIS B 116 0.14 -4.62 -37.71
N GLN B 117 0.33 -4.08 -38.91
CA GLN B 117 -0.03 -2.70 -39.15
C GLN B 117 -1.48 -2.46 -38.76
N SER B 118 -2.34 -3.39 -39.13
CA SER B 118 -3.79 -3.26 -38.95
C SER B 118 -4.27 -3.59 -37.57
N LEU B 119 -3.62 -4.54 -36.91
CA LEU B 119 -4.07 -4.97 -35.56
C LEU B 119 -3.18 -4.49 -34.43
N LEU B 120 -1.96 -4.06 -34.73
CA LEU B 120 -1.04 -3.75 -33.63
C LEU B 120 -0.25 -2.46 -33.84
N ALA B 121 -0.85 -1.47 -34.49
CA ALA B 121 -0.16 -0.19 -34.77
C ALA B 121 1.25 -0.37 -35.37
N THR B 122 1.46 -1.50 -36.05
CA THR B 122 2.70 -1.83 -36.72
C THR B 122 3.87 -2.04 -35.78
N ARG B 123 3.60 -2.42 -34.54
CA ARG B 123 4.67 -2.53 -33.56
C ARG B 123 5.42 -3.87 -33.59
N MET B 124 5.22 -4.66 -34.63
CA MET B 124 5.82 -5.97 -34.65
C MET B 124 7.28 -5.83 -34.94
N ARG B 125 8.09 -6.55 -34.14
CA ARG B 125 9.54 -6.42 -34.16
C ARG B 125 10.26 -7.43 -35.04
N THR B 126 11.39 -6.99 -35.57
CA THR B 126 12.27 -7.84 -36.37
C THR B 126 12.63 -9.17 -35.74
N TYR B 127 12.80 -9.17 -34.43
CA TYR B 127 13.12 -10.39 -33.75
C TYR B 127 12.07 -11.44 -34.07
N ASP B 128 10.80 -11.08 -34.03
CA ASP B 128 9.76 -12.11 -34.17
C ASP B 128 9.50 -12.40 -35.61
N ILE B 129 9.75 -11.42 -36.44
CA ILE B 129 9.51 -11.59 -37.87
C ILE B 129 10.61 -12.40 -38.54
N ALA B 130 11.87 -12.02 -38.35
CA ALA B 130 12.98 -12.75 -38.95
C ALA B 130 13.09 -14.20 -38.49
N ARG B 131 12.75 -14.44 -37.23
CA ARG B 131 12.87 -15.78 -36.65
C ARG B 131 11.98 -16.80 -37.27
N ILE B 132 10.98 -16.38 -38.04
CA ILE B 132 10.05 -17.36 -38.62
C ILE B 132 10.22 -17.50 -40.11
N ALA B 133 10.99 -16.59 -40.72
CA ALA B 133 11.21 -16.60 -42.15
C ALA B 133 11.66 -17.95 -42.68
N GLY B 134 12.64 -18.56 -42.07
CA GLY B 134 13.10 -19.88 -42.53
C GLY B 134 12.01 -20.93 -42.50
N THR B 135 11.12 -20.84 -41.54
CA THR B 135 10.04 -21.82 -41.39
C THR B 135 9.13 -21.69 -42.58
N TYR B 136 8.78 -20.46 -42.94
CA TYR B 136 8.03 -20.18 -44.13
C TYR B 136 8.77 -20.78 -45.34
N SER B 137 10.06 -20.51 -45.40
CA SER B 137 10.88 -20.92 -46.53
C SER B 137 10.80 -22.42 -46.74
N HIS B 138 10.80 -23.21 -45.67
CA HIS B 138 10.80 -24.64 -45.84
C HIS B 138 9.43 -25.30 -45.81
N ALA B 139 8.49 -24.70 -45.11
CA ALA B 139 7.18 -25.28 -44.89
C ALA B 139 6.16 -24.84 -45.93
N LEU B 140 6.27 -23.62 -46.45
CA LEU B 140 5.34 -23.13 -47.48
C LEU B 140 6.04 -22.61 -48.73
N PRO B 141 6.82 -23.47 -49.38
CA PRO B 141 7.57 -23.07 -50.56
C PRO B 141 6.78 -22.69 -51.85
N ASN B 142 5.50 -23.14 -51.97
CA ASN B 142 4.60 -22.68 -53.06
C ASN B 142 4.10 -21.22 -52.89
N LEU B 143 4.33 -20.58 -51.76
CA LEU B 143 3.71 -19.27 -51.55
C LEU B 143 4.11 -18.36 -52.66
N LEU B 144 3.25 -17.45 -53.11
CA LEU B 144 3.72 -16.46 -54.10
C LEU B 144 4.77 -15.52 -53.51
N SER B 145 4.40 -14.87 -52.40
CA SER B 145 5.26 -13.92 -51.77
C SER B 145 4.94 -13.65 -50.32
N LEU B 146 5.88 -13.00 -49.62
CA LEU B 146 5.63 -12.51 -48.28
C LEU B 146 5.58 -10.99 -48.37
N GLU B 147 4.47 -10.41 -47.91
CA GLU B 147 4.38 -8.97 -47.79
C GLU B 147 5.01 -8.70 -46.45
N CYS B 148 6.14 -8.01 -46.49
CA CYS B 148 6.97 -7.89 -45.30
C CYS B 148 7.68 -6.60 -45.21
N TRP B 149 7.24 -5.61 -45.96
CA TRP B 149 7.98 -4.32 -46.03
C TRP B 149 7.17 -3.21 -46.63
N GLY B 150 7.65 -2.00 -46.42
CA GLY B 150 6.89 -0.82 -46.81
C GLY B 150 5.68 -0.63 -45.96
N GLY B 151 4.70 0.13 -46.46
CA GLY B 151 3.61 0.57 -45.59
C GLY B 151 4.21 1.26 -44.37
N ALA B 152 3.54 1.18 -43.23
CA ALA B 152 3.97 1.96 -42.05
C ALA B 152 5.19 1.38 -41.36
N THR B 153 5.66 0.21 -41.81
CA THR B 153 6.80 -0.43 -41.13
C THR B 153 8.13 0.32 -41.23
N PHE B 154 8.35 1.02 -42.33
CA PHE B 154 9.61 1.71 -42.50
C PHE B 154 9.76 2.76 -41.41
N ASP B 155 8.73 3.57 -41.29
CA ASP B 155 8.63 4.65 -40.32
C ASP B 155 8.64 4.13 -38.87
N VAL B 156 7.73 3.21 -38.57
CA VAL B 156 7.54 2.75 -37.22
C VAL B 156 8.74 1.96 -36.67
N SER B 157 9.36 1.18 -37.53
CA SER B 157 10.56 0.44 -37.14
C SER B 157 11.56 1.31 -36.36
N MET B 158 11.92 2.43 -36.96
CA MET B 158 12.86 3.36 -36.35
C MET B 158 12.22 4.16 -35.21
N ARG B 159 11.08 4.78 -35.50
CA ARG B 159 10.53 5.78 -34.61
C ARG B 159 10.14 5.15 -33.28
N PHE B 160 9.43 4.02 -33.32
CA PHE B 160 8.90 3.43 -32.09
C PHE B 160 9.58 2.15 -31.63
N LEU B 161 10.37 1.51 -32.50
CA LEU B 161 11.03 0.25 -32.15
C LEU B 161 12.53 0.31 -32.08
N THR B 162 13.12 1.45 -32.36
CA THR B 162 14.58 1.58 -32.33
C THR B 162 15.34 0.55 -33.24
N GLU B 163 14.85 0.33 -34.47
CA GLU B 163 15.48 -0.67 -35.31
C GLU B 163 15.40 -0.32 -36.78
N ASP B 164 16.39 -0.83 -37.51
CA ASP B 164 16.62 -0.53 -38.93
C ASP B 164 15.70 -1.36 -39.82
N PRO B 165 14.85 -0.72 -40.65
CA PRO B 165 14.00 -1.50 -41.57
C PRO B 165 14.77 -2.28 -42.64
N TRP B 166 15.98 -1.84 -42.95
CA TRP B 166 16.83 -2.50 -43.91
C TRP B 166 17.41 -3.79 -43.34
N GLU B 167 17.78 -3.75 -42.07
CA GLU B 167 18.27 -4.94 -41.37
C GLU B 167 17.13 -5.97 -41.38
N ARG B 168 15.94 -5.54 -41.03
CA ARG B 168 14.76 -6.43 -41.09
C ARG B 168 14.60 -7.06 -42.48
N LEU B 169 14.76 -6.28 -43.53
CA LEU B 169 14.64 -6.79 -44.89
C LEU B 169 15.75 -7.82 -45.20
N ALA B 170 16.97 -7.51 -44.80
CA ALA B 170 18.12 -8.36 -45.10
C ALA B 170 17.95 -9.70 -44.41
N LEU B 171 17.46 -9.69 -43.16
CA LEU B 171 17.30 -10.93 -42.38
C LEU B 171 16.21 -11.78 -42.98
N ILE B 172 15.13 -11.13 -43.41
CA ILE B 172 14.08 -11.88 -44.08
C ILE B 172 14.61 -12.44 -45.40
N ARG B 173 15.46 -11.69 -46.09
CA ARG B 173 16.04 -12.18 -47.38
C ARG B 173 16.82 -13.45 -47.11
N GLU B 174 17.60 -13.44 -46.04
CA GLU B 174 18.42 -14.56 -45.64
C GLU B 174 17.58 -15.78 -45.17
N GLY B 175 16.52 -15.59 -44.41
CA GLY B 175 15.71 -16.73 -44.02
C GLY B 175 14.88 -17.34 -45.13
N ALA B 176 14.47 -16.51 -46.09
CA ALA B 176 13.55 -16.96 -47.12
C ALA B 176 14.08 -16.68 -48.51
N PRO B 177 15.16 -17.35 -48.88
CA PRO B 177 15.77 -17.08 -50.20
C PRO B 177 15.03 -17.70 -51.38
N ASN B 178 13.91 -18.37 -51.13
CA ASN B 178 13.20 -19.02 -52.21
C ASN B 178 11.87 -18.38 -52.47
N LEU B 179 11.48 -17.40 -51.65
CA LEU B 179 10.18 -16.68 -51.83
C LEU B 179 10.37 -15.23 -52.22
N LEU B 180 9.38 -14.65 -52.89
CA LEU B 180 9.43 -13.25 -53.28
C LEU B 180 9.15 -12.44 -52.04
N LEU B 181 9.94 -11.40 -51.81
CA LEU B 181 9.65 -10.39 -50.81
C LEU B 181 8.95 -9.19 -51.46
N GLN B 182 7.80 -8.86 -50.85
CA GLN B 182 6.86 -7.88 -51.35
C GLN B 182 6.76 -6.70 -50.42
N MET B 183 6.66 -5.52 -51.00
CA MET B 183 6.49 -4.30 -50.25
C MET B 183 5.29 -3.55 -50.77
N LEU B 184 4.80 -2.65 -49.95
CA LEU B 184 3.79 -1.71 -50.39
C LEU B 184 4.41 -0.32 -50.59
N LEU B 185 4.35 0.17 -51.83
CA LEU B 185 4.93 1.44 -52.18
C LEU B 185 3.84 2.46 -52.41
N ARG B 186 3.89 3.56 -51.66
CA ARG B 186 2.89 4.62 -51.78
C ARG B 186 3.19 5.54 -52.94
N GLY B 187 3.73 5.02 -54.04
CA GLY B 187 3.86 5.79 -55.29
C GLY B 187 4.69 7.05 -55.13
N ALA B 188 4.18 8.20 -55.54
CA ALA B 188 4.91 9.46 -55.35
C ALA B 188 5.27 9.69 -53.87
N ASN B 189 4.50 9.09 -52.95
CA ASN B 189 4.80 9.28 -51.50
C ASN B 189 5.84 8.31 -50.93
N GLY B 190 6.28 7.34 -51.73
CA GLY B 190 7.26 6.37 -51.24
C GLY B 190 6.81 5.59 -50.02
N VAL B 191 7.44 5.85 -48.88
CA VAL B 191 7.01 5.29 -47.60
C VAL B 191 6.61 6.38 -46.56
N GLY B 192 6.49 7.61 -47.05
CA GLY B 192 6.11 8.76 -46.25
C GLY B 192 4.71 9.25 -46.56
N TYR B 193 4.44 10.49 -46.16
CA TYR B 193 3.07 10.99 -46.11
C TYR B 193 2.88 12.16 -47.06
N THR B 194 3.84 12.30 -47.98
CA THR B 194 3.82 13.36 -48.98
C THR B 194 4.66 13.05 -50.24
N ASN B 195 4.37 13.76 -51.33
CA ASN B 195 5.08 13.55 -52.58
C ASN B 195 6.50 14.06 -52.46
N TYR B 196 7.41 13.28 -53.03
CA TYR B 196 8.83 13.56 -52.96
C TYR B 196 9.28 13.96 -54.33
N PRO B 197 10.48 14.54 -54.42
CA PRO B 197 11.06 14.71 -55.73
C PRO B 197 11.29 13.36 -56.39
N ASP B 198 11.36 13.33 -57.71
CA ASP B 198 11.49 12.09 -58.47
C ASP B 198 12.77 11.36 -58.13
N ASN B 199 13.87 12.13 -58.10
CA ASN B 199 15.19 11.59 -57.81
C ASN B 199 15.25 10.93 -56.43
N VAL B 200 14.55 11.48 -55.44
CA VAL B 200 14.44 10.84 -54.13
C VAL B 200 13.55 9.58 -54.22
N VAL B 201 12.53 9.61 -55.08
CA VAL B 201 11.70 8.44 -55.32
C VAL B 201 12.54 7.35 -56.03
N LYS B 202 13.33 7.77 -57.03
CA LYS B 202 14.14 6.82 -57.82
C LYS B 202 15.24 6.20 -56.95
N TYR B 203 15.95 7.04 -56.22
CA TYR B 203 16.98 6.53 -55.33
C TYR B 203 16.40 5.54 -54.31
N PHE B 204 15.15 5.73 -53.87
CA PHE B 204 14.62 4.85 -52.84
C PHE B 204 14.31 3.50 -53.43
N VAL B 205 13.61 3.51 -54.56
CA VAL B 205 13.31 2.29 -55.28
C VAL B 205 14.63 1.59 -55.62
N ARG B 206 15.65 2.35 -56.00
CA ARG B 206 16.96 1.75 -56.30
C ARG B 206 17.43 0.91 -55.12
N GLN B 207 17.41 1.48 -53.91
CA GLN B 207 17.87 0.74 -52.73
C GLN B 207 16.93 -0.37 -52.26
N ALA B 208 15.62 -0.26 -52.48
CA ALA B 208 14.72 -1.30 -51.98
C ALA B 208 15.04 -2.63 -52.68
N ALA B 209 15.17 -2.55 -54.00
CA ALA B 209 15.51 -3.73 -54.81
C ALA B 209 16.87 -4.25 -54.39
N LYS B 210 17.84 -3.34 -54.22
CA LYS B 210 19.19 -3.75 -53.84
C LYS B 210 19.13 -4.40 -52.46
N GLY B 211 18.14 -4.03 -51.65
CA GLY B 211 18.00 -4.54 -50.30
C GLY B 211 17.23 -5.83 -50.19
N GLY B 212 16.50 -6.15 -51.26
CA GLY B 212 15.91 -7.48 -51.40
C GLY B 212 14.45 -7.54 -51.81
N ILE B 213 13.85 -6.41 -52.18
CA ILE B 213 12.47 -6.45 -52.67
C ILE B 213 12.44 -6.98 -54.12
N ASP B 214 11.52 -7.92 -54.34
CA ASP B 214 11.29 -8.56 -55.60
C ASP B 214 10.00 -8.03 -56.24
N LEU B 215 9.01 -7.68 -55.41
CA LEU B 215 7.66 -7.38 -55.89
C LEU B 215 7.16 -6.12 -55.20
N PHE B 216 6.96 -5.05 -55.98
CA PHE B 216 6.57 -3.77 -55.43
C PHE B 216 5.12 -3.58 -55.70
N ARG B 217 4.26 -3.65 -54.67
CA ARG B 217 2.86 -3.24 -54.87
C ARG B 217 2.85 -1.75 -54.72
N VAL B 218 2.62 -1.06 -55.81
CA VAL B 218 2.64 0.39 -55.82
C VAL B 218 1.27 0.93 -56.12
N PHE B 219 0.87 1.94 -55.37
CA PHE B 219 -0.42 2.59 -55.58
C PHE B 219 -0.30 4.09 -55.41
N ASP B 220 -1.22 4.80 -56.06
CA ASP B 220 -1.40 6.22 -55.81
C ASP B 220 -2.68 6.40 -55.01
N CYS B 221 -2.60 7.25 -53.99
CA CYS B 221 -3.73 7.48 -53.07
C CYS B 221 -5.04 8.10 -53.64
N LEU B 222 -5.04 8.65 -54.86
CA LEU B 222 -6.30 9.10 -55.53
C LEU B 222 -6.46 8.41 -56.93
N ASN B 223 -5.75 7.29 -57.08
CA ASN B 223 -5.70 6.49 -58.31
C ASN B 223 -5.36 7.31 -59.53
N TRP B 224 -4.41 8.24 -59.42
CA TRP B 224 -4.00 9.05 -60.58
C TRP B 224 -2.80 8.44 -61.31
N VAL B 225 -3.05 7.87 -62.48
CA VAL B 225 -2.00 7.17 -63.19
C VAL B 225 -0.76 8.07 -63.48
N GLU B 226 -0.93 9.32 -63.90
CA GLU B 226 0.27 10.08 -64.27
C GLU B 226 1.28 10.08 -63.10
N ASN B 227 0.76 10.00 -61.88
CA ASN B 227 1.59 10.09 -60.67
C ASN B 227 2.23 8.77 -60.28
N MET B 228 1.94 7.71 -61.02
CA MET B 228 2.55 6.43 -60.77
C MET B 228 3.73 6.19 -61.71
N ARG B 229 3.71 6.88 -62.86
CA ARG B 229 4.58 6.55 -63.97
C ARG B 229 6.00 6.54 -63.47
N VAL B 230 6.35 7.51 -62.61
CA VAL B 230 7.71 7.63 -62.17
C VAL B 230 8.16 6.39 -61.43
N SER B 231 7.34 5.96 -60.47
CA SER B 231 7.61 4.76 -59.68
C SER B 231 7.68 3.49 -60.49
N MET B 232 6.72 3.28 -61.38
CA MET B 232 6.63 2.03 -62.14
C MET B 232 7.79 1.89 -63.13
N ASP B 233 8.20 3.00 -63.73
CA ASP B 233 9.40 3.00 -64.56
C ASP B 233 10.64 2.67 -63.72
N ALA B 234 10.72 3.20 -62.50
CA ALA B 234 11.88 2.95 -61.68
C ALA B 234 11.98 1.48 -61.31
N ILE B 235 10.84 0.83 -61.03
CA ILE B 235 10.84 -0.58 -60.68
C ILE B 235 11.23 -1.45 -61.88
N ALA B 236 10.62 -1.19 -63.04
CA ALA B 236 11.06 -1.81 -64.29
C ALA B 236 12.60 -1.80 -64.45
N GLU B 237 13.17 -0.62 -64.18
CA GLU B 237 14.60 -0.35 -64.39
C GLU B 237 15.44 -1.21 -63.45
N GLU B 238 14.87 -1.68 -62.34
CA GLU B 238 15.60 -2.58 -61.47
C GLU B 238 15.29 -4.01 -61.81
N ASN B 239 14.46 -4.22 -62.82
CA ASN B 239 14.16 -5.56 -63.29
C ASN B 239 13.47 -6.37 -62.19
N LYS B 240 12.62 -5.69 -61.42
CA LYS B 240 11.74 -6.33 -60.42
C LYS B 240 10.29 -6.19 -60.83
N LEU B 241 9.43 -6.96 -60.17
CA LEU B 241 8.01 -6.93 -60.45
C LEU B 241 7.36 -5.63 -59.97
N CYS B 242 6.85 -4.86 -60.90
CA CYS B 242 5.87 -3.81 -60.70
C CYS B 242 4.43 -4.32 -60.67
N GLU B 243 3.80 -4.29 -59.49
CA GLU B 243 2.36 -4.61 -59.37
C GLU B 243 1.64 -3.35 -59.08
N ALA B 244 0.89 -2.87 -60.05
CA ALA B 244 0.27 -1.56 -59.98
C ALA B 244 -1.14 -1.71 -59.50
N ALA B 245 -1.50 -0.94 -58.48
CA ALA B 245 -2.74 -1.16 -57.81
C ALA B 245 -3.78 -0.14 -58.18
N ILE B 246 -4.98 -0.64 -58.40
CA ILE B 246 -6.15 0.19 -58.52
C ILE B 246 -6.85 0.11 -57.16
N CYS B 247 -7.03 1.23 -56.47
CA CYS B 247 -7.64 1.18 -55.14
C CYS B 247 -9.16 1.08 -55.25
N TYR B 248 -9.79 0.17 -54.51
CA TYR B 248 -11.25 0.05 -54.61
C TYR B 248 -11.99 0.99 -53.67
N THR B 249 -13.16 1.45 -54.09
CA THR B 249 -13.99 2.33 -53.24
C THR B 249 -15.40 2.39 -53.81
N GLY B 250 -16.38 2.74 -53.00
CA GLY B 250 -17.77 2.66 -53.45
C GLY B 250 -18.25 1.24 -53.74
N ASP B 251 -19.15 1.12 -54.71
CA ASP B 251 -19.88 -0.11 -54.96
C ASP B 251 -20.27 -0.14 -56.44
N ILE B 252 -19.56 -0.95 -57.23
CA ILE B 252 -19.82 -0.98 -58.68
C ILE B 252 -21.20 -1.49 -59.03
N LEU B 253 -21.91 -2.16 -58.12
CA LEU B 253 -23.25 -2.70 -58.44
C LEU B 253 -24.39 -1.82 -57.97
N ASN B 254 -24.06 -0.63 -57.48
CA ASN B 254 -25.05 0.37 -57.06
C ASN B 254 -25.06 1.56 -58.02
N SER B 255 -26.12 1.64 -58.83
CA SER B 255 -26.19 2.63 -59.93
C SER B 255 -26.29 4.09 -59.48
N ALA B 256 -26.62 4.32 -58.21
CA ALA B 256 -26.71 5.68 -57.64
C ALA B 256 -25.37 6.26 -57.08
N ARG B 257 -24.24 5.85 -57.64
CA ARG B 257 -22.93 6.37 -57.23
C ARG B 257 -21.95 6.13 -58.39
N PRO B 258 -22.22 6.76 -59.52
CA PRO B 258 -21.63 6.09 -60.70
C PRO B 258 -20.18 6.40 -60.99
N LYS B 259 -19.55 7.26 -60.18
CA LYS B 259 -18.20 7.77 -60.46
C LYS B 259 -17.26 6.59 -60.47
N TYR B 260 -17.55 5.65 -59.58
CA TYR B 260 -16.80 4.41 -59.45
C TYR B 260 -17.53 3.21 -60.06
N ASP B 261 -17.80 3.27 -61.36
CA ASP B 261 -18.42 2.13 -62.03
C ASP B 261 -17.36 1.12 -62.41
N LEU B 262 -17.79 0.10 -63.13
CA LEU B 262 -16.90 -0.95 -63.59
C LEU B 262 -15.85 -0.45 -64.63
N LYS B 263 -16.30 0.38 -65.57
CA LYS B 263 -15.42 0.98 -66.61
C LYS B 263 -14.25 1.68 -65.93
N TYR B 264 -14.51 2.36 -64.81
CA TYR B 264 -13.48 3.07 -64.09
C TYR B 264 -12.38 2.12 -63.67
N TYR B 265 -12.74 0.92 -63.20
CA TYR B 265 -11.67 -0.04 -62.89
C TYR B 265 -11.02 -0.60 -64.19
N THR B 266 -11.82 -1.08 -65.13
CA THR B 266 -11.24 -1.66 -66.33
C THR B 266 -10.37 -0.62 -67.10
N ASN B 267 -10.86 0.61 -67.24
CA ASN B 267 -10.02 1.65 -67.82
C ASN B 267 -8.65 1.80 -67.12
N LEU B 268 -8.65 1.87 -65.80
CA LEU B 268 -7.39 2.05 -65.07
C LEU B 268 -6.48 0.84 -65.28
N ALA B 269 -7.07 -0.35 -65.33
CA ALA B 269 -6.31 -1.56 -65.60
C ALA B 269 -5.57 -1.32 -66.89
N VAL B 270 -6.32 -1.00 -67.94
CA VAL B 270 -5.72 -0.85 -69.26
C VAL B 270 -4.66 0.24 -69.31
N GLU B 271 -4.92 1.38 -68.66
CA GLU B 271 -3.94 2.47 -68.71
C GLU B 271 -2.66 2.02 -67.95
N LEU B 272 -2.81 1.20 -66.91
CA LEU B 272 -1.65 0.64 -66.17
C LEU B 272 -0.81 -0.43 -66.92
N GLU B 273 -1.48 -1.31 -67.65
CA GLU B 273 -0.79 -2.17 -68.61
C GLU B 273 0.07 -1.32 -69.54
N LYS B 274 -0.56 -0.37 -70.22
CA LYS B 274 0.15 0.55 -71.09
C LYS B 274 1.33 1.24 -70.37
N ALA B 275 1.21 1.50 -69.06
CA ALA B 275 2.30 2.10 -68.24
C ALA B 275 3.47 1.15 -67.87
N GLY B 276 3.34 -0.13 -68.21
CA GLY B 276 4.41 -1.09 -68.04
C GLY B 276 4.29 -1.92 -66.80
N ALA B 277 3.05 -2.13 -66.37
CA ALA B 277 2.78 -2.99 -65.25
C ALA B 277 3.11 -4.40 -65.65
N HIS B 278 3.57 -5.21 -64.71
CA HIS B 278 3.65 -6.66 -64.89
C HIS B 278 2.46 -7.37 -64.33
N ILE B 279 1.94 -6.82 -63.23
CA ILE B 279 0.79 -7.37 -62.53
C ILE B 279 -0.18 -6.23 -62.25
N ILE B 280 -1.47 -6.53 -62.17
CA ILE B 280 -2.45 -5.56 -61.72
C ILE B 280 -2.96 -6.08 -60.41
N ALA B 281 -3.08 -5.17 -59.45
CA ALA B 281 -3.67 -5.47 -58.15
C ALA B 281 -4.94 -4.69 -58.00
N VAL B 282 -5.95 -5.29 -57.38
CA VAL B 282 -7.08 -4.51 -56.87
C VAL B 282 -6.82 -4.37 -55.35
N KCX B 283 -6.57 -3.15 -54.89
CA KCX B 283 -6.27 -2.87 -53.48
CB KCX B 283 -5.11 -1.87 -53.34
CG KCX B 283 -4.71 -1.65 -51.89
CD KCX B 283 -3.54 -0.68 -51.67
CE KCX B 283 -3.40 -0.32 -50.19
NZ KCX B 283 -2.74 -1.30 -49.35
C KCX B 283 -7.53 -2.37 -52.82
O KCX B 283 -7.89 -1.21 -52.95
CX KCX B 283 -3.30 -1.91 -48.26
OQ1 KCX B 283 -4.45 -1.84 -47.74
OQ2 KCX B 283 -2.49 -2.72 -47.62
N ASP B 284 -8.20 -3.25 -52.09
CA ASP B 284 -9.43 -2.93 -51.38
C ASP B 284 -9.08 -2.61 -49.93
N MET B 285 -8.53 -1.41 -49.71
CA MET B 285 -7.89 -1.02 -48.44
C MET B 285 -8.82 -0.93 -47.24
N ALA B 286 -10.12 -0.81 -47.53
CA ALA B 286 -11.13 -0.72 -46.49
C ALA B 286 -12.09 -1.89 -46.49
N GLY B 287 -11.90 -2.86 -47.38
CA GLY B 287 -12.72 -4.06 -47.36
C GLY B 287 -14.12 -3.86 -47.88
N LEU B 288 -14.24 -3.05 -48.92
CA LEU B 288 -15.54 -2.64 -49.44
C LEU B 288 -16.09 -3.52 -50.55
N LEU B 289 -15.25 -4.33 -51.17
CA LEU B 289 -15.68 -5.17 -52.30
C LEU B 289 -16.50 -6.34 -51.79
N LYS B 290 -17.73 -6.40 -52.26
CA LYS B 290 -18.66 -7.41 -51.85
C LYS B 290 -18.54 -8.53 -52.85
N PRO B 291 -19.00 -9.73 -52.48
CA PRO B 291 -18.87 -10.93 -53.30
C PRO B 291 -19.49 -10.87 -54.68
N ALA B 292 -20.75 -10.52 -54.74
CA ALA B 292 -21.40 -10.31 -56.03
C ALA B 292 -20.53 -9.39 -56.89
N ALA B 293 -20.04 -8.31 -56.29
CA ALA B 293 -19.17 -7.41 -57.05
C ALA B 293 -17.88 -8.09 -57.54
N ALA B 294 -17.21 -8.83 -56.67
CA ALA B 294 -15.96 -9.47 -57.07
C ALA B 294 -16.10 -10.34 -58.30
N LYS B 295 -17.21 -11.06 -58.43
CA LYS B 295 -17.41 -11.95 -59.60
C LYS B 295 -17.49 -11.15 -60.94
N VAL B 296 -18.13 -9.98 -60.89
CA VAL B 296 -18.18 -9.04 -62.02
C VAL B 296 -16.85 -8.33 -62.27
N LEU B 297 -16.21 -7.87 -61.21
CA LEU B 297 -15.03 -7.05 -61.38
C LEU B 297 -13.87 -7.85 -61.96
N PHE B 298 -13.73 -9.08 -61.48
CA PHE B 298 -12.56 -9.83 -61.76
C PHE B 298 -12.61 -10.46 -63.13
N LYS B 299 -13.75 -11.06 -63.47
CA LYS B 299 -14.09 -11.44 -64.85
C LYS B 299 -13.77 -10.32 -65.88
N ALA B 300 -14.15 -9.09 -65.53
CA ALA B 300 -14.00 -7.97 -66.43
C ALA B 300 -12.54 -7.51 -66.48
N LEU B 301 -11.87 -7.54 -65.33
CA LEU B 301 -10.45 -7.20 -65.34
C LEU B 301 -9.69 -8.16 -66.22
N ARG B 302 -10.04 -9.45 -66.15
CA ARG B 302 -9.26 -10.44 -66.91
C ARG B 302 -9.55 -10.36 -68.41
N GLU B 303 -10.80 -10.06 -68.77
CA GLU B 303 -11.14 -9.63 -70.13
C GLU B 303 -10.47 -8.29 -70.55
N ALA B 304 -10.34 -7.32 -69.68
CA ALA B 304 -9.75 -6.01 -70.07
C ALA B 304 -8.24 -5.98 -70.32
N THR B 305 -7.50 -6.78 -69.58
CA THR B 305 -6.06 -6.84 -69.68
C THR B 305 -5.65 -8.30 -69.55
N GLY B 306 -4.51 -8.65 -70.16
CA GLY B 306 -4.00 -10.01 -70.13
C GLY B 306 -3.06 -10.26 -68.97
N LEU B 307 -2.70 -9.18 -68.27
CA LEU B 307 -1.81 -9.23 -67.11
C LEU B 307 -2.55 -9.94 -66.02
N PRO B 308 -1.83 -10.63 -65.11
CA PRO B 308 -2.48 -11.34 -64.02
C PRO B 308 -3.01 -10.34 -63.09
N ILE B 309 -4.02 -10.74 -62.32
CA ILE B 309 -4.66 -9.87 -61.34
C ILE B 309 -4.39 -10.41 -59.91
N HIS B 310 -4.12 -9.47 -58.97
CA HIS B 310 -3.78 -9.71 -57.54
C HIS B 310 -4.78 -8.96 -56.67
N PHE B 311 -5.43 -9.66 -55.73
CA PHE B 311 -6.46 -9.03 -54.87
C PHE B 311 -6.08 -8.87 -53.40
N HIS B 312 -6.10 -7.64 -52.88
CA HIS B 312 -5.81 -7.40 -51.43
C HIS B 312 -7.07 -6.83 -50.84
N THR B 313 -7.49 -7.35 -49.68
CA THR B 313 -8.63 -6.75 -48.97
C THR B 313 -8.54 -6.87 -47.46
N HIS B 314 -9.41 -6.17 -46.72
CA HIS B 314 -9.43 -6.25 -45.28
C HIS B 314 -10.80 -6.83 -44.86
N ASP B 315 -10.96 -7.28 -43.62
CA ASP B 315 -12.10 -8.09 -43.17
C ASP B 315 -12.94 -7.40 -42.12
N THR B 316 -12.88 -6.10 -42.14
CA THR B 316 -13.62 -5.24 -41.21
C THR B 316 -15.09 -5.56 -41.28
N SER B 317 -15.57 -5.86 -42.47
CA SER B 317 -16.97 -6.23 -42.68
C SER B 317 -17.33 -7.57 -42.06
N GLY B 318 -16.37 -8.45 -41.88
CA GLY B 318 -16.72 -9.82 -41.46
C GLY B 318 -17.07 -10.77 -42.61
N ILE B 319 -16.98 -10.33 -43.84
CA ILE B 319 -17.33 -11.20 -44.93
C ILE B 319 -16.30 -11.19 -46.04
N ALA B 320 -15.15 -10.59 -45.81
CA ALA B 320 -14.16 -10.50 -46.84
C ALA B 320 -13.66 -11.85 -47.39
N ALA B 321 -13.73 -12.89 -46.60
CA ALA B 321 -13.39 -14.22 -47.09
C ALA B 321 -14.34 -14.68 -48.18
N ALA B 322 -15.61 -14.30 -48.06
CA ALA B 322 -16.60 -14.56 -49.11
C ALA B 322 -16.20 -13.86 -50.40
N THR B 323 -15.81 -12.60 -50.28
CA THR B 323 -15.29 -11.86 -51.43
C THR B 323 -14.04 -12.46 -52.02
N VAL B 324 -13.07 -12.83 -51.17
CA VAL B 324 -11.86 -13.50 -51.67
C VAL B 324 -12.20 -14.79 -52.41
N LEU B 325 -13.06 -15.63 -51.85
CA LEU B 325 -13.44 -16.82 -52.56
C LEU B 325 -14.15 -16.56 -53.92
N ALA B 326 -14.95 -15.51 -53.97
CA ALA B 326 -15.64 -15.20 -55.21
C ALA B 326 -14.62 -14.76 -56.26
N ALA B 327 -13.59 -14.06 -55.81
CA ALA B 327 -12.56 -13.55 -56.72
C ALA B 327 -11.77 -14.68 -57.33
N VAL B 328 -11.53 -15.68 -56.51
CA VAL B 328 -10.92 -16.93 -56.97
C VAL B 328 -11.82 -17.69 -57.94
N GLU B 329 -13.11 -17.77 -57.68
CA GLU B 329 -13.99 -18.50 -58.58
C GLU B 329 -14.04 -17.80 -59.92
N ALA B 330 -13.75 -16.49 -59.92
CA ALA B 330 -13.73 -15.69 -61.13
C ALA B 330 -12.36 -15.57 -61.79
N GLY B 331 -11.39 -16.36 -61.33
CA GLY B 331 -10.11 -16.52 -61.99
C GLY B 331 -9.03 -15.51 -61.61
N VAL B 332 -9.17 -14.84 -60.46
CA VAL B 332 -8.12 -13.96 -59.98
C VAL B 332 -6.88 -14.79 -59.80
N ASP B 333 -5.73 -14.19 -60.08
CA ASP B 333 -4.51 -14.98 -60.16
C ASP B 333 -3.83 -15.10 -58.84
N ALA B 334 -3.94 -14.09 -58.00
CA ALA B 334 -3.34 -14.13 -56.69
C ALA B 334 -4.18 -13.35 -55.72
N VAL B 335 -4.13 -13.78 -54.46
CA VAL B 335 -4.85 -13.10 -53.38
C VAL B 335 -3.99 -13.06 -52.14
N ASP B 336 -4.29 -12.08 -51.30
CA ASP B 336 -3.58 -11.87 -50.05
C ASP B 336 -4.40 -12.44 -48.91
N ALA B 337 -3.73 -13.00 -47.91
CA ALA B 337 -4.40 -13.30 -46.65
C ALA B 337 -3.41 -13.21 -45.54
N ALA B 338 -3.91 -13.15 -44.30
CA ALA B 338 -3.03 -13.14 -43.16
C ALA B 338 -3.22 -14.40 -42.35
N MET B 339 -2.12 -14.78 -41.68
CA MET B 339 -2.12 -15.90 -40.81
C MET B 339 -3.17 -15.74 -39.74
N ASP B 340 -3.82 -16.87 -39.44
CA ASP B 340 -5.08 -16.89 -38.72
C ASP B 340 -5.02 -15.95 -37.57
N ALA B 341 -3.95 -16.10 -36.80
CA ALA B 341 -3.73 -15.39 -35.56
C ALA B 341 -3.57 -13.89 -35.64
N LEU B 342 -3.30 -13.34 -36.82
CA LEU B 342 -3.35 -11.90 -37.05
C LEU B 342 -4.31 -11.59 -38.19
N SER B 343 -5.42 -12.30 -38.22
CA SER B 343 -6.38 -12.14 -39.29
C SER B 343 -7.70 -11.68 -38.74
N GLY B 344 -8.58 -11.26 -39.65
CA GLY B 344 -9.89 -10.82 -39.28
C GLY B 344 -9.98 -9.35 -38.91
N ASN B 345 -11.20 -8.86 -38.69
CA ASN B 345 -11.45 -7.47 -38.41
C ASN B 345 -10.75 -6.56 -39.41
N THR B 346 -9.96 -5.62 -38.93
CA THR B 346 -9.28 -4.69 -39.81
C THR B 346 -8.09 -5.24 -40.56
N SER B 347 -7.69 -6.47 -40.25
CA SER B 347 -6.58 -7.12 -40.98
C SER B 347 -7.13 -7.80 -42.24
N GLN B 348 -6.30 -8.63 -42.88
CA GLN B 348 -6.77 -9.48 -43.98
C GLN B 348 -7.59 -10.62 -43.39
N PRO B 349 -8.41 -11.24 -44.23
CA PRO B 349 -9.10 -12.43 -43.80
C PRO B 349 -8.15 -13.64 -43.65
N CYS B 350 -8.71 -14.71 -43.10
CA CYS B 350 -8.00 -15.84 -42.55
C CYS B 350 -7.40 -16.75 -43.58
N LEU B 351 -6.07 -16.82 -43.55
CA LEU B 351 -5.35 -17.55 -44.55
C LEU B 351 -5.68 -19.06 -44.47
N GLY B 352 -5.56 -19.64 -43.30
CA GLY B 352 -5.78 -21.06 -43.14
C GLY B 352 -7.13 -21.48 -43.60
N SER B 353 -8.11 -20.63 -43.36
CA SER B 353 -9.49 -21.01 -43.65
C SER B 353 -9.83 -20.88 -45.12
N ILE B 354 -9.24 -19.89 -45.78
CA ILE B 354 -9.39 -19.67 -47.18
C ILE B 354 -8.80 -20.85 -47.89
N VAL B 355 -7.61 -21.26 -47.44
CA VAL B 355 -6.90 -22.35 -48.06
C VAL B 355 -7.69 -23.64 -47.86
N GLU B 356 -8.21 -23.79 -46.67
CA GLU B 356 -9.02 -24.91 -46.38
C GLU B 356 -10.28 -24.95 -47.26
N ALA B 357 -10.86 -23.80 -47.55
CA ALA B 357 -12.06 -23.75 -48.33
C ALA B 357 -11.70 -24.14 -49.74
N LEU B 358 -10.46 -23.92 -50.15
CA LEU B 358 -10.05 -24.28 -51.50
C LEU B 358 -9.51 -25.70 -51.67
N SER B 359 -9.31 -26.38 -50.56
CA SER B 359 -8.52 -27.55 -50.58
C SER B 359 -9.31 -28.61 -51.34
N GLY B 360 -8.67 -29.20 -52.35
CA GLY B 360 -9.32 -30.19 -53.22
C GLY B 360 -10.06 -29.63 -54.43
N SER B 361 -10.18 -28.33 -54.55
CA SER B 361 -10.82 -27.77 -55.72
C SER B 361 -9.83 -27.60 -56.85
N GLU B 362 -10.36 -27.37 -58.04
CA GLU B 362 -9.52 -27.16 -59.19
C GLU B 362 -8.39 -26.15 -58.95
N ARG B 363 -8.63 -25.14 -58.13
CA ARG B 363 -7.71 -24.00 -57.96
C ARG B 363 -6.97 -24.04 -56.64
N ASP B 364 -6.97 -25.20 -56.04
CA ASP B 364 -6.39 -25.41 -54.76
C ASP B 364 -4.98 -24.85 -54.81
N PRO B 365 -4.61 -24.09 -53.81
CA PRO B 365 -3.33 -23.40 -53.80
C PRO B 365 -2.18 -24.28 -53.40
N GLY B 366 -2.47 -25.47 -52.89
CA GLY B 366 -1.44 -26.48 -52.58
C GLY B 366 -0.53 -26.13 -51.43
N LEU B 367 -1.10 -25.71 -50.28
CA LEU B 367 -0.35 -25.27 -49.11
C LEU B 367 -0.73 -26.17 -47.97
N ASP B 368 0.24 -26.57 -47.15
CA ASP B 368 -0.02 -27.59 -46.14
C ASP B 368 -0.74 -26.96 -44.91
N PRO B 369 -1.98 -27.32 -44.70
CA PRO B 369 -2.76 -26.74 -43.56
C PRO B 369 -2.11 -27.00 -42.23
N ALA B 370 -1.51 -28.17 -42.05
CA ALA B 370 -0.86 -28.37 -40.75
C ALA B 370 0.32 -27.39 -40.57
N TRP B 371 1.02 -27.02 -41.64
CA TRP B 371 2.09 -26.04 -41.45
C TRP B 371 1.55 -24.66 -41.30
N ILE B 372 0.46 -24.40 -41.97
CA ILE B 372 -0.24 -23.15 -41.78
C ILE B 372 -0.58 -23.00 -40.29
N ARG B 373 -1.15 -24.04 -39.69
CA ARG B 373 -1.52 -23.95 -38.33
C ARG B 373 -0.26 -23.78 -37.47
N ARG B 374 0.82 -24.55 -37.72
CA ARG B 374 2.04 -24.45 -36.86
C ARG B 374 2.55 -23.01 -36.84
N ILE B 375 2.56 -22.37 -37.99
CA ILE B 375 3.06 -20.99 -38.11
C ILE B 375 2.09 -19.97 -37.41
N SER B 376 0.80 -20.18 -37.60
CA SER B 376 -0.17 -19.44 -36.85
C SER B 376 -0.01 -19.54 -35.34
N PHE B 377 0.23 -20.73 -34.80
CA PHE B 377 0.46 -20.89 -33.38
C PHE B 377 1.70 -20.12 -33.01
N TYR B 378 2.69 -20.03 -33.86
CA TYR B 378 3.80 -19.16 -33.52
C TYR B 378 3.34 -17.70 -33.46
N TRP B 379 2.56 -17.26 -34.44
CA TRP B 379 2.17 -15.86 -34.49
C TRP B 379 1.27 -15.46 -33.33
N GLU B 380 0.48 -16.41 -32.85
CA GLU B 380 -0.35 -16.20 -31.68
C GLU B 380 0.50 -15.97 -30.40
N ALA B 381 1.55 -16.78 -30.25
CA ALA B 381 2.46 -16.62 -29.13
C ALA B 381 3.17 -15.31 -29.28
N VAL B 382 3.71 -15.05 -30.46
CA VAL B 382 4.31 -13.77 -30.73
C VAL B 382 3.37 -12.62 -30.34
N ARG B 383 2.15 -12.67 -30.87
CA ARG B 383 1.16 -11.62 -30.65
C ARG B 383 0.81 -11.32 -29.21
N ASN B 384 0.83 -12.33 -28.37
CA ASN B 384 0.51 -12.08 -26.98
C ASN B 384 1.48 -11.13 -26.40
N GLN B 385 2.72 -11.12 -26.94
CA GLN B 385 3.75 -10.21 -26.39
C GLN B 385 3.46 -8.76 -26.71
N TYR B 386 2.57 -8.49 -27.67
CA TYR B 386 2.22 -7.12 -28.01
C TYR B 386 0.89 -6.67 -27.42
N ALA B 387 0.53 -7.18 -26.25
CA ALA B 387 -0.74 -6.82 -25.66
C ALA B 387 -0.94 -5.32 -25.49
N ALA B 388 0.15 -4.57 -25.36
CA ALA B 388 0.06 -3.13 -25.15
C ALA B 388 -0.61 -2.44 -26.34
N PHE B 389 -0.60 -3.09 -27.49
CA PHE B 389 -0.96 -2.45 -28.73
C PHE B 389 -2.24 -2.94 -29.30
N GLU B 390 -2.92 -3.84 -28.60
CA GLU B 390 -4.26 -4.23 -29.07
C GLU B 390 -5.21 -3.06 -28.99
N SER B 391 -6.17 -2.99 -29.89
CA SER B 391 -7.28 -2.06 -29.75
C SER B 391 -8.44 -2.80 -29.09
N ASP B 392 -9.58 -2.15 -28.96
CA ASP B 392 -10.70 -2.78 -28.28
C ASP B 392 -11.79 -3.18 -29.32
N LEU B 393 -11.35 -3.49 -30.53
CA LEU B 393 -12.28 -3.80 -31.61
C LEU B 393 -12.76 -5.25 -31.51
N LYS B 394 -14.04 -5.43 -31.29
CA LYS B 394 -14.58 -6.73 -30.92
C LYS B 394 -15.03 -7.57 -32.11
N GLY B 395 -14.97 -7.07 -33.34
CA GLY B 395 -15.40 -7.90 -34.47
C GLY B 395 -16.07 -7.17 -35.61
N PRO B 396 -16.81 -7.89 -36.41
CA PRO B 396 -17.24 -7.30 -37.69
C PRO B 396 -18.15 -6.13 -37.52
N ALA B 397 -18.12 -5.25 -38.51
CA ALA B 397 -18.93 -4.04 -38.52
C ALA B 397 -19.36 -3.71 -39.95
N SER B 398 -20.66 -3.78 -40.22
CA SER B 398 -21.22 -3.45 -41.53
C SER B 398 -21.07 -1.96 -41.78
N GLU B 399 -20.82 -1.25 -40.72
CA GLU B 399 -20.61 0.17 -40.77
C GLU B 399 -19.51 0.59 -41.73
N VAL B 400 -18.53 -0.27 -41.97
CA VAL B 400 -17.49 0.07 -42.92
C VAL B 400 -18.07 0.45 -44.28
N TYR B 401 -19.21 -0.10 -44.67
CA TYR B 401 -19.85 0.31 -45.91
C TYR B 401 -20.35 1.74 -45.89
N LEU B 402 -20.39 2.34 -44.72
CA LEU B 402 -20.86 3.71 -44.57
C LEU B 402 -19.68 4.70 -44.54
N HIS B 403 -18.68 4.43 -43.70
CA HIS B 403 -17.57 5.37 -43.53
C HIS B 403 -16.42 5.18 -44.49
N GLU B 404 -16.28 4.00 -45.04
CA GLU B 404 -15.17 3.69 -45.93
C GLU B 404 -13.77 3.92 -45.36
N MET B 405 -13.62 3.98 -44.04
CA MET B 405 -12.31 4.06 -43.40
C MET B 405 -11.45 2.84 -43.69
N PRO B 406 -10.23 3.05 -44.18
CA PRO B 406 -9.33 1.92 -44.44
C PRO B 406 -9.05 1.10 -43.19
N GLY B 407 -8.99 -0.21 -43.35
CA GLY B 407 -8.62 -1.12 -42.29
C GLY B 407 -7.54 -0.60 -41.35
N GLY B 408 -6.33 -0.41 -41.87
CA GLY B 408 -5.19 0.02 -41.08
C GLY B 408 -5.15 1.53 -40.75
N GLN B 409 -6.32 2.17 -40.73
CA GLN B 409 -6.53 3.53 -40.15
C GLN B 409 -7.47 3.44 -38.96
N PHE B 410 -8.50 2.63 -39.13
CA PHE B 410 -9.61 2.56 -38.21
C PHE B 410 -9.15 2.67 -36.77
N THR B 411 -8.30 1.75 -36.37
CA THR B 411 -7.86 1.70 -34.98
C THR B 411 -7.21 3.02 -34.54
N ASN B 412 -6.24 3.45 -35.33
CA ASN B 412 -5.51 4.68 -35.11
C ASN B 412 -6.39 5.94 -34.96
N LEU B 413 -7.37 6.11 -35.85
CA LEU B 413 -8.28 7.26 -35.80
C LEU B 413 -9.26 7.21 -34.62
N LYS B 414 -9.65 6.01 -34.21
CA LYS B 414 -10.42 5.82 -32.97
C LYS B 414 -9.63 6.40 -31.78
N GLU B 415 -8.32 6.15 -31.80
CA GLU B 415 -7.48 6.58 -30.71
C GLU B 415 -7.14 8.10 -30.78
N GLN B 416 -7.01 8.63 -31.99
CA GLN B 416 -6.87 10.08 -32.19
C GLN B 416 -8.15 10.82 -31.74
N ALA B 417 -9.29 10.14 -31.72
CA ALA B 417 -10.53 10.73 -31.18
C ALA B 417 -10.58 10.70 -29.65
N ARG B 418 -9.98 9.69 -29.03
CA ARG B 418 -9.90 9.62 -27.56
C ARG B 418 -8.91 10.68 -27.05
N SER B 419 -7.85 10.94 -27.82
CA SER B 419 -6.96 12.11 -27.62
C SER B 419 -7.65 13.47 -27.70
N LEU B 420 -8.50 13.68 -28.70
CA LEU B 420 -9.34 14.90 -28.78
C LEU B 420 -10.57 14.72 -27.87
N GLY B 421 -10.66 13.60 -27.17
CA GLY B 421 -11.64 13.42 -26.08
C GLY B 421 -13.04 13.13 -26.59
N LEU B 422 -13.14 12.51 -27.75
CA LEU B 422 -14.42 12.35 -28.42
C LEU B 422 -14.89 10.88 -28.47
N GLU B 423 -14.37 10.03 -27.56
CA GLU B 423 -14.67 8.57 -27.53
C GLU B 423 -16.16 8.28 -27.38
N THR B 424 -16.84 9.12 -26.60
CA THR B 424 -18.30 9.10 -26.44
C THR B 424 -19.02 9.20 -27.79
N ARG B 425 -18.48 9.99 -28.72
CA ARG B 425 -19.17 10.33 -29.97
C ARG B 425 -18.55 9.69 -31.23
N TRP B 426 -17.84 8.57 -31.07
CA TRP B 426 -17.25 7.84 -32.20
C TRP B 426 -18.15 7.66 -33.42
N HIS B 427 -19.43 7.35 -33.20
CA HIS B 427 -20.38 7.14 -34.31
C HIS B 427 -20.73 8.42 -35.05
N GLN B 428 -20.53 9.59 -34.41
CA GLN B 428 -20.66 10.90 -35.07
C GLN B 428 -19.37 11.24 -35.85
N VAL B 429 -18.22 10.79 -35.35
CA VAL B 429 -16.95 10.94 -36.09
C VAL B 429 -17.03 10.26 -37.46
N ALA B 430 -17.39 8.97 -37.43
CA ALA B 430 -17.61 8.20 -38.65
C ALA B 430 -18.59 8.86 -39.61
N GLN B 431 -19.64 9.51 -39.10
CA GLN B 431 -20.57 10.17 -40.01
C GLN B 431 -19.84 11.31 -40.71
N ALA B 432 -19.07 12.07 -39.94
CA ALA B 432 -18.23 13.13 -40.50
C ALA B 432 -17.28 12.67 -41.61
N TYR B 433 -16.58 11.56 -41.38
CA TYR B 433 -15.71 10.97 -42.37
C TYR B 433 -16.49 10.73 -43.67
N ALA B 434 -17.72 10.24 -43.57
CA ALA B 434 -18.53 10.03 -44.76
C ALA B 434 -18.96 11.34 -45.37
N ASP B 435 -19.44 12.26 -44.53
CA ASP B 435 -19.78 13.62 -44.97
C ASP B 435 -18.54 14.27 -45.63
N ALA B 436 -17.47 14.50 -44.85
CA ALA B 436 -16.18 14.97 -45.39
C ALA B 436 -15.82 14.35 -46.73
N ASN B 437 -15.83 13.02 -46.79
CA ASN B 437 -15.54 12.34 -48.05
C ASN B 437 -16.26 12.98 -49.24
N GLN B 438 -17.57 13.13 -49.08
CA GLN B 438 -18.42 13.73 -50.09
C GLN B 438 -18.06 15.19 -50.36
N MET B 439 -17.86 15.95 -49.29
CA MET B 439 -17.44 17.35 -49.36
C MET B 439 -16.22 17.46 -50.27
N PHE B 440 -15.28 16.53 -50.11
CA PHE B 440 -14.08 16.50 -50.95
C PHE B 440 -14.35 16.00 -52.38
N GLY B 441 -15.60 15.73 -52.74
CA GLY B 441 -15.98 15.34 -54.11
C GLY B 441 -16.13 13.84 -54.32
N ASP B 442 -15.98 13.08 -53.21
CA ASP B 442 -16.16 11.64 -53.12
C ASP B 442 -14.89 10.97 -53.65
N ILE B 443 -13.95 10.66 -52.74
CA ILE B 443 -12.61 10.32 -53.16
C ILE B 443 -12.07 9.01 -52.58
N VAL B 444 -10.95 8.58 -53.16
CA VAL B 444 -10.24 7.43 -52.70
C VAL B 444 -9.55 7.81 -51.38
N LYS B 445 -9.87 7.02 -50.35
CA LYS B 445 -9.38 7.26 -49.02
C LYS B 445 -8.50 6.11 -48.71
N VAL B 446 -7.21 6.40 -48.81
CA VAL B 446 -6.15 5.49 -48.57
C VAL B 446 -4.94 6.37 -48.18
N THR B 447 -3.87 5.76 -47.65
CA THR B 447 -2.74 6.54 -47.14
C THR B 447 -2.08 7.25 -48.29
N PRO B 448 -1.90 8.57 -48.19
CA PRO B 448 -2.23 9.49 -47.06
C PRO B 448 -3.54 10.29 -47.15
N SER B 449 -4.29 10.18 -48.26
CA SER B 449 -5.56 10.88 -48.39
C SER B 449 -6.53 10.50 -47.27
N SER B 450 -6.54 9.23 -46.89
CA SER B 450 -7.33 8.82 -45.74
C SER B 450 -6.99 9.63 -44.47
N LYS B 451 -5.69 9.86 -44.20
CA LYS B 451 -5.27 10.63 -43.01
C LYS B 451 -5.83 12.04 -43.04
N VAL B 452 -6.07 12.55 -44.24
CA VAL B 452 -6.59 13.91 -44.42
C VAL B 452 -8.11 14.00 -44.25
N VAL B 453 -8.82 12.98 -44.69
CA VAL B 453 -10.28 12.95 -44.48
C VAL B 453 -10.50 12.75 -42.99
N GLY B 454 -9.60 11.96 -42.40
CA GLY B 454 -9.49 11.81 -40.97
C GLY B 454 -9.40 13.17 -40.32
N ASP B 455 -8.37 13.93 -40.66
CA ASP B 455 -8.14 15.24 -40.01
C ASP B 455 -9.34 16.19 -40.14
N MET B 456 -10.01 16.16 -41.30
CA MET B 456 -11.19 16.99 -41.52
CA MET B 456 -11.20 16.99 -41.52
C MET B 456 -12.35 16.48 -40.68
N ALA B 457 -12.54 15.16 -40.71
CA ALA B 457 -13.60 14.54 -39.94
C ALA B 457 -13.55 14.97 -38.46
N LEU B 458 -12.44 14.70 -37.78
CA LEU B 458 -12.31 14.97 -36.34
C LEU B 458 -12.44 16.49 -36.00
N MET B 459 -12.00 17.37 -36.89
CA MET B 459 -12.19 18.79 -36.67
C MET B 459 -13.67 19.16 -36.56
N MET B 460 -14.50 18.49 -37.37
CA MET B 460 -15.94 18.79 -37.46
C MET B 460 -16.77 18.28 -36.25
N VAL B 461 -16.37 17.14 -35.69
CA VAL B 461 -16.94 16.65 -34.44
C VAL B 461 -16.65 17.66 -33.34
N SER B 462 -15.36 17.98 -33.15
CA SER B 462 -14.92 18.90 -32.09
C SER B 462 -15.56 20.26 -32.25
N GLN B 463 -15.31 20.89 -33.40
CA GLN B 463 -15.77 22.26 -33.63
C GLN B 463 -17.27 22.31 -34.02
N ASP B 464 -17.98 21.18 -33.91
CA ASP B 464 -19.46 21.11 -34.10
C ASP B 464 -19.92 21.66 -35.46
N LEU B 465 -19.37 21.12 -36.54
CA LEU B 465 -19.56 21.67 -37.88
C LEU B 465 -20.15 20.67 -38.90
N THR B 466 -21.06 21.23 -39.69
CA THR B 466 -21.73 20.50 -40.77
C THR B 466 -20.92 20.72 -42.06
N VAL B 467 -21.26 19.98 -43.13
CA VAL B 467 -20.72 20.25 -44.47
C VAL B 467 -21.22 21.62 -45.01
N ALA B 468 -22.52 21.90 -44.92
CA ALA B 468 -23.04 23.21 -45.32
C ALA B 468 -22.35 24.37 -44.57
N ASP B 469 -22.03 24.13 -43.29
CA ASP B 469 -21.25 25.06 -42.47
C ASP B 469 -19.75 24.96 -42.76
N VAL B 470 -19.28 23.81 -43.24
CA VAL B 470 -17.87 23.69 -43.66
C VAL B 470 -17.58 24.65 -44.84
N VAL B 471 -18.39 24.51 -45.90
CA VAL B 471 -18.25 25.34 -47.10
C VAL B 471 -18.92 26.74 -47.00
N SER B 472 -19.38 27.16 -45.80
CA SER B 472 -20.13 28.44 -45.67
C SER B 472 -19.22 29.67 -45.56
N PRO B 473 -19.63 30.79 -46.18
CA PRO B 473 -18.83 32.03 -46.19
C PRO B 473 -18.74 32.80 -44.85
N ASP B 474 -19.76 32.73 -44.00
CA ASP B 474 -19.81 33.57 -42.79
C ASP B 474 -19.12 32.98 -41.55
N ARG B 475 -18.77 31.69 -41.57
CA ARG B 475 -18.08 31.04 -40.43
C ARG B 475 -16.59 30.83 -40.69
N GLU B 476 -15.73 31.69 -40.12
CA GLU B 476 -14.27 31.48 -40.18
C GLU B 476 -13.93 30.12 -39.56
N VAL B 477 -13.06 29.33 -40.23
CA VAL B 477 -12.81 27.93 -39.84
C VAL B 477 -11.44 27.33 -40.21
N SER B 478 -10.39 27.66 -39.47
CA SER B 478 -9.03 27.19 -39.80
C SER B 478 -8.92 25.66 -39.99
N PHE B 479 -8.53 25.26 -41.20
CA PHE B 479 -8.37 23.86 -41.57
C PHE B 479 -7.06 23.35 -40.96
N PRO B 480 -6.87 22.02 -40.93
CA PRO B 480 -5.56 21.45 -40.60
C PRO B 480 -4.59 21.51 -41.79
N GLU B 481 -3.30 21.73 -41.51
CA GLU B 481 -2.26 21.76 -42.54
C GLU B 481 -2.49 20.70 -43.61
N SER B 482 -2.56 19.43 -43.20
CA SER B 482 -2.88 18.33 -44.12
C SER B 482 -3.90 18.67 -45.19
N VAL B 483 -4.99 19.31 -44.77
CA VAL B 483 -6.09 19.63 -45.68
C VAL B 483 -5.69 20.80 -46.57
N VAL B 484 -5.10 21.84 -45.97
CA VAL B 484 -4.51 22.93 -46.76
C VAL B 484 -3.63 22.31 -47.86
N SER B 485 -2.70 21.44 -47.47
CA SER B 485 -1.79 20.77 -48.41
C SER B 485 -2.49 20.11 -49.59
N MET B 486 -3.50 19.32 -49.30
CA MET B 486 -4.06 18.40 -50.28
C MET B 486 -4.79 19.21 -51.36
N LEU B 487 -5.49 20.23 -50.92
CA LEU B 487 -6.28 21.02 -51.84
C LEU B 487 -5.43 21.97 -52.73
N LYS B 488 -4.21 22.32 -52.29
CA LYS B 488 -3.25 23.02 -53.16
C LYS B 488 -2.73 22.09 -54.27
N GLY B 489 -2.93 20.78 -54.10
CA GLY B 489 -2.60 19.80 -55.13
C GLY B 489 -1.41 18.90 -54.80
N ASP B 490 -1.03 18.85 -53.52
CA ASP B 490 0.21 18.20 -53.08
C ASP B 490 0.17 16.70 -53.08
N LEU B 491 -1.00 16.10 -53.18
CA LEU B 491 -1.09 14.62 -53.31
C LEU B 491 -1.67 14.20 -54.66
N GLY B 492 -1.76 15.18 -55.56
CA GLY B 492 -2.24 14.95 -56.92
C GLY B 492 -3.66 15.40 -57.10
N GLN B 493 -4.31 14.83 -58.12
CA GLN B 493 -5.62 15.31 -58.59
C GLN B 493 -6.63 14.19 -58.77
N PRO B 494 -7.81 14.31 -58.13
CA PRO B 494 -8.89 13.38 -58.41
C PRO B 494 -9.46 13.57 -59.83
N PRO B 495 -10.03 12.51 -60.40
CA PRO B 495 -10.49 12.50 -61.80
C PRO B 495 -11.26 13.75 -62.18
N SER B 496 -12.12 14.23 -61.28
CA SER B 496 -12.86 15.48 -61.54
C SER B 496 -12.01 16.73 -61.30
N GLY B 497 -11.05 16.64 -60.37
CA GLY B 497 -10.44 17.83 -59.77
C GLY B 497 -11.22 18.21 -58.52
N TRP B 498 -10.66 19.09 -57.69
CA TRP B 498 -11.26 19.41 -56.38
C TRP B 498 -12.41 20.41 -56.52
N PRO B 499 -13.51 20.22 -55.74
CA PRO B 499 -14.68 21.14 -55.69
C PRO B 499 -14.30 22.61 -55.55
N GLU B 500 -14.82 23.46 -56.45
CA GLU B 500 -14.30 24.82 -56.61
C GLU B 500 -14.45 25.66 -55.34
N ALA B 501 -15.59 25.51 -54.66
CA ALA B 501 -15.93 26.36 -53.51
C ALA B 501 -15.16 25.91 -52.26
N LEU B 502 -15.12 24.59 -52.00
CA LEU B 502 -14.26 24.03 -50.96
C LEU B 502 -12.83 24.57 -51.12
N GLN B 503 -12.39 24.68 -52.37
CA GLN B 503 -11.04 25.16 -52.72
C GLN B 503 -10.84 26.66 -52.42
N LYS B 504 -11.67 27.53 -53.00
CA LYS B 504 -11.45 28.99 -52.86
C LYS B 504 -11.67 29.53 -51.44
N LYS B 505 -11.94 28.65 -50.47
CA LYS B 505 -12.04 29.06 -49.07
C LYS B 505 -10.89 28.52 -48.24
N ALA B 506 -10.36 27.35 -48.61
CA ALA B 506 -9.36 26.65 -47.80
C ALA B 506 -7.96 27.28 -47.84
N LEU B 507 -7.50 27.68 -49.02
CA LEU B 507 -6.12 28.16 -49.13
C LEU B 507 -6.03 29.68 -48.94
N LYS B 508 -6.82 30.23 -48.02
CA LYS B 508 -6.63 31.59 -47.58
C LYS B 508 -5.93 32.44 -48.67
N GLY B 509 -6.49 32.43 -49.89
CA GLY B 509 -6.03 33.30 -50.99
C GLY B 509 -5.11 32.68 -52.04
N GLU B 510 -4.38 31.62 -51.65
CA GLU B 510 -3.25 31.12 -52.46
C GLU B 510 -3.61 30.28 -53.70
N LYS B 511 -2.77 30.40 -54.74
CA LYS B 511 -3.01 29.72 -56.03
C LYS B 511 -2.74 28.19 -55.94
N PRO B 512 -3.76 27.36 -56.23
CA PRO B 512 -3.59 25.92 -56.24
C PRO B 512 -3.05 25.47 -57.58
N TYR B 513 -2.36 24.33 -57.60
CA TYR B 513 -1.83 23.80 -58.86
C TYR B 513 -2.40 22.42 -59.17
N THR B 514 -2.61 22.18 -60.47
CA THR B 514 -3.22 20.95 -60.97
C THR B 514 -2.19 20.07 -61.69
N VAL B 515 -0.96 20.55 -61.82
CA VAL B 515 0.10 19.71 -62.37
C VAL B 515 0.57 18.75 -61.28
N ARG B 516 1.45 17.85 -61.69
CA ARG B 516 1.97 16.78 -60.87
C ARG B 516 3.05 17.28 -59.89
N PRO B 517 2.80 17.21 -58.56
CA PRO B 517 3.67 17.68 -57.45
C PRO B 517 5.19 17.53 -57.62
N GLY B 518 5.61 16.46 -58.28
CA GLY B 518 7.02 16.17 -58.49
C GLY B 518 7.64 16.99 -59.61
N SER B 519 6.81 17.38 -60.59
CA SER B 519 7.25 18.25 -61.68
C SER B 519 7.72 19.61 -61.14
N LEU B 520 6.98 20.19 -60.19
CA LEU B 520 7.34 21.49 -59.59
C LEU B 520 8.45 21.33 -58.54
N LEU B 521 8.29 20.36 -57.63
CA LEU B 521 9.30 20.04 -56.61
C LEU B 521 10.70 19.95 -57.25
N LYS B 522 11.68 20.71 -56.75
CA LYS B 522 13.04 20.69 -57.34
C LYS B 522 13.75 19.38 -57.00
N GLU B 523 14.54 18.87 -57.95
CA GLU B 523 15.31 17.63 -57.77
C GLU B 523 16.45 17.88 -56.78
N ALA B 524 16.21 17.46 -55.54
CA ALA B 524 17.18 17.52 -54.44
C ALA B 524 18.58 17.10 -54.87
N ASP B 525 19.60 17.88 -54.52
CA ASP B 525 20.99 17.47 -54.75
C ASP B 525 21.28 16.34 -53.76
N LEU B 526 21.40 15.12 -54.27
CA LEU B 526 21.68 13.96 -53.42
C LEU B 526 23.12 14.08 -52.90
N ASP B 527 24.02 14.63 -53.71
CA ASP B 527 25.40 14.88 -53.29
C ASP B 527 25.46 15.78 -52.05
N ALA B 528 24.62 16.83 -52.05
CA ALA B 528 24.57 17.82 -50.97
C ALA B 528 23.82 17.34 -49.71
N GLU B 529 22.63 16.75 -49.87
CA GLU B 529 21.82 16.32 -48.72
C GLU B 529 22.50 15.19 -47.96
N ARG B 530 23.41 14.49 -48.65
CA ARG B 530 24.28 13.47 -48.04
C ARG B 530 25.29 14.05 -47.06
N LYS B 531 25.92 15.17 -47.42
CA LYS B 531 26.90 15.84 -46.56
C LYS B 531 26.28 16.21 -45.20
N VAL B 532 25.08 16.78 -45.23
CA VAL B 532 24.39 17.24 -44.01
C VAL B 532 24.04 16.13 -43.04
N ILE B 533 23.73 14.94 -43.54
CA ILE B 533 23.45 13.83 -42.61
C ILE B 533 24.75 13.27 -42.05
N GLU B 534 25.83 13.32 -42.84
CA GLU B 534 27.09 12.70 -42.40
C GLU B 534 27.78 13.55 -41.35
N LYS B 535 27.73 14.86 -41.50
CA LYS B 535 28.31 15.77 -40.49
C LYS B 535 27.47 15.73 -39.20
N LYS B 536 26.16 15.57 -39.34
CA LYS B 536 25.29 15.45 -38.18
C LYS B 536 25.64 14.19 -37.37
N LEU B 537 26.14 13.14 -38.04
CA LEU B 537 26.56 11.87 -37.38
C LEU B 537 28.06 11.69 -37.14
N GLU B 538 28.88 12.60 -37.68
CA GLU B 538 30.35 12.50 -37.61
C GLU B 538 30.85 11.07 -37.95
N ARG B 539 30.32 10.53 -39.05
CA ARG B 539 30.66 9.20 -39.56
C ARG B 539 29.97 8.97 -40.92
N GLU B 540 30.65 8.33 -41.86
CA GLU B 540 30.05 8.05 -43.17
C GLU B 540 28.85 7.09 -42.98
N VAL B 541 27.76 7.28 -43.74
CA VAL B 541 26.59 6.35 -43.72
C VAL B 541 26.56 5.45 -44.96
N SER B 542 25.66 4.45 -44.99
CA SER B 542 25.51 3.61 -46.18
C SER B 542 24.46 4.23 -47.12
N ASP B 543 24.39 3.70 -48.35
CA ASP B 543 23.36 4.12 -49.29
C ASP B 543 21.97 3.79 -48.77
N PHE B 544 21.85 2.68 -48.05
CA PHE B 544 20.57 2.30 -47.42
C PHE B 544 20.16 3.36 -46.40
N GLU B 545 21.08 3.66 -45.50
CA GLU B 545 20.88 4.69 -44.49
C GLU B 545 20.50 6.04 -45.08
N PHE B 546 21.20 6.43 -46.13
CA PHE B 546 20.95 7.71 -46.74
C PHE B 546 19.54 7.72 -47.28
N ALA B 547 19.09 6.60 -47.82
CA ALA B 547 17.73 6.53 -48.34
C ALA B 547 16.69 6.68 -47.23
N SER B 548 17.06 6.27 -46.02
CA SER B 548 16.23 6.48 -44.84
C SER B 548 16.31 7.94 -44.38
N TYR B 549 17.40 8.62 -44.71
CA TYR B 549 17.44 10.05 -44.46
C TYR B 549 16.49 10.75 -45.42
N LEU B 550 16.61 10.49 -46.71
CA LEU B 550 15.84 11.22 -47.73
C LEU B 550 14.38 11.25 -47.40
N MET B 551 13.90 10.09 -46.96
CA MET B 551 12.51 9.82 -46.64
C MET B 551 12.09 10.36 -45.27
N TYR B 552 12.97 10.20 -44.28
CA TYR B 552 12.63 10.50 -42.90
C TYR B 552 13.81 11.12 -42.16
N PRO B 553 14.14 12.36 -42.50
CA PRO B 553 15.37 12.94 -41.99
C PRO B 553 15.50 12.93 -40.45
N LYS B 554 14.50 13.44 -39.72
CA LYS B 554 14.59 13.51 -38.24
C LYS B 554 14.35 12.15 -37.56
N VAL B 555 13.50 11.29 -38.13
CA VAL B 555 13.29 9.97 -37.48
C VAL B 555 14.60 9.19 -37.65
N PHE B 556 15.24 9.32 -38.82
CA PHE B 556 16.45 8.54 -39.06
C PHE B 556 17.56 9.04 -38.20
N THR B 557 17.61 10.35 -38.06
CA THR B 557 18.64 11.01 -37.28
C THR B 557 18.49 10.56 -35.84
N ASP B 558 17.26 10.56 -35.35
CA ASP B 558 16.97 10.20 -33.96
C ASP B 558 17.28 8.72 -33.74
N PHE B 559 16.96 7.89 -34.72
CA PHE B 559 17.29 6.46 -34.66
C PHE B 559 18.79 6.20 -34.61
N ALA B 560 19.56 6.95 -35.39
CA ALA B 560 21.00 6.77 -35.49
C ALA B 560 21.75 7.11 -34.20
N LEU B 561 21.35 8.21 -33.54
CA LEU B 561 22.00 8.60 -32.26
C LEU B 561 21.59 7.62 -31.15
N ALA B 562 20.39 7.06 -31.26
CA ALA B 562 19.96 6.02 -30.36
C ALA B 562 20.78 4.73 -30.53
N SER B 563 21.10 4.40 -31.78
CA SER B 563 21.95 3.23 -32.08
C SER B 563 23.46 3.37 -31.73
N ASP B 564 24.00 4.56 -31.45
CA ASP B 564 25.39 4.64 -30.92
C ASP B 564 25.37 4.55 -29.38
N THR B 565 24.27 5.03 -28.78
CA THR B 565 23.99 4.92 -27.34
C THR B 565 23.64 3.48 -26.93
N TYR B 566 22.61 2.90 -27.55
CA TYR B 566 22.01 1.66 -27.05
C TYR B 566 22.40 0.40 -27.81
N GLY B 567 22.80 0.55 -29.06
CA GLY B 567 23.32 -0.55 -29.85
C GLY B 567 22.29 -1.32 -30.64
N PRO B 568 22.58 -2.60 -30.91
CA PRO B 568 21.67 -3.39 -31.69
C PRO B 568 20.50 -3.95 -30.84
N VAL B 569 19.74 -3.06 -30.23
CA VAL B 569 18.55 -3.47 -29.50
C VAL B 569 17.65 -4.47 -30.26
N SER B 570 17.69 -4.46 -31.60
CA SER B 570 16.78 -5.34 -32.34
C SER B 570 17.03 -6.85 -32.11
N VAL B 571 18.14 -7.23 -31.48
CA VAL B 571 18.46 -8.64 -31.22
C VAL B 571 17.93 -9.11 -29.88
N LEU B 572 17.37 -8.17 -29.13
CA LEU B 572 16.79 -8.50 -27.87
C LEU B 572 15.41 -9.04 -28.11
N PRO B 573 15.07 -10.12 -27.40
CA PRO B 573 13.69 -10.59 -27.45
C PRO B 573 12.72 -9.49 -27.06
N THR B 574 11.51 -9.57 -27.62
CA THR B 574 10.49 -8.55 -27.46
C THR B 574 10.03 -8.24 -26.02
N PRO B 575 9.93 -9.25 -25.16
CA PRO B 575 9.52 -8.90 -23.75
C PRO B 575 10.64 -8.15 -23.07
N ALA B 576 11.88 -8.52 -23.37
CA ALA B 576 13.03 -7.78 -22.86
C ALA B 576 13.15 -6.34 -23.42
N TYR B 577 12.90 -6.18 -24.72
CA TYR B 577 12.87 -4.85 -25.33
C TYR B 577 11.85 -3.94 -24.69
N PHE B 578 10.64 -4.42 -24.47
CA PHE B 578 9.60 -3.58 -23.91
C PHE B 578 9.56 -3.51 -22.37
N TYR B 579 10.07 -4.51 -21.65
CA TYR B 579 9.95 -4.50 -20.17
C TYR B 579 11.21 -4.81 -19.38
N GLY B 580 12.30 -5.09 -20.09
CA GLY B 580 13.56 -5.38 -19.43
C GLY B 580 13.58 -6.73 -18.76
N LEU B 581 14.50 -6.92 -17.82
CA LEU B 581 14.71 -8.22 -17.23
C LEU B 581 14.21 -8.10 -15.83
N ALA B 582 13.43 -9.06 -15.41
CA ALA B 582 13.01 -9.18 -14.04
C ALA B 582 14.20 -9.54 -13.19
N ASP B 583 14.08 -9.27 -11.89
CA ASP B 583 14.95 -9.83 -10.87
C ASP B 583 15.29 -11.29 -11.13
N GLY B 584 16.54 -11.69 -10.87
CA GLY B 584 16.98 -13.07 -11.13
C GLY B 584 17.04 -13.55 -12.58
N GLU B 585 16.21 -12.98 -13.47
CA GLU B 585 16.00 -13.49 -14.83
C GLU B 585 17.25 -13.66 -15.67
N GLU B 586 17.17 -14.58 -16.63
CA GLU B 586 18.29 -14.96 -17.49
C GLU B 586 17.91 -14.86 -18.98
N LEU B 587 18.79 -14.27 -19.77
CA LEU B 587 18.45 -13.90 -21.14
C LEU B 587 19.58 -14.26 -22.10
N PHE B 588 19.29 -15.08 -23.11
CA PHE B 588 20.29 -15.46 -24.13
C PHE B 588 20.13 -14.46 -25.28
N ALA B 589 21.22 -13.79 -25.69
CA ALA B 589 21.15 -12.87 -26.85
C ALA B 589 22.26 -13.14 -27.85
N ASP B 590 21.92 -13.09 -29.13
CA ASP B 590 22.90 -13.30 -30.21
C ASP B 590 23.39 -11.95 -30.80
N ILE B 591 24.57 -11.52 -30.38
CA ILE B 591 25.10 -10.22 -30.78
C ILE B 591 25.42 -10.16 -32.27
N GLU B 592 26.07 -11.21 -32.73
CA GLU B 592 26.28 -11.45 -34.13
C GLU B 592 25.58 -12.75 -34.20
N LYS B 593 26.08 -13.65 -35.02
CA LYS B 593 25.62 -15.04 -34.82
C LYS B 593 26.67 -15.79 -33.96
N GLY B 594 27.96 -15.48 -34.16
CA GLY B 594 29.06 -16.05 -33.35
C GLY B 594 28.80 -15.93 -31.87
N LYS B 595 29.08 -14.75 -31.31
CA LYS B 595 28.86 -14.50 -29.88
C LYS B 595 27.38 -14.65 -29.51
N THR B 596 27.15 -15.39 -28.43
CA THR B 596 25.88 -15.39 -27.73
C THR B 596 26.20 -14.81 -26.36
N LEU B 597 25.48 -13.76 -25.99
CA LEU B 597 25.65 -13.17 -24.66
C LEU B 597 24.63 -13.79 -23.77
N VAL B 598 25.07 -14.28 -22.61
CA VAL B 598 24.19 -14.70 -21.50
C VAL B 598 24.16 -13.67 -20.34
N ILE B 599 23.00 -13.02 -20.22
CA ILE B 599 22.80 -11.86 -19.33
C ILE B 599 21.79 -12.20 -18.23
N VAL B 600 22.16 -11.91 -17.00
CA VAL B 600 21.31 -12.16 -15.84
C VAL B 600 21.22 -10.83 -15.11
N ASN B 601 20.01 -10.27 -15.02
CA ASN B 601 19.77 -9.18 -14.09
C ASN B 601 19.77 -9.81 -12.71
N GLN B 602 20.84 -9.55 -11.94
CA GLN B 602 21.04 -10.09 -10.58
C GLN B 602 20.63 -9.17 -9.39
N ALA B 603 20.41 -7.87 -9.70
CA ALA B 603 19.94 -6.86 -8.72
C ALA B 603 19.98 -5.39 -9.18
N VAL B 604 19.16 -4.58 -8.45
CA VAL B 604 18.93 -3.22 -8.86
C VAL B 604 18.89 -2.35 -7.63
N SER B 605 19.76 -1.35 -7.56
CA SER B 605 19.84 -0.43 -6.40
C SER B 605 18.71 0.59 -6.37
N ALA B 606 18.58 1.33 -5.26
CA ALA B 606 17.70 2.52 -5.22
C ALA B 606 18.40 3.75 -5.83
N THR B 607 17.61 4.80 -6.07
CA THR B 607 18.11 6.00 -6.74
C THR B 607 19.01 6.75 -5.80
N ASP B 608 20.12 7.25 -6.34
CA ASP B 608 21.13 7.94 -5.54
C ASP B 608 20.93 9.46 -5.57
N SER B 609 21.90 10.22 -5.01
CA SER B 609 21.89 11.69 -5.01
C SER B 609 22.23 12.25 -6.38
N GLN B 610 23.18 11.61 -7.06
CA GLN B 610 23.44 11.92 -8.47
C GLN B 610 22.28 11.55 -9.42
N GLY B 611 21.16 11.05 -8.88
CA GLY B 611 19.97 10.72 -9.67
C GLY B 611 20.01 9.37 -10.38
N MET B 612 21.15 8.69 -10.30
CA MET B 612 21.44 7.49 -11.10
C MET B 612 21.19 6.17 -10.36
N VAL B 613 20.59 5.22 -11.08
CA VAL B 613 20.37 3.85 -10.60
C VAL B 613 21.42 2.92 -11.25
N THR B 614 21.95 1.99 -10.41
CA THR B 614 22.92 1.02 -10.92
C THR B 614 22.24 -0.35 -10.99
N VAL B 615 22.38 -1.00 -12.12
CA VAL B 615 21.84 -2.33 -12.32
C VAL B 615 23.01 -3.28 -12.39
N PHE B 616 22.89 -4.40 -11.70
CA PHE B 616 23.95 -5.38 -11.62
C PHE B 616 23.63 -6.58 -12.51
N PHE B 617 24.47 -6.82 -13.51
CA PHE B 617 24.28 -7.91 -14.45
C PHE B 617 25.31 -9.01 -14.29
N GLU B 618 25.04 -10.14 -14.95
CA GLU B 618 26.12 -11.11 -15.22
C GLU B 618 26.17 -11.39 -16.71
N LEU B 619 27.28 -11.03 -17.32
CA LEU B 619 27.47 -11.29 -18.74
C LEU B 619 28.45 -12.46 -18.86
N ASN B 620 27.94 -13.59 -19.34
CA ASN B 620 28.71 -14.86 -19.39
C ASN B 620 29.55 -15.17 -18.13
N GLY B 621 28.97 -14.99 -16.95
CA GLY B 621 29.63 -15.33 -15.70
C GLY B 621 30.47 -14.24 -15.06
N GLN B 622 30.85 -13.19 -15.82
CA GLN B 622 31.66 -12.07 -15.27
C GLN B 622 30.77 -10.85 -14.99
N PRO B 623 30.85 -10.28 -13.76
CA PRO B 623 29.87 -9.31 -13.27
C PRO B 623 29.97 -7.97 -13.96
N ARG B 624 28.86 -7.25 -14.11
CA ARG B 624 28.91 -5.85 -14.58
C ARG B 624 27.96 -4.88 -13.85
N ARG B 625 28.42 -3.64 -13.68
CA ARG B 625 27.64 -2.54 -13.15
C ARG B 625 27.27 -1.55 -14.27
N ILE B 626 25.98 -1.19 -14.35
CA ILE B 626 25.54 -0.14 -15.28
C ILE B 626 24.71 0.94 -14.58
N LYS B 627 25.22 2.17 -14.58
CA LYS B 627 24.46 3.33 -14.13
C LYS B 627 23.45 3.73 -15.20
N VAL B 628 22.25 4.11 -14.77
CA VAL B 628 21.21 4.60 -15.67
C VAL B 628 20.46 5.69 -14.87
N PRO B 629 19.92 6.69 -15.61
CA PRO B 629 19.16 7.73 -14.90
C PRO B 629 17.78 7.24 -14.54
N ASP B 630 17.25 7.82 -13.45
CA ASP B 630 15.87 7.62 -12.98
C ASP B 630 15.01 8.75 -13.52
N ARG B 631 14.11 8.42 -14.45
CA ARG B 631 13.33 9.40 -15.21
C ARG B 631 11.92 9.58 -14.65
N ALA B 632 11.72 9.23 -13.38
CA ALA B 632 10.41 9.36 -12.76
C ALA B 632 10.17 10.81 -12.38
N ASP C 36 -30.05 21.58 20.41
CA ASP C 36 -29.09 22.38 19.58
C ASP C 36 -27.66 22.44 20.13
N ARG C 37 -27.48 22.64 21.44
CA ARG C 37 -26.14 22.50 22.03
C ARG C 37 -25.56 21.10 21.66
N ALA C 38 -26.45 20.10 21.63
CA ALA C 38 -26.17 18.77 21.17
C ALA C 38 -25.75 18.77 19.70
N THR C 39 -26.51 19.45 18.85
CA THR C 39 -26.16 19.58 17.44
C THR C 39 -24.76 20.21 17.25
N LYS C 40 -24.46 21.21 18.06
CA LYS C 40 -23.17 21.89 17.99
C LYS C 40 -22.06 20.88 18.32
N LEU C 41 -22.28 20.06 19.33
CA LEU C 41 -21.27 19.09 19.69
C LEU C 41 -21.11 18.01 18.64
N LEU C 42 -22.21 17.57 18.07
CA LEU C 42 -22.15 16.57 17.02
C LEU C 42 -21.32 17.08 15.88
N THR C 43 -21.35 18.39 15.67
CA THR C 43 -20.62 18.98 14.56
C THR C 43 -19.14 18.98 14.83
N TYR C 44 -18.77 19.25 16.05
CA TYR C 44 -17.41 19.09 16.45
C TYR C 44 -16.98 17.65 16.26
N LEU C 45 -17.69 16.72 16.88
CA LEU C 45 -17.26 15.34 16.83
C LEU C 45 -17.18 14.85 15.42
N ALA C 46 -18.08 15.30 14.57
CA ALA C 46 -17.98 14.91 13.17
C ALA C 46 -16.74 15.54 12.56
N ASP C 47 -16.52 16.80 12.86
CA ASP C 47 -15.38 17.50 12.32
C ASP C 47 -14.09 16.84 12.71
N VAL C 48 -13.94 16.51 13.97
CA VAL C 48 -12.68 15.92 14.36
C VAL C 48 -12.55 14.48 13.88
N THR C 49 -13.64 13.76 13.84
CA THR C 49 -13.58 12.41 13.40
C THR C 49 -13.12 12.29 11.96
N VAL C 50 -13.64 13.18 11.10
CA VAL C 50 -13.30 13.18 9.67
C VAL C 50 -12.08 14.01 9.24
N ASN C 51 -11.56 14.87 10.12
CA ASN C 51 -10.43 15.69 9.79
C ASN C 51 -9.25 15.69 10.74
N GLY C 52 -9.39 15.05 11.89
CA GLY C 52 -8.36 15.07 12.91
C GLY C 52 -8.34 16.37 13.69
N HIS C 53 -7.58 16.39 14.77
CA HIS C 53 -7.33 17.65 15.49
C HIS C 53 -5.99 18.20 15.01
N PRO C 54 -5.91 19.48 14.72
CA PRO C 54 -4.64 20.01 14.24
C PRO C 54 -3.47 19.83 15.18
N GLU C 55 -3.74 19.80 16.50
CA GLU C 55 -2.73 19.60 17.56
C GLU C 55 -2.29 18.18 17.74
N ALA C 56 -2.96 17.26 17.08
CA ALA C 56 -2.73 15.87 17.39
C ALA C 56 -2.48 15.03 16.19
N LYS C 57 -2.74 15.57 15.01
CA LYS C 57 -2.85 14.75 13.79
C LYS C 57 -1.49 14.22 13.35
N ASP C 58 -0.39 14.91 13.62
CA ASP C 58 0.87 14.29 13.17
C ASP C 58 1.81 13.76 14.21
N ARG C 59 1.38 13.80 15.47
CA ARG C 59 2.23 13.40 16.56
C ARG C 59 1.83 12.01 17.04
N PRO C 60 2.58 11.44 17.99
CA PRO C 60 2.21 10.07 18.41
C PRO C 60 0.83 9.97 19.04
N LYS C 61 0.21 8.81 18.87
CA LYS C 61 -1.14 8.56 19.38
C LYS C 61 -1.03 7.71 20.64
N PRO C 62 -2.04 7.74 21.51
CA PRO C 62 -2.02 6.80 22.66
C PRO C 62 -2.13 5.37 22.19
N LEU C 63 -1.86 4.41 23.07
CA LEU C 63 -2.03 2.98 22.71
C LEU C 63 -3.52 2.72 22.56
N GLU C 64 -3.82 1.77 21.70
CA GLU C 64 -5.20 1.40 21.34
C GLU C 64 -5.95 0.89 22.57
N ASN C 65 -5.28 0.02 23.35
CA ASN C 65 -5.85 -0.68 24.52
C ASN C 65 -6.50 0.30 25.49
N ALA C 66 -5.68 1.28 25.90
CA ALA C 66 -6.11 2.60 26.43
C ALA C 66 -7.08 2.48 27.60
N ALA C 67 -6.55 2.16 28.78
CA ALA C 67 -7.37 2.12 30.00
C ALA C 67 -7.77 3.56 30.41
N ARG C 68 -9.07 3.87 30.34
CA ARG C 68 -9.58 5.16 30.77
C ARG C 68 -9.26 5.53 32.25
N PRO C 69 -9.17 6.83 32.54
CA PRO C 69 -8.93 7.25 33.88
C PRO C 69 -10.21 7.08 34.65
N VAL C 70 -10.08 6.31 35.73
CA VAL C 70 -11.08 6.12 36.77
C VAL C 70 -10.88 7.00 37.97
N VAL C 71 -11.92 7.74 38.34
CA VAL C 71 -11.90 8.59 39.53
C VAL C 71 -12.04 7.67 40.75
N PRO C 72 -11.10 7.73 41.72
CA PRO C 72 -11.07 6.74 42.81
C PRO C 72 -12.38 6.64 43.60
N TYR C 73 -12.68 5.46 44.16
CA TYR C 73 -13.89 5.21 44.95
C TYR C 73 -13.88 6.19 46.10
N ALA C 74 -14.99 6.92 46.29
CA ALA C 74 -15.08 7.90 47.41
C ALA C 74 -15.52 7.27 48.78
N ASN C 75 -14.64 7.44 49.80
CA ASN C 75 -14.85 6.94 51.19
C ASN C 75 -16.31 6.83 51.54
N GLY C 76 -16.92 7.93 51.98
CA GLY C 76 -18.32 7.93 52.30
C GLY C 76 -18.71 8.97 53.34
N ASN C 77 -18.35 10.22 53.09
CA ASN C 77 -18.61 11.28 54.05
C ASN C 77 -18.48 12.65 53.42
N GLY C 78 -18.65 13.69 54.23
CA GLY C 78 -18.41 15.06 53.83
C GLY C 78 -16.94 15.43 53.94
N VAL C 79 -16.63 16.70 53.72
CA VAL C 79 -15.24 17.11 53.68
C VAL C 79 -14.80 18.01 54.82
N LYS C 80 -13.67 17.69 55.39
CA LYS C 80 -13.10 18.42 56.48
C LYS C 80 -12.79 19.84 55.95
N ASP C 81 -13.20 20.87 56.69
CA ASP C 81 -12.67 22.22 56.54
C ASP C 81 -11.15 22.13 56.35
N GLY C 82 -10.58 23.05 55.57
CA GLY C 82 -9.18 23.12 55.40
C GLY C 82 -8.83 24.58 55.19
N THR C 83 -7.76 24.83 54.43
CA THR C 83 -7.22 26.14 54.42
C THR C 83 -8.16 27.18 53.84
N LYS C 84 -9.09 26.73 53.00
CA LYS C 84 -10.09 27.63 52.47
C LYS C 84 -10.91 28.22 53.60
N GLN C 85 -11.41 27.35 54.47
CA GLN C 85 -12.20 27.84 55.62
C GLN C 85 -11.39 28.74 56.54
N LEU C 86 -10.12 28.37 56.81
CA LEU C 86 -9.24 29.23 57.61
C LEU C 86 -9.06 30.66 57.04
N LEU C 87 -8.76 30.78 55.74
CA LEU C 87 -8.67 32.11 55.14
C LEU C 87 -9.98 32.92 55.21
N ASP C 88 -11.08 32.31 54.83
CA ASP C 88 -12.37 32.91 55.05
C ASP C 88 -12.49 33.39 56.52
N THR C 89 -12.19 32.53 57.51
CA THR C 89 -12.31 32.97 58.91
C THR C 89 -11.39 34.18 59.23
N LEU C 90 -10.10 34.03 58.99
CA LEU C 90 -9.03 34.91 59.52
C LEU C 90 -8.61 36.11 58.64
N GLY C 91 -8.89 36.04 57.35
CA GLY C 91 -8.26 36.93 56.39
C GLY C 91 -6.77 36.68 56.23
N PRO C 92 -6.18 37.32 55.22
CA PRO C 92 -4.86 36.95 54.77
C PRO C 92 -3.70 37.30 55.71
N LYS C 93 -3.76 38.44 56.38
CA LYS C 93 -2.69 38.76 57.33
C LYS C 93 -2.71 37.63 58.35
N LYS C 94 -3.84 37.45 59.06
CA LYS C 94 -3.89 36.46 60.16
C LYS C 94 -3.54 35.05 59.60
N PHE C 95 -4.01 34.71 58.39
CA PHE C 95 -3.70 33.40 57.84
C PHE C 95 -2.18 33.22 57.54
N GLY C 96 -1.51 34.30 57.14
CA GLY C 96 -0.08 34.28 56.97
C GLY C 96 0.64 33.95 58.26
N GLU C 97 0.23 34.60 59.35
CA GLU C 97 0.75 34.30 60.67
C GLU C 97 0.42 32.88 61.05
N TRP C 98 -0.75 32.37 60.70
CA TRP C 98 -1.04 30.98 60.97
C TRP C 98 -0.10 30.06 60.24
N MET C 99 0.25 30.36 58.99
CA MET C 99 1.21 29.52 58.25
C MET C 99 2.58 29.51 58.90
N ARG C 100 2.99 30.72 59.24
CA ARG C 100 4.27 30.94 59.84
C ARG C 100 4.42 30.05 61.07
N ASN C 101 3.47 30.15 61.99
CA ASN C 101 3.60 29.39 63.23
C ASN C 101 3.40 27.93 63.02
N GLU C 102 2.79 27.54 61.93
CA GLU C 102 2.53 26.16 61.70
C GLU C 102 3.84 25.39 61.56
N LYS C 103 3.91 24.32 62.35
CA LYS C 103 5.08 23.46 62.55
C LYS C 103 5.24 22.48 61.44
N ARG C 104 4.21 21.72 61.11
CA ARG C 104 4.30 20.78 59.99
C ARG C 104 4.63 21.61 58.74
N VAL C 105 5.21 20.96 57.74
CA VAL C 105 5.38 21.64 56.47
C VAL C 105 4.07 21.59 55.64
N LEU C 106 3.72 22.72 55.03
CA LEU C 106 2.53 22.80 54.19
C LEU C 106 2.94 22.48 52.72
N LEU C 107 2.04 21.84 51.98
CA LEU C 107 2.28 21.37 50.63
C LEU C 107 1.31 22.01 49.65
N THR C 108 1.86 22.42 48.52
CA THR C 108 1.07 22.85 47.40
C THR C 108 1.24 21.89 46.24
N ASP C 109 0.16 21.34 45.76
CA ASP C 109 0.16 20.49 44.56
C ASP C 109 0.10 21.33 43.28
N THR C 110 1.07 21.12 42.41
CA THR C 110 1.16 21.83 41.13
C THR C 110 0.70 21.02 39.93
N THR C 111 0.24 19.80 40.13
CA THR C 111 -0.07 18.90 39.01
C THR C 111 -1.08 19.54 38.04
N MET C 112 -2.00 20.30 38.58
CA MET C 112 -3.07 20.86 37.79
C MET C 112 -2.63 22.05 36.96
N ARG C 113 -1.44 22.58 37.20
CA ARG C 113 -0.94 23.74 36.44
C ARG C 113 0.50 23.54 35.98
N ASP C 114 1.48 23.76 36.84
CA ASP C 114 2.84 23.69 36.38
C ASP C 114 3.24 22.34 35.88
N GLY C 115 2.76 21.28 36.52
CA GLY C 115 3.17 19.92 36.11
C GLY C 115 2.93 19.61 34.62
N HIS C 116 1.73 19.86 34.11
CA HIS C 116 1.45 19.54 32.73
C HIS C 116 1.98 20.68 31.85
N GLN C 117 2.07 21.89 32.38
CA GLN C 117 2.72 22.98 31.62
C GLN C 117 4.15 22.63 31.29
N SER C 118 4.80 21.96 32.22
CA SER C 118 6.19 21.62 32.08
C SER C 118 6.40 20.36 31.32
N LEU C 119 5.46 19.40 31.37
CA LEU C 119 5.68 18.15 30.61
C LEU C 119 4.78 17.93 29.39
N LEU C 120 3.61 18.57 29.30
CA LEU C 120 2.65 18.29 28.24
C LEU C 120 2.25 19.57 27.52
N ALA C 121 3.15 20.52 27.54
CA ALA C 121 2.92 21.80 26.89
C ALA C 121 1.56 22.40 27.31
N THR C 122 1.20 22.21 28.55
CA THR C 122 -0.01 22.81 29.09
C THR C 122 -1.27 22.33 28.44
N ARG C 123 -1.26 21.13 27.88
CA ARG C 123 -2.42 20.70 27.13
C ARG C 123 -3.46 19.95 27.94
N MET C 124 -3.19 19.72 29.22
CA MET C 124 -4.19 19.08 30.04
C MET C 124 -5.57 19.80 29.99
N ARG C 125 -6.65 19.01 29.93
CA ARG C 125 -7.99 19.55 29.80
C ARG C 125 -8.82 19.57 31.09
N THR C 126 -9.67 20.57 31.17
CA THR C 126 -10.67 20.71 32.21
C THR C 126 -11.31 19.39 32.59
N TYR C 127 -11.68 18.58 31.60
CA TYR C 127 -12.37 17.34 31.89
C TYR C 127 -11.58 16.45 32.82
N ASP C 128 -10.27 16.36 32.62
CA ASP C 128 -9.46 15.44 33.42
C ASP C 128 -9.12 16.06 34.73
N ILE C 129 -8.99 17.39 34.72
CA ILE C 129 -8.63 18.16 35.91
C ILE C 129 -9.77 18.32 36.95
N ALA C 130 -10.93 18.80 36.50
CA ALA C 130 -12.08 18.91 37.38
C ALA C 130 -12.53 17.58 37.97
N ARG C 131 -12.38 16.47 37.26
CA ARG C 131 -12.93 15.19 37.71
C ARG C 131 -12.24 14.64 38.95
N ILE C 132 -11.06 15.20 39.25
CA ILE C 132 -10.28 14.72 40.37
C ILE C 132 -10.28 15.70 41.54
N ALA C 133 -10.76 16.93 41.32
CA ALA C 133 -10.83 17.90 42.41
C ALA C 133 -11.46 17.40 43.70
N GLY C 134 -12.57 16.69 43.56
CA GLY C 134 -13.32 16.17 44.68
C GLY C 134 -12.58 15.13 45.48
N THR C 135 -11.80 14.31 44.82
CA THR C 135 -10.98 13.31 45.46
C THR C 135 -9.88 13.95 46.31
N TYR C 136 -9.29 15.01 45.79
CA TYR C 136 -8.36 15.83 46.56
C TYR C 136 -9.09 16.36 47.79
N SER C 137 -10.28 16.90 47.56
CA SER C 137 -10.97 17.61 48.63
C SER C 137 -11.24 16.64 49.76
N HIS C 138 -11.65 15.42 49.44
CA HIS C 138 -11.96 14.39 50.47
C HIS C 138 -10.75 13.70 51.05
N ALA C 139 -9.74 13.46 50.24
CA ALA C 139 -8.64 12.57 50.58
C ALA C 139 -7.42 13.27 51.10
N LEU C 140 -7.18 14.50 50.66
CA LEU C 140 -6.00 15.26 51.10
C LEU C 140 -6.44 16.68 51.57
N PRO C 141 -7.26 16.75 52.60
CA PRO C 141 -7.76 18.01 53.06
C PRO C 141 -6.76 18.86 53.82
N ASN C 142 -5.61 18.32 54.22
CA ASN C 142 -4.52 19.12 54.77
C ASN C 142 -3.67 19.95 53.72
N LEU C 143 -3.80 19.72 52.43
CA LEU C 143 -2.98 20.48 51.48
C LEU C 143 -3.17 21.95 51.73
N LEU C 144 -2.12 22.74 51.54
CA LEU C 144 -2.28 24.18 51.62
C LEU C 144 -3.14 24.64 50.45
N SER C 145 -2.75 24.21 49.25
CA SER C 145 -3.39 24.71 48.08
C SER C 145 -3.21 23.82 46.89
N LEU C 146 -4.03 24.06 45.88
CA LEU C 146 -3.84 23.45 44.57
C LEU C 146 -3.44 24.57 43.60
N GLU C 147 -2.27 24.40 42.99
CA GLU C 147 -1.89 25.33 41.98
C GLU C 147 -2.58 24.80 40.78
N CYS C 148 -3.60 25.53 40.31
CA CYS C 148 -4.48 25.03 39.26
C CYS C 148 -4.92 26.08 38.26
N TRP C 149 -4.24 27.21 38.16
CA TRP C 149 -4.70 28.28 37.29
C TRP C 149 -3.59 29.29 37.00
N GLY C 150 -3.82 30.17 36.05
CA GLY C 150 -2.76 31.07 35.60
C GLY C 150 -1.63 30.39 34.85
N GLY C 151 -0.47 31.03 34.84
CA GLY C 151 0.61 30.60 33.99
C GLY C 151 0.11 30.52 32.56
N ALA C 152 0.51 29.51 31.83
CA ALA C 152 0.04 29.32 30.45
C ALA C 152 -1.39 28.76 30.29
N THR C 153 -2.01 28.32 31.35
CA THR C 153 -3.25 27.64 31.17
C THR C 153 -4.26 28.60 30.58
N PHE C 154 -4.17 29.87 30.93
CA PHE C 154 -5.24 30.79 30.54
C PHE C 154 -5.27 30.89 29.01
N ASP C 155 -4.08 31.08 28.47
CA ASP C 155 -3.89 31.19 27.06
C ASP C 155 -4.19 29.84 26.40
N VAL C 156 -3.38 28.84 26.70
CA VAL C 156 -3.46 27.55 26.04
C VAL C 156 -4.88 26.95 26.09
N SER C 157 -5.60 27.09 27.22
CA SER C 157 -6.95 26.55 27.37
C SER C 157 -7.85 26.99 26.21
N MET C 158 -7.87 28.28 25.92
CA MET C 158 -8.62 28.78 24.73
C MET C 158 -7.97 28.41 23.42
N ARG C 159 -6.76 28.89 23.20
CA ARG C 159 -6.12 28.84 21.87
C ARG C 159 -5.85 27.43 21.28
N PHE C 160 -5.67 26.41 22.12
CA PHE C 160 -5.39 25.06 21.67
C PHE C 160 -6.35 23.98 22.17
N LEU C 161 -7.16 24.26 23.20
CA LEU C 161 -8.12 23.30 23.74
C LEU C 161 -9.59 23.64 23.64
N THR C 162 -9.93 24.81 23.09
CA THR C 162 -11.32 25.27 22.90
C THR C 162 -12.19 25.24 24.17
N GLU C 163 -11.60 25.63 25.29
CA GLU C 163 -12.33 25.67 26.52
C GLU C 163 -11.96 26.89 27.33
N ASP C 164 -12.84 27.24 28.25
CA ASP C 164 -12.82 28.50 28.95
C ASP C 164 -12.17 28.26 30.29
N PRO C 165 -11.08 29.01 30.60
CA PRO C 165 -10.38 28.84 31.87
C PRO C 165 -11.22 29.21 33.07
N TRP C 166 -12.22 30.08 32.87
CA TRP C 166 -13.05 30.48 34.04
C TRP C 166 -13.95 29.30 34.36
N GLU C 167 -14.51 28.66 33.35
CA GLU C 167 -15.27 27.45 33.57
C GLU C 167 -14.40 26.44 34.31
N ARG C 168 -13.13 26.35 33.92
CA ARG C 168 -12.24 25.41 34.61
C ARG C 168 -12.11 25.72 36.10
N LEU C 169 -11.90 26.99 36.43
CA LEU C 169 -11.70 27.38 37.83
C LEU C 169 -12.98 27.14 38.63
N ALA C 170 -14.12 27.35 38.00
CA ALA C 170 -15.38 27.20 38.70
C ALA C 170 -15.61 25.73 39.01
N LEU C 171 -15.34 24.90 38.02
CA LEU C 171 -15.47 23.46 38.25
C LEU C 171 -14.54 23.03 39.41
N ILE C 172 -13.32 23.57 39.48
CA ILE C 172 -12.39 23.21 40.54
C ILE C 172 -12.87 23.73 41.89
N ARG C 173 -13.22 25.00 41.97
CA ARG C 173 -13.90 25.55 43.15
C ARG C 173 -15.03 24.63 43.67
N GLU C 174 -15.90 24.15 42.78
CA GLU C 174 -17.07 23.40 43.24
C GLU C 174 -16.56 22.11 43.89
N GLY C 175 -15.61 21.41 43.26
CA GLY C 175 -15.10 20.11 43.78
C GLY C 175 -14.22 20.21 45.02
N ALA C 176 -13.56 21.36 45.26
CA ALA C 176 -12.65 21.52 46.42
C ALA C 176 -12.88 22.78 47.21
N PRO C 177 -14.04 22.90 47.87
CA PRO C 177 -14.37 24.08 48.62
C PRO C 177 -13.60 24.18 49.91
N ASN C 178 -12.76 23.19 50.21
CA ASN C 178 -12.01 23.20 51.46
C ASN C 178 -10.53 23.58 51.29
N LEU C 179 -10.06 23.61 50.04
CA LEU C 179 -8.64 23.89 49.74
C LEU C 179 -8.46 25.23 49.07
N LEU C 180 -7.36 25.91 49.38
CA LEU C 180 -7.10 27.17 48.75
C LEU C 180 -6.81 26.84 47.33
N LEU C 181 -7.29 27.66 46.41
CA LEU C 181 -6.88 27.56 45.04
C LEU C 181 -5.88 28.65 44.70
N GLN C 182 -4.82 28.24 44.00
CA GLN C 182 -3.68 29.09 43.77
C GLN C 182 -3.41 29.30 42.30
N MET C 183 -3.10 30.54 41.93
CA MET C 183 -2.70 30.80 40.56
C MET C 183 -1.29 31.37 40.52
N LEU C 184 -0.63 31.21 39.38
CA LEU C 184 0.54 31.98 39.08
C LEU C 184 0.13 33.22 38.29
N LEU C 185 0.51 34.39 38.80
CA LEU C 185 0.24 35.66 38.15
C LEU C 185 1.54 36.35 37.80
N ARG C 186 1.69 36.78 36.55
CA ARG C 186 2.97 37.33 36.15
C ARG C 186 3.09 38.84 36.30
N GLY C 187 2.62 39.35 37.43
CA GLY C 187 2.86 40.72 37.85
C GLY C 187 2.15 41.66 36.92
N ALA C 188 2.87 42.65 36.42
CA ALA C 188 2.32 43.55 35.42
C ALA C 188 2.00 42.82 34.12
N ASN C 189 2.63 41.65 33.93
CA ASN C 189 2.36 40.85 32.74
C ASN C 189 1.05 40.09 32.82
N GLY C 190 0.37 40.14 33.97
CA GLY C 190 -0.87 39.39 34.13
C GLY C 190 -0.67 37.90 33.83
N VAL C 191 -1.47 37.36 32.92
CA VAL C 191 -1.29 36.00 32.40
C VAL C 191 -0.92 36.10 30.93
N GLY C 192 -0.25 37.20 30.56
CA GLY C 192 0.11 37.51 29.18
C GLY C 192 1.61 37.56 29.02
N TYR C 193 2.09 38.18 27.92
CA TYR C 193 3.54 38.18 27.58
C TYR C 193 4.24 39.56 27.68
N THR C 194 3.47 40.56 28.02
CA THR C 194 4.01 41.92 28.14
C THR C 194 3.20 42.70 29.18
N ASN C 195 3.73 43.85 29.58
CA ASN C 195 3.04 44.74 30.52
C ASN C 195 1.76 45.40 30.00
N TYR C 196 0.71 45.26 30.80
CA TYR C 196 -0.62 45.75 30.52
C TYR C 196 -0.78 47.05 31.30
N PRO C 197 -1.68 47.93 30.83
CA PRO C 197 -2.00 49.07 31.66
C PRO C 197 -2.62 48.62 32.97
N ASP C 198 -2.63 49.50 33.95
CA ASP C 198 -2.99 49.18 35.33
C ASP C 198 -4.47 48.87 35.55
N ASN C 199 -5.36 49.64 34.95
CA ASN C 199 -6.77 49.31 35.06
C ASN C 199 -7.02 47.86 34.60
N VAL C 200 -6.29 47.42 33.58
CA VAL C 200 -6.39 46.02 33.07
C VAL C 200 -5.93 44.95 34.08
N VAL C 201 -4.75 45.13 34.63
CA VAL C 201 -4.29 44.26 35.68
C VAL C 201 -5.31 44.26 36.82
N LYS C 202 -5.81 45.42 37.21
CA LYS C 202 -6.72 45.47 38.35
C LYS C 202 -8.00 44.71 38.00
N TYR C 203 -8.52 44.93 36.80
CA TYR C 203 -9.78 44.31 36.45
C TYR C 203 -9.60 42.80 36.41
N PHE C 204 -8.47 42.35 35.86
CA PHE C 204 -8.15 40.94 35.88
C PHE C 204 -8.08 40.36 37.27
N VAL C 205 -7.33 41.00 38.15
CA VAL C 205 -7.19 40.44 39.48
C VAL C 205 -8.57 40.32 40.18
N ARG C 206 -9.38 41.38 40.09
CA ARG C 206 -10.70 41.38 40.72
C ARG C 206 -11.50 40.19 40.20
N GLN C 207 -11.41 39.92 38.90
CA GLN C 207 -12.13 38.79 38.34
C GLN C 207 -11.55 37.45 38.83
N ALA C 208 -10.24 37.36 38.85
CA ALA C 208 -9.61 36.14 39.26
C ALA C 208 -10.12 35.78 40.65
N ALA C 209 -10.25 36.78 41.50
CA ALA C 209 -10.71 36.59 42.88
C ALA C 209 -12.18 36.17 42.94
N LYS C 210 -13.03 36.86 42.18
CA LYS C 210 -14.46 36.60 42.14
C LYS C 210 -14.65 35.18 41.63
N GLY C 211 -13.84 34.76 40.69
CA GLY C 211 -14.03 33.46 40.08
C GLY C 211 -13.50 32.29 40.89
N GLY C 212 -12.67 32.55 41.91
CA GLY C 212 -12.34 31.51 42.91
C GLY C 212 -10.88 31.34 43.31
N ILE C 213 -10.01 32.24 42.85
CA ILE C 213 -8.62 32.23 43.29
C ILE C 213 -8.51 32.78 44.71
N ASP C 214 -7.84 32.02 45.57
CA ASP C 214 -7.59 32.46 46.95
C ASP C 214 -6.18 32.91 47.13
N LEU C 215 -5.25 32.30 46.40
CA LEU C 215 -3.87 32.56 46.68
C LEU C 215 -3.16 32.93 45.39
N PHE C 216 -2.65 34.16 45.31
CA PHE C 216 -1.98 34.62 44.10
C PHE C 216 -0.49 34.55 44.32
N ARG C 217 0.20 33.61 43.70
CA ARG C 217 1.66 33.73 43.60
C ARG C 217 2.00 34.75 42.53
N VAL C 218 2.51 35.90 42.90
CA VAL C 218 2.74 36.92 41.88
C VAL C 218 4.20 37.22 41.79
N PHE C 219 4.70 37.30 40.57
CA PHE C 219 6.11 37.49 40.31
C PHE C 219 6.35 38.51 39.19
N ASP C 220 7.47 39.22 39.26
CA ASP C 220 7.94 40.06 38.15
C ASP C 220 9.18 39.42 37.52
N CYS C 221 9.24 39.38 36.20
CA CYS C 221 10.34 38.67 35.51
C CYS C 221 11.73 39.32 35.69
N LEU C 222 11.80 40.54 36.23
CA LEU C 222 13.10 41.13 36.60
C LEU C 222 13.29 41.33 38.11
N ASN C 223 12.39 40.73 38.90
CA ASN C 223 12.31 40.94 40.33
C ASN C 223 12.34 42.45 40.67
N TRP C 224 11.69 43.27 39.83
CA TRP C 224 11.53 44.68 40.08
C TRP C 224 10.31 44.96 40.98
N VAL C 225 10.56 45.20 42.26
CA VAL C 225 9.48 45.34 43.21
C VAL C 225 8.53 46.46 42.82
N GLU C 226 9.04 47.59 42.37
CA GLU C 226 8.17 48.70 42.01
C GLU C 226 7.11 48.27 40.98
N ASN C 227 7.49 47.38 40.08
CA ASN C 227 6.60 46.87 39.03
C ASN C 227 5.62 45.80 39.53
N MET C 228 5.75 45.39 40.80
CA MET C 228 4.82 44.42 41.43
C MET C 228 3.69 45.08 42.26
N ARG C 229 3.78 46.39 42.49
CA ARG C 229 2.87 47.01 43.46
C ARG C 229 1.41 47.08 42.99
N VAL C 230 1.20 47.37 41.71
CA VAL C 230 -0.18 47.41 41.22
C VAL C 230 -0.86 46.05 41.46
N SER C 231 -0.11 44.96 41.26
CA SER C 231 -0.69 43.62 41.43
C SER C 231 -0.91 43.31 42.88
N MET C 232 0.11 43.50 43.69
CA MET C 232 0.01 43.25 45.14
C MET C 232 -1.11 44.07 45.80
N ASP C 233 -1.19 45.36 45.52
CA ASP C 233 -2.25 46.16 46.13
C ASP C 233 -3.61 45.58 45.71
N ALA C 234 -3.75 45.24 44.43
CA ALA C 234 -5.03 44.75 43.93
C ALA C 234 -5.44 43.41 44.55
N ILE C 235 -4.48 42.53 44.80
CA ILE C 235 -4.79 41.31 45.49
C ILE C 235 -5.28 41.61 46.91
N ALA C 236 -4.60 42.52 47.56
CA ALA C 236 -4.97 42.88 48.90
C ALA C 236 -6.32 43.59 48.95
N GLU C 237 -6.65 44.38 47.95
CA GLU C 237 -7.95 45.11 47.94
C GLU C 237 -9.09 44.08 47.80
N GLU C 238 -8.75 42.89 47.32
CA GLU C 238 -9.71 41.80 47.15
C GLU C 238 -9.72 40.87 48.33
N ASN C 239 -8.92 41.22 49.32
CA ASN C 239 -8.78 40.42 50.55
C ASN C 239 -8.40 38.94 50.28
N LYS C 240 -7.46 38.70 49.35
CA LYS C 240 -6.99 37.35 49.09
C LYS C 240 -5.51 37.35 49.42
N LEU C 241 -4.86 36.20 49.36
CA LEU C 241 -3.45 36.07 49.74
C LEU C 241 -2.52 36.50 48.63
N CYS C 242 -1.64 37.44 48.92
CA CYS C 242 -0.71 37.96 47.94
C CYS C 242 0.62 37.36 48.26
N GLU C 243 1.02 36.32 47.53
CA GLU C 243 2.25 35.62 47.80
C GLU C 243 3.24 36.17 46.81
N ALA C 244 4.05 37.13 47.26
CA ALA C 244 4.94 37.83 46.36
C ALA C 244 6.12 36.95 46.25
N ALA C 245 6.54 36.70 45.02
CA ALA C 245 7.63 35.81 44.73
C ALA C 245 8.92 36.56 44.39
N ILE C 246 10.03 36.02 44.86
CA ILE C 246 11.35 36.36 44.40
C ILE C 246 11.90 35.24 43.55
N CYS C 247 12.30 35.55 42.31
CA CYS C 247 12.77 34.51 41.40
C CYS C 247 14.22 34.24 41.68
N TYR C 248 14.61 32.98 41.70
CA TYR C 248 15.99 32.60 42.05
C TYR C 248 16.77 32.34 40.80
N THR C 249 17.97 32.90 40.71
CA THR C 249 18.86 32.68 39.60
C THR C 249 20.25 32.77 40.13
N GLY C 250 21.24 32.23 39.41
CA GLY C 250 22.61 32.06 39.90
C GLY C 250 22.84 31.07 41.04
N ASP C 251 23.66 31.50 41.99
CA ASP C 251 24.21 30.67 43.05
C ASP C 251 24.78 31.62 44.07
N ILE C 252 24.00 31.83 45.13
CA ILE C 252 24.40 32.64 46.28
C ILE C 252 25.71 32.16 46.94
N LEU C 253 26.01 30.86 46.89
CA LEU C 253 27.28 30.31 47.44
C LEU C 253 28.49 30.36 46.52
N ASN C 254 28.29 30.93 45.33
CA ASN C 254 29.39 31.23 44.42
C ASN C 254 29.75 32.72 44.42
N SER C 255 30.79 33.04 45.16
CA SER C 255 31.23 34.43 45.28
C SER C 255 31.67 35.00 43.92
N ALA C 256 32.11 34.14 43.02
CA ALA C 256 32.44 34.64 41.71
C ALA C 256 31.20 35.07 40.92
N ARG C 257 30.03 35.15 41.56
CA ARG C 257 28.88 35.74 40.90
C ARG C 257 28.11 36.62 41.88
N PRO C 258 28.75 37.67 42.41
CA PRO C 258 28.15 38.38 43.56
C PRO C 258 26.79 39.06 43.32
N LYS C 259 26.42 39.30 42.08
CA LYS C 259 25.22 40.09 41.78
C LYS C 259 24.02 39.51 42.53
N TYR C 260 23.91 38.17 42.52
CA TYR C 260 22.82 37.41 43.08
C TYR C 260 23.27 36.69 44.36
N ASP C 261 23.59 37.46 45.39
CA ASP C 261 24.10 36.92 46.68
C ASP C 261 23.04 36.83 47.74
N LEU C 262 23.36 36.25 48.88
CA LEU C 262 22.31 36.11 49.91
C LEU C 262 21.53 37.42 50.21
N LYS C 263 22.21 38.56 50.19
CA LYS C 263 21.59 39.83 50.61
C LYS C 263 20.59 40.28 49.55
N TYR C 264 20.86 39.95 48.30
CA TYR C 264 19.97 40.32 47.21
C TYR C 264 18.58 39.79 47.53
N TYR C 265 18.51 38.52 47.94
CA TYR C 265 17.22 37.91 48.26
C TYR C 265 16.68 38.40 49.59
N THR C 266 17.53 38.56 50.60
CA THR C 266 16.94 38.93 51.90
C THR C 266 16.35 40.33 51.84
N ASN C 267 16.91 41.19 50.99
CA ASN C 267 16.46 42.59 50.87
C ASN C 267 15.17 42.69 50.12
N LEU C 268 14.99 41.82 49.15
CA LEU C 268 13.82 41.84 48.34
C LEU C 268 12.68 41.38 49.21
N ALA C 269 12.96 40.37 50.04
CA ALA C 269 11.98 39.84 50.96
C ALA C 269 11.49 40.93 51.90
N VAL C 270 12.44 41.70 52.47
CA VAL C 270 12.09 42.85 53.30
C VAL C 270 11.31 43.87 52.45
N GLU C 271 11.78 44.15 51.24
CA GLU C 271 11.10 45.16 50.38
C GLU C 271 9.68 44.66 50.03
N LEU C 272 9.53 43.38 49.75
CA LEU C 272 8.18 42.84 49.50
C LEU C 272 7.25 42.81 50.72
N GLU C 273 7.79 42.54 51.92
CA GLU C 273 7.01 42.63 53.16
C GLU C 273 6.47 44.02 53.33
N LYS C 274 7.32 45.04 53.09
CA LYS C 274 6.91 46.45 53.26
C LYS C 274 5.89 46.85 52.17
N ALA C 275 5.86 46.15 51.05
CA ALA C 275 4.85 46.40 50.00
C ALA C 275 3.51 45.62 50.17
N GLY C 276 3.40 44.88 51.28
CA GLY C 276 2.11 44.26 51.64
C GLY C 276 1.96 42.79 51.33
N ALA C 277 3.05 42.10 51.04
CA ALA C 277 2.91 40.71 50.77
C ALA C 277 2.43 40.04 52.05
N HIS C 278 1.55 39.05 51.90
CA HIS C 278 1.17 38.15 52.99
C HIS C 278 2.13 36.96 53.08
N ILE C 279 2.72 36.56 51.96
CA ILE C 279 3.63 35.40 51.92
C ILE C 279 4.78 35.75 50.99
N ILE C 280 5.99 35.33 51.29
CA ILE C 280 7.07 35.45 50.34
C ILE C 280 7.28 34.13 49.69
N ALA C 281 7.41 34.10 48.37
CA ALA C 281 7.84 32.89 47.72
C ALA C 281 9.24 33.02 47.16
N VAL C 282 9.94 31.89 47.08
CA VAL C 282 11.16 31.81 46.34
C VAL C 282 10.76 30.97 45.16
N KCX C 283 10.77 31.56 43.97
CA KCX C 283 10.41 30.85 42.78
CB KCX C 283 9.62 31.76 41.85
CG KCX C 283 8.93 30.95 40.75
CD KCX C 283 8.02 31.84 39.92
CE KCX C 283 6.97 31.02 39.18
NZ KCX C 283 7.55 30.16 38.17
C KCX C 283 11.71 30.49 42.15
O KCX C 283 12.50 31.38 41.75
CX KCX C 283 7.21 28.88 38.05
OQ1 KCX C 283 8.00 28.02 37.73
OQ2 KCX C 283 5.94 28.53 38.29
N ASP C 284 11.96 29.20 42.07
CA ASP C 284 13.16 28.68 41.45
C ASP C 284 12.72 28.05 40.15
N MET C 285 12.48 28.89 39.15
CA MET C 285 11.82 28.48 37.91
C MET C 285 12.66 27.56 37.08
N ALA C 286 13.99 27.71 37.15
CA ALA C 286 14.86 26.80 36.39
C ALA C 286 15.38 25.67 37.24
N GLY C 287 14.96 25.62 38.50
CA GLY C 287 15.47 24.55 39.37
C GLY C 287 16.93 24.70 39.73
N LEU C 288 17.37 25.92 39.96
CA LEU C 288 18.79 26.19 40.10
C LEU C 288 19.25 26.15 41.54
N LEU C 289 18.33 26.25 42.49
CA LEU C 289 18.74 26.21 43.89
C LEU C 289 19.28 24.86 44.32
N LYS C 290 20.49 24.92 44.86
CA LYS C 290 21.13 23.74 45.37
C LYS C 290 20.88 23.58 46.87
N PRO C 291 20.92 22.33 47.38
CA PRO C 291 20.66 22.01 48.81
C PRO C 291 21.37 22.85 49.85
N ALA C 292 22.71 22.94 49.79
CA ALA C 292 23.44 23.75 50.71
C ALA C 292 22.99 25.21 50.61
N ALA C 293 22.65 25.70 49.41
CA ALA C 293 22.14 27.08 49.36
C ALA C 293 20.75 27.22 50.00
N ALA C 294 19.91 26.20 49.89
CA ALA C 294 18.64 26.23 50.58
C ALA C 294 18.82 26.36 52.08
N LYS C 295 19.77 25.63 52.65
CA LYS C 295 19.98 25.58 54.13
C LYS C 295 20.30 26.99 54.60
N VAL C 296 21.03 27.74 53.79
CA VAL C 296 21.39 29.11 54.10
C VAL C 296 20.24 30.06 53.81
N LEU C 297 19.68 29.98 52.61
CA LEU C 297 18.65 30.94 52.16
C LEU C 297 17.44 30.95 53.06
N PHE C 298 17.02 29.76 53.49
CA PHE C 298 15.80 29.62 54.26
C PHE C 298 15.97 29.91 55.75
N LYS C 299 17.09 29.56 56.39
CA LYS C 299 17.42 30.14 57.74
C LYS C 299 17.36 31.68 57.64
N ALA C 300 17.94 32.24 56.59
CA ALA C 300 18.08 33.72 56.47
C ALA C 300 16.77 34.42 56.25
N LEU C 301 16.01 33.98 55.24
CA LEU C 301 14.73 34.61 54.90
C LEU C 301 13.80 34.70 56.10
N ARG C 302 13.76 33.63 56.85
CA ARG C 302 12.95 33.57 58.05
C ARG C 302 13.38 34.60 59.12
N GLU C 303 14.68 34.78 59.32
CA GLU C 303 15.18 35.86 60.15
C GLU C 303 14.93 37.24 59.54
N ALA C 304 14.92 37.40 58.22
CA ALA C 304 14.84 38.75 57.64
C ALA C 304 13.40 39.32 57.59
N THR C 305 12.42 38.46 57.33
CA THR C 305 11.01 38.84 57.35
C THR C 305 10.21 37.96 58.30
N GLY C 306 9.15 38.54 58.85
CA GLY C 306 8.19 37.82 59.68
C GLY C 306 7.14 37.02 58.90
N LEU C 307 7.17 37.13 57.58
CA LEU C 307 6.17 36.55 56.71
C LEU C 307 6.50 35.10 56.47
N PRO C 308 5.50 34.27 56.22
CA PRO C 308 5.87 32.90 55.92
C PRO C 308 6.52 32.77 54.55
N ILE C 309 7.25 31.68 54.35
CA ILE C 309 7.98 31.48 53.11
C ILE C 309 7.51 30.21 52.41
N HIS C 310 7.46 30.30 51.08
CA HIS C 310 6.91 29.26 50.24
C HIS C 310 7.85 29.00 49.07
N PHE C 311 8.28 27.77 48.95
CA PHE C 311 9.35 27.44 48.04
C PHE C 311 8.86 26.62 46.84
N HIS C 312 9.18 27.08 45.63
CA HIS C 312 8.75 26.42 44.38
C HIS C 312 9.98 26.16 43.52
N THR C 313 10.23 24.90 43.19
CA THR C 313 11.33 24.56 42.25
C THR C 313 10.94 23.54 41.16
N HIS C 314 11.89 23.30 40.25
CA HIS C 314 11.74 22.35 39.12
C HIS C 314 12.92 21.37 39.25
N ASP C 315 12.74 20.15 38.76
CA ASP C 315 13.65 19.03 39.00
C ASP C 315 14.51 18.67 37.79
N THR C 316 14.75 19.64 36.92
CA THR C 316 15.49 19.47 35.69
C THR C 316 16.84 18.88 35.99
N SER C 317 17.38 19.23 37.17
CA SER C 317 18.71 18.76 37.61
C SER C 317 18.73 17.31 38.10
N GLY C 318 17.56 16.76 38.42
CA GLY C 318 17.47 15.48 39.08
C GLY C 318 17.80 15.46 40.56
N ILE C 319 17.91 16.62 41.21
CA ILE C 319 18.22 16.63 42.62
C ILE C 319 17.34 17.58 43.36
N ALA C 320 16.22 18.00 42.78
CA ALA C 320 15.51 19.12 43.41
C ALA C 320 14.80 18.71 44.70
N ALA C 321 14.59 17.41 44.90
CA ALA C 321 13.90 16.98 46.09
C ALA C 321 14.82 17.21 47.18
N ALA C 322 16.11 17.09 46.89
CA ALA C 322 17.10 17.28 47.97
C ALA C 322 17.01 18.73 48.39
N THR C 323 16.87 19.62 47.43
CA THR C 323 16.73 21.04 47.77
C THR C 323 15.46 21.32 48.61
N VAL C 324 14.33 20.68 48.25
CA VAL C 324 13.10 20.84 49.01
C VAL C 324 13.30 20.32 50.43
N LEU C 325 13.93 19.14 50.58
CA LEU C 325 14.08 18.60 51.93
C LEU C 325 14.98 19.48 52.77
N ALA C 326 16.02 20.03 52.18
CA ALA C 326 16.88 20.97 52.87
C ALA C 326 16.07 22.21 53.25
N ALA C 327 15.19 22.63 52.36
CA ALA C 327 14.36 23.80 52.62
C ALA C 327 13.46 23.54 53.78
N VAL C 328 12.96 22.31 53.86
CA VAL C 328 12.15 21.89 55.02
C VAL C 328 12.96 21.82 56.34
N GLU C 329 14.11 21.17 56.26
CA GLU C 329 14.97 21.02 57.42
C GLU C 329 15.33 22.41 57.97
N ALA C 330 15.35 23.44 57.13
CA ALA C 330 15.69 24.82 57.53
C ALA C 330 14.47 25.75 57.81
N GLY C 331 13.29 25.19 58.01
CA GLY C 331 12.15 26.00 58.42
C GLY C 331 11.32 26.70 57.37
N VAL C 332 11.41 26.29 56.14
CA VAL C 332 10.49 26.88 55.16
C VAL C 332 9.07 26.47 55.57
N ASP C 333 8.11 27.34 55.33
CA ASP C 333 6.75 27.05 55.73
C ASP C 333 5.93 26.18 54.74
N ALA C 334 6.19 26.32 53.45
CA ALA C 334 5.49 25.51 52.48
C ALA C 334 6.38 25.25 51.30
N VAL C 335 6.15 24.10 50.67
CA VAL C 335 6.79 23.73 49.43
C VAL C 335 5.77 23.16 48.45
N ASP C 336 6.11 23.25 47.15
CA ASP C 336 5.31 22.78 46.03
C ASP C 336 5.88 21.44 45.55
N ALA C 337 5.02 20.51 45.15
CA ALA C 337 5.47 19.26 44.49
C ALA C 337 4.41 18.85 43.48
N ALA C 338 4.73 17.99 42.54
CA ALA C 338 3.71 17.41 41.70
C ALA C 338 3.46 15.93 41.99
N MET C 339 2.28 15.47 41.65
CA MET C 339 2.01 14.10 41.76
C MET C 339 3.04 13.27 40.99
N ASP C 340 3.39 12.14 41.54
CA ASP C 340 4.40 11.27 41.02
C ASP C 340 4.31 11.26 39.48
N ALA C 341 3.18 10.77 38.96
CA ALA C 341 2.97 10.60 37.52
C ALA C 341 3.21 11.81 36.63
N LEU C 342 3.32 13.00 37.21
CA LEU C 342 3.66 14.22 36.47
C LEU C 342 4.80 15.04 37.17
N SER C 343 5.78 14.36 37.72
CA SER C 343 6.87 15.00 38.40
C SER C 343 8.19 14.57 37.77
N GLY C 344 9.28 15.18 38.21
CA GLY C 344 10.55 14.82 37.69
C GLY C 344 10.83 15.64 36.47
N ASN C 345 12.06 15.52 35.99
CA ASN C 345 12.54 16.28 34.90
C ASN C 345 12.19 17.73 35.04
N THR C 346 11.59 18.31 34.00
CA THR C 346 11.23 19.72 33.98
C THR C 346 10.10 20.08 34.91
N SER C 347 9.44 19.11 35.55
CA SER C 347 8.30 19.43 36.44
C SER C 347 8.84 19.65 37.85
N GLN C 348 7.95 19.68 38.85
CA GLN C 348 8.35 19.65 40.27
C GLN C 348 8.87 18.29 40.69
N PRO C 349 9.53 18.23 41.82
CA PRO C 349 9.87 16.88 42.21
C PRO C 349 8.68 16.16 42.81
N CYS C 350 8.89 14.89 43.05
CA CYS C 350 7.88 13.95 43.39
C CYS C 350 7.20 14.15 44.74
N LEU C 351 5.91 14.44 44.72
CA LEU C 351 5.15 14.65 45.92
C LEU C 351 5.13 13.40 46.80
N GLY C 352 4.67 12.30 46.26
CA GLY C 352 4.70 11.05 47.01
C GLY C 352 6.00 10.74 47.74
N SER C 353 7.15 10.86 47.06
CA SER C 353 8.42 10.50 47.67
C SER C 353 8.91 11.57 48.68
N ILE C 354 8.66 12.82 48.39
CA ILE C 354 9.00 13.84 49.32
C ILE C 354 8.21 13.66 50.60
N VAL C 355 6.92 13.34 50.46
CA VAL C 355 6.10 13.11 51.64
C VAL C 355 6.61 11.92 52.39
N GLU C 356 7.02 10.91 51.65
CA GLU C 356 7.50 9.73 52.25
C GLU C 356 8.79 10.00 53.06
N ALA C 357 9.62 10.88 52.55
CA ALA C 357 10.90 11.15 53.20
C ALA C 357 10.65 11.86 54.49
N LEU C 358 9.52 12.54 54.58
CA LEU C 358 9.21 13.31 55.77
C LEU C 358 8.32 12.54 56.75
N SER C 359 7.84 11.37 56.39
CA SER C 359 6.82 10.75 57.21
C SER C 359 7.49 10.24 58.49
N GLY C 360 6.96 10.67 59.64
CA GLY C 360 7.59 10.46 60.93
C GLY C 360 8.42 11.62 61.46
N SER C 361 8.84 12.55 60.62
CA SER C 361 9.74 13.60 61.10
C SER C 361 8.94 14.63 61.84
N GLU C 362 9.61 15.47 62.62
CA GLU C 362 8.95 16.57 63.27
C GLU C 362 7.98 17.31 62.39
N ARG C 363 8.34 17.56 61.12
CA ARG C 363 7.55 18.44 60.27
C ARG C 363 6.76 17.62 59.30
N ASP C 364 6.63 16.33 59.57
CA ASP C 364 5.68 15.46 58.86
C ASP C 364 4.42 16.22 58.46
N PRO C 365 4.15 16.32 57.17
CA PRO C 365 3.00 17.05 56.64
C PRO C 365 1.65 16.42 56.79
N GLY C 366 1.60 15.17 57.25
CA GLY C 366 0.35 14.45 57.54
C GLY C 366 -0.62 14.26 56.37
N LEU C 367 -0.10 13.80 55.22
CA LEU C 367 -0.88 13.51 54.08
C LEU C 367 -0.79 12.03 53.87
N ASP C 368 -1.94 11.40 53.64
CA ASP C 368 -2.04 9.97 53.48
C ASP C 368 -1.32 9.54 52.16
N PRO C 369 -0.21 8.79 52.27
CA PRO C 369 0.57 8.39 51.06
C PRO C 369 -0.18 7.46 50.16
N ALA C 370 -1.11 6.69 50.74
CA ALA C 370 -1.86 5.79 49.89
C ALA C 370 -2.77 6.55 48.90
N TRP C 371 -3.29 7.68 49.35
CA TRP C 371 -4.19 8.45 48.54
C TRP C 371 -3.42 9.29 47.55
N ILE C 372 -2.26 9.80 48.00
CA ILE C 372 -1.32 10.37 47.06
C ILE C 372 -1.09 9.33 45.97
N ARG C 373 -0.79 8.10 46.33
CA ARG C 373 -0.58 7.11 45.27
C ARG C 373 -1.85 6.83 44.48
N ARG C 374 -3.00 6.77 45.11
CA ARG C 374 -4.22 6.48 44.32
C ARG C 374 -4.40 7.66 43.32
N ILE C 375 -4.18 8.88 43.77
CA ILE C 375 -4.45 10.00 42.91
C ILE C 375 -3.42 10.09 41.77
N SER C 376 -2.16 9.83 42.06
CA SER C 376 -1.17 9.69 41.03
C SER C 376 -1.51 8.58 40.00
N PHE C 377 -2.08 7.41 40.40
CA PHE C 377 -2.48 6.44 39.39
CA PHE C 377 -2.50 6.45 39.35
C PHE C 377 -3.53 7.06 38.42
N TYR C 378 -4.45 7.84 38.95
CA TYR C 378 -5.38 8.54 38.10
C TYR C 378 -4.64 9.46 37.13
N TRP C 379 -3.69 10.22 37.63
CA TRP C 379 -2.96 11.11 36.75
C TRP C 379 -2.15 10.35 35.71
N GLU C 380 -1.60 9.20 36.08
CA GLU C 380 -0.89 8.40 35.12
C GLU C 380 -1.82 8.02 33.95
N ALA C 381 -3.02 7.57 34.27
CA ALA C 381 -4.01 7.22 33.20
C ALA C 381 -4.37 8.43 32.40
N VAL C 382 -4.61 9.54 33.08
CA VAL C 382 -4.86 10.81 32.39
C VAL C 382 -3.76 11.19 31.43
N ARG C 383 -2.53 11.10 31.91
CA ARG C 383 -1.37 11.45 31.08
C ARG C 383 -1.21 10.63 29.83
N ASN C 384 -1.57 9.35 29.87
CA ASN C 384 -1.39 8.54 28.69
C ASN C 384 -2.27 9.02 27.59
N GLN C 385 -3.33 9.73 27.94
CA GLN C 385 -4.17 10.32 26.88
C GLN C 385 -3.45 11.38 26.06
N TYR C 386 -2.40 11.99 26.63
CA TYR C 386 -1.71 13.12 26.01
C TYR C 386 -0.36 12.75 25.37
N ALA C 387 -0.25 11.54 24.81
CA ALA C 387 0.98 11.13 24.10
C ALA C 387 1.39 12.09 23.01
N ALA C 388 0.43 12.71 22.34
CA ALA C 388 0.73 13.68 21.31
C ALA C 388 1.73 14.72 21.75
N PHE C 389 1.75 14.99 23.05
CA PHE C 389 2.42 16.12 23.61
C PHE C 389 3.62 15.74 24.51
N GLU C 390 4.01 14.46 24.60
CA GLU C 390 5.23 14.12 25.34
C GLU C 390 6.41 14.60 24.60
N SER C 391 7.44 14.99 25.32
CA SER C 391 8.67 15.40 24.72
C SER C 391 9.61 14.25 24.92
N ASP C 392 10.82 14.38 24.39
CA ASP C 392 11.79 13.30 24.43
C ASP C 392 12.87 13.47 25.52
N LEU C 393 12.58 14.24 26.56
CA LEU C 393 13.49 14.41 27.71
C LEU C 393 13.71 13.06 28.38
N LYS C 394 14.95 12.58 28.32
CA LYS C 394 15.25 11.29 28.93
C LYS C 394 15.39 11.40 30.44
N GLY C 395 15.82 12.55 30.93
CA GLY C 395 16.01 12.72 32.36
C GLY C 395 16.87 13.85 32.86
N PRO C 396 17.65 13.60 33.90
CA PRO C 396 18.23 14.76 34.58
C PRO C 396 19.37 15.40 33.80
N ALA C 397 19.59 16.69 33.99
CA ALA C 397 20.57 17.41 33.17
C ALA C 397 21.24 18.49 34.02
N SER C 398 22.47 18.23 34.45
CA SER C 398 23.20 19.21 35.21
C SER C 398 23.55 20.42 34.34
N GLU C 399 23.45 20.25 33.01
CA GLU C 399 23.51 21.34 32.07
C GLU C 399 22.63 22.54 32.42
N VAL C 400 21.53 22.33 33.17
CA VAL C 400 20.66 23.43 33.59
C VAL C 400 21.43 24.50 34.41
N TYR C 401 22.45 24.08 35.15
CA TYR C 401 23.31 25.04 35.86
C TYR C 401 24.06 25.93 34.91
N LEU C 402 24.31 25.48 33.69
CA LEU C 402 24.92 26.29 32.63
C LEU C 402 23.93 27.26 32.03
N HIS C 403 22.80 26.75 31.49
CA HIS C 403 21.88 27.58 30.70
C HIS C 403 20.83 28.31 31.49
N GLU C 404 20.43 27.77 32.63
CA GLU C 404 19.40 28.41 33.43
C GLU C 404 18.05 28.61 32.73
N MET C 405 17.68 27.71 31.82
CA MET C 405 16.40 27.82 31.14
C MET C 405 15.36 27.33 32.10
N PRO C 406 14.30 28.11 32.38
CA PRO C 406 13.15 27.64 33.14
C PRO C 406 12.61 26.27 32.69
N GLY C 407 12.23 25.43 33.64
CA GLY C 407 11.50 24.17 33.38
C GLY C 407 10.44 24.24 32.26
N GLY C 408 9.44 25.09 32.43
CA GLY C 408 8.35 25.31 31.46
C GLY C 408 8.72 26.01 30.14
N GLN C 409 10.01 26.20 29.89
CA GLN C 409 10.46 26.71 28.65
C GLN C 409 11.17 25.62 27.92
N PHE C 410 11.74 24.69 28.67
CA PHE C 410 12.89 23.92 28.13
C PHE C 410 12.51 23.16 26.85
N THR C 411 11.39 22.47 26.95
CA THR C 411 10.77 21.80 25.82
C THR C 411 10.44 22.70 24.63
N ASN C 412 9.68 23.73 24.94
CA ASN C 412 9.13 24.64 24.00
C ASN C 412 10.23 25.27 23.17
N LEU C 413 11.28 25.73 23.84
CA LEU C 413 12.43 26.27 23.15
C LEU C 413 13.06 25.22 22.22
N LYS C 414 13.17 23.98 22.69
CA LYS C 414 13.62 22.85 21.81
C LYS C 414 12.74 22.68 20.52
N GLU C 415 11.40 22.75 20.66
CA GLU C 415 10.47 22.68 19.50
C GLU C 415 10.68 23.92 18.61
N GLN C 416 10.90 25.09 19.23
CA GLN C 416 11.29 26.29 18.50
C GLN C 416 12.58 26.03 17.72
N ALA C 417 13.54 25.38 18.34
CA ALA C 417 14.81 25.07 17.70
C ALA C 417 14.68 24.05 16.60
N ARG C 418 13.87 23.01 16.82
CA ARG C 418 13.67 21.96 15.80
C ARG C 418 13.13 22.64 14.56
N SER C 419 12.02 23.34 14.76
CA SER C 419 11.41 24.25 13.82
C SER C 419 12.35 25.11 12.93
N LEU C 420 13.55 25.44 13.41
CA LEU C 420 14.52 26.26 12.66
C LEU C 420 15.65 25.38 12.15
N GLY C 421 15.42 24.08 12.14
CA GLY C 421 16.39 23.14 11.62
C GLY C 421 17.65 23.12 12.45
N LEU C 422 17.48 23.15 13.78
CA LEU C 422 18.63 23.17 14.69
C LEU C 422 18.69 22.05 15.75
N GLU C 423 17.76 21.09 15.70
CA GLU C 423 17.82 19.84 16.53
C GLU C 423 19.22 19.30 16.83
N THR C 424 20.12 19.32 15.84
CA THR C 424 21.42 18.68 15.96
C THR C 424 22.46 19.58 16.59
N ARG C 425 22.06 20.78 17.01
CA ARG C 425 23.01 21.69 17.62
C ARG C 425 22.36 22.33 18.85
N TRP C 426 21.62 21.52 19.61
CA TRP C 426 20.90 22.00 20.77
C TRP C 426 21.84 22.50 21.84
N HIS C 427 23.01 21.89 21.92
CA HIS C 427 23.94 22.26 22.98
C HIS C 427 24.59 23.60 22.65
N GLN C 428 24.67 23.93 21.37
CA GLN C 428 25.13 25.27 20.96
C GLN C 428 24.05 26.36 21.27
N VAL C 429 22.76 25.99 21.19
CA VAL C 429 21.67 26.88 21.61
C VAL C 429 21.74 27.14 23.11
N ALA C 430 22.08 26.10 23.86
CA ALA C 430 22.15 26.21 25.31
C ALA C 430 23.30 27.08 25.71
N GLN C 431 24.39 27.01 24.97
CA GLN C 431 25.51 27.88 25.26
C GLN C 431 25.16 29.32 24.90
N ALA C 432 24.51 29.52 23.74
CA ALA C 432 24.09 30.84 23.29
C ALA C 432 23.19 31.49 24.32
N TYR C 433 22.31 30.70 24.91
CA TYR C 433 21.38 31.18 25.94
C TYR C 433 22.15 31.68 27.14
N ALA C 434 23.18 30.94 27.51
CA ALA C 434 24.02 31.37 28.64
C ALA C 434 24.79 32.65 28.27
N ASP C 435 25.34 32.70 27.05
CA ASP C 435 26.08 33.88 26.58
C ASP C 435 25.15 35.07 26.49
N ALA C 436 24.00 34.90 25.85
CA ALA C 436 23.00 35.95 25.77
C ALA C 436 22.61 36.43 27.17
N ASN C 437 22.51 35.51 28.11
CA ASN C 437 22.26 35.96 29.47
C ASN C 437 23.20 37.04 29.89
N GLN C 438 24.50 36.76 29.81
CA GLN C 438 25.55 37.74 30.18
C GLN C 438 25.56 38.95 29.30
N MET C 439 25.18 38.78 28.04
CA MET C 439 25.14 39.91 27.12
C MET C 439 24.07 40.88 27.57
N PHE C 440 22.98 40.38 28.16
CA PHE C 440 21.95 41.25 28.70
C PHE C 440 22.31 41.83 30.07
N GLY C 441 23.47 41.50 30.57
CA GLY C 441 23.81 41.82 31.94
C GLY C 441 23.55 40.80 33.03
N ASP C 442 23.17 39.57 32.69
CA ASP C 442 22.97 38.55 33.70
C ASP C 442 21.68 38.73 34.44
N ILE C 443 20.59 38.34 33.82
CA ILE C 443 19.28 38.71 34.30
C ILE C 443 18.44 37.53 34.76
N VAL C 444 17.31 37.88 35.36
CA VAL C 444 16.37 36.91 35.84
C VAL C 444 15.64 36.46 34.61
N LYS C 445 15.58 35.14 34.41
CA LYS C 445 15.02 34.58 33.22
C LYS C 445 13.80 33.75 33.56
N VAL C 446 12.66 34.34 33.24
CA VAL C 446 11.38 33.71 33.51
C VAL C 446 10.33 34.39 32.63
N THR C 447 9.18 33.77 32.43
CA THR C 447 8.19 34.30 31.51
C THR C 447 7.86 35.70 31.96
N PRO C 448 8.04 36.68 31.08
CA PRO C 448 8.46 36.60 29.67
C PRO C 448 9.93 36.88 29.33
N SER C 449 10.77 37.17 30.31
CA SER C 449 12.15 37.58 30.00
C SER C 449 12.86 36.41 29.36
N SER C 450 12.50 35.21 29.80
CA SER C 450 13.08 34.00 29.24
C SER C 450 12.79 33.83 27.74
N LYS C 451 11.55 34.10 27.34
CA LYS C 451 11.20 34.05 25.93
C LYS C 451 12.15 34.96 25.17
N VAL C 452 12.50 36.10 25.75
CA VAL C 452 13.30 37.08 25.03
C VAL C 452 14.74 36.58 24.86
N VAL C 453 15.28 35.91 25.87
CA VAL C 453 16.65 35.37 25.79
C VAL C 453 16.67 34.22 24.79
N GLY C 454 15.61 33.41 24.79
CA GLY C 454 15.43 32.33 23.80
C GLY C 454 15.61 32.82 22.36
N ASP C 455 14.71 33.71 21.95
CA ASP C 455 14.75 34.37 20.65
C ASP C 455 16.16 34.86 20.28
N MET C 456 16.82 35.49 21.24
CA MET C 456 18.15 36.03 20.96
CA MET C 456 18.16 36.03 21.00
C MET C 456 19.15 34.90 20.76
N ALA C 457 19.04 33.85 21.57
CA ALA C 457 19.92 32.69 21.44
C ALA C 457 19.67 31.89 20.14
N LEU C 458 18.40 31.64 19.85
CA LEU C 458 18.03 31.04 18.57
C LEU C 458 18.52 31.88 17.42
N MET C 459 18.20 33.17 17.41
CA MET C 459 18.74 33.98 16.33
C MET C 459 20.26 33.75 16.21
N MET C 460 20.94 33.84 17.36
CA MET C 460 22.41 33.77 17.39
C MET C 460 22.99 32.54 16.65
N VAL C 461 22.42 31.38 16.96
CA VAL C 461 22.92 30.13 16.42
C VAL C 461 22.59 30.03 14.92
N SER C 462 21.33 30.28 14.52
CA SER C 462 20.92 30.30 13.08
C SER C 462 21.85 31.10 12.25
N GLN C 463 22.19 32.29 12.72
CA GLN C 463 23.02 33.20 11.96
C GLN C 463 24.49 33.21 12.43
N ASP C 464 24.98 32.13 13.04
CA ASP C 464 26.41 32.00 13.40
C ASP C 464 27.03 33.28 13.99
N LEU C 465 26.39 33.81 15.04
CA LEU C 465 26.78 35.10 15.68
C LEU C 465 27.30 34.92 17.09
N THR C 466 28.43 35.54 17.41
CA THR C 466 28.93 35.53 18.79
C THR C 466 28.42 36.77 19.51
N VAL C 467 28.62 36.83 20.82
CA VAL C 467 28.32 38.04 21.58
C VAL C 467 29.11 39.22 21.01
N ALA C 468 30.36 38.98 20.62
CA ALA C 468 31.21 40.03 20.05
C ALA C 468 30.62 40.65 18.77
N ASP C 469 29.90 39.87 17.97
CA ASP C 469 29.22 40.39 16.76
C ASP C 469 27.96 41.19 17.07
N VAL C 470 27.13 40.69 17.98
CA VAL C 470 25.88 41.38 18.35
C VAL C 470 26.19 42.75 18.93
N VAL C 471 27.31 42.85 19.64
CA VAL C 471 27.77 44.11 20.19
C VAL C 471 28.80 44.79 19.27
N SER C 472 28.85 44.42 17.99
CA SER C 472 29.80 45.03 17.06
C SER C 472 29.22 46.32 16.47
N PRO C 473 30.05 47.38 16.36
CA PRO C 473 29.57 48.49 15.51
C PRO C 473 29.33 48.07 14.07
N ASP C 474 30.38 47.57 13.42
CA ASP C 474 30.43 47.42 11.95
C ASP C 474 29.80 46.09 11.44
N ARG C 475 28.60 45.78 11.92
CA ARG C 475 27.88 44.54 11.54
C ARG C 475 26.38 44.67 11.85
N GLU C 476 25.57 45.03 10.84
CA GLU C 476 24.11 45.20 11.01
C GLU C 476 23.52 43.90 11.43
N VAL C 477 22.46 43.99 12.22
CA VAL C 477 21.80 42.85 12.83
C VAL C 477 20.32 43.16 13.05
N SER C 478 19.44 42.38 12.44
CA SER C 478 17.99 42.57 12.62
C SER C 478 17.46 41.82 13.84
N PHE C 479 17.47 42.48 15.00
CA PHE C 479 17.07 41.87 16.30
C PHE C 479 15.61 41.55 16.33
N PRO C 480 15.23 40.49 17.05
CA PRO C 480 13.80 40.15 17.15
C PRO C 480 12.93 41.20 17.88
N GLU C 481 11.64 41.24 17.53
CA GLU C 481 10.71 42.22 18.06
C GLU C 481 10.76 42.18 19.60
N SER C 482 10.73 40.98 20.19
CA SER C 482 10.77 40.81 21.66
C SER C 482 12.00 41.42 22.35
N VAL C 483 13.15 41.33 21.70
CA VAL C 483 14.38 41.88 22.23
C VAL C 483 14.38 43.40 22.15
N VAL C 484 13.91 43.93 21.02
CA VAL C 484 13.77 45.36 20.84
C VAL C 484 12.79 45.90 21.92
N SER C 485 11.74 45.14 22.21
CA SER C 485 10.74 45.58 23.18
C SER C 485 11.36 45.66 24.59
N MET C 486 12.01 44.58 25.00
CA MET C 486 12.65 44.55 26.32
C MET C 486 13.69 45.66 26.51
N LEU C 487 14.54 45.87 25.50
CA LEU C 487 15.67 46.75 25.72
C LEU C 487 15.18 48.21 25.81
N LYS C 488 13.94 48.41 25.37
CA LYS C 488 13.26 49.70 25.42
C LYS C 488 12.87 49.93 26.87
N GLY C 489 12.22 48.90 27.41
CA GLY C 489 11.71 48.92 28.77
C GLY C 489 10.28 48.41 28.92
N ASP C 490 9.79 47.63 27.96
CA ASP C 490 8.40 47.19 27.97
C ASP C 490 8.15 46.03 28.94
N LEU C 491 9.23 45.50 29.51
CA LEU C 491 9.15 44.48 30.58
C LEU C 491 9.72 45.00 31.91
N GLY C 492 10.34 46.18 31.90
CA GLY C 492 10.92 46.75 33.11
C GLY C 492 12.43 46.91 33.11
N GLN C 493 12.98 47.07 34.32
CA GLN C 493 14.40 47.33 34.49
C GLN C 493 15.04 46.29 35.40
N PRO C 494 16.20 45.78 35.00
CA PRO C 494 17.01 45.04 35.93
C PRO C 494 17.72 46.04 36.80
N PRO C 495 18.37 45.55 37.87
CA PRO C 495 18.94 46.46 38.87
C PRO C 495 20.05 47.38 38.35
N SER C 496 21.03 46.80 37.66
CA SER C 496 22.16 47.59 37.18
C SER C 496 21.81 48.38 35.90
N GLY C 497 20.58 48.22 35.40
CA GLY C 497 20.13 48.84 34.15
C GLY C 497 20.45 47.98 32.94
N TRP C 498 19.98 48.38 31.76
CA TRP C 498 20.37 47.69 30.52
C TRP C 498 21.75 48.14 29.98
N PRO C 499 22.50 47.21 29.36
CA PRO C 499 23.85 47.57 28.86
C PRO C 499 23.82 48.67 27.80
N GLU C 500 24.70 49.68 27.91
CA GLU C 500 24.62 50.88 27.04
C GLU C 500 24.70 50.43 25.57
N ALA C 501 25.89 49.99 25.13
CA ALA C 501 26.14 49.66 23.72
C ALA C 501 25.02 48.83 23.07
N LEU C 502 24.66 47.72 23.69
CA LEU C 502 23.67 46.82 23.13
C LEU C 502 22.31 47.50 22.85
N GLN C 503 21.83 48.27 23.82
CA GLN C 503 20.59 49.04 23.72
C GLN C 503 20.64 50.13 22.59
N LYS C 504 21.75 50.86 22.48
CA LYS C 504 21.87 51.85 21.38
C LYS C 504 21.69 51.11 20.05
N LYS C 505 22.36 49.97 19.92
CA LYS C 505 22.36 49.24 18.66
C LYS C 505 21.00 48.63 18.34
N ALA C 506 20.45 47.87 19.28
CA ALA C 506 19.19 47.19 19.03
C ALA C 506 18.06 48.13 18.62
N LEU C 507 17.97 49.24 19.33
CA LEU C 507 16.84 50.13 19.16
C LEU C 507 16.85 50.94 17.87
N LYS C 508 18.01 50.98 17.21
CA LYS C 508 18.16 51.59 15.88
C LYS C 508 17.74 53.07 15.86
N GLY C 509 18.10 53.80 16.91
CA GLY C 509 17.74 55.22 17.05
C GLY C 509 16.53 55.53 17.95
N GLU C 510 15.81 54.49 18.40
CA GLU C 510 14.58 54.67 19.22
C GLU C 510 14.93 55.00 20.66
N LYS C 511 14.30 56.05 21.21
CA LYS C 511 14.52 56.41 22.61
C LYS C 511 13.98 55.32 23.60
N PRO C 512 14.77 54.98 24.63
CA PRO C 512 14.33 54.07 25.68
C PRO C 512 13.86 54.84 26.94
N TYR C 513 13.09 54.14 27.76
CA TYR C 513 12.64 54.68 29.04
C TYR C 513 12.89 53.66 30.13
N THR C 514 13.22 54.20 31.30
CA THR C 514 13.61 53.40 32.43
C THR C 514 12.55 53.47 33.51
N VAL C 515 11.42 54.10 33.22
CA VAL C 515 10.35 54.15 34.23
C VAL C 515 9.53 52.89 34.13
N ARG C 516 8.48 52.87 34.93
CA ARG C 516 7.59 51.72 35.06
C ARG C 516 6.58 51.74 33.92
N PRO C 517 6.53 50.69 33.09
CA PRO C 517 5.71 50.68 31.87
C PRO C 517 4.26 51.12 32.08
N GLY C 518 3.69 50.67 33.20
CA GLY C 518 2.29 50.96 33.52
C GLY C 518 1.98 52.45 33.61
N SER C 519 2.99 53.27 33.92
CA SER C 519 2.84 54.72 33.94
C SER C 519 2.87 55.38 32.55
N LEU C 520 3.01 54.62 31.48
CA LEU C 520 2.96 55.18 30.14
C LEU C 520 1.87 54.56 29.26
N LEU C 521 1.57 53.28 29.44
CA LEU C 521 0.43 52.70 28.73
C LEU C 521 -0.78 53.59 29.08
N LYS C 522 -1.49 54.04 28.08
CA LYS C 522 -2.67 54.79 28.38
C LYS C 522 -3.62 53.82 29.01
N GLU C 523 -4.35 54.26 30.02
CA GLU C 523 -5.31 53.40 30.63
C GLU C 523 -6.31 53.07 29.58
N ALA C 524 -6.69 51.82 29.49
CA ALA C 524 -7.64 51.40 28.49
C ALA C 524 -8.98 51.96 28.83
N ASP C 525 -9.77 52.25 27.83
CA ASP C 525 -11.15 52.58 28.10
C ASP C 525 -11.97 51.29 28.27
N LEU C 526 -12.29 50.97 29.53
CA LEU C 526 -12.96 49.70 29.87
C LEU C 526 -14.44 49.68 29.44
N ASP C 527 -15.08 50.85 29.44
CA ASP C 527 -16.45 50.95 28.92
C ASP C 527 -16.46 50.68 27.39
N ALA C 528 -15.55 51.33 26.66
CA ALA C 528 -15.50 51.27 25.19
C ALA C 528 -15.15 49.90 24.61
N GLU C 529 -14.17 49.23 25.23
CA GLU C 529 -13.66 47.98 24.70
C GLU C 529 -14.67 46.85 24.86
N ARG C 530 -15.61 47.02 25.77
CA ARG C 530 -16.75 46.13 25.87
C ARG C 530 -17.69 46.28 24.67
N LYS C 531 -18.01 47.53 24.32
CA LYS C 531 -18.78 47.83 23.11
C LYS C 531 -18.11 47.11 21.94
N VAL C 532 -16.77 47.14 21.90
CA VAL C 532 -16.02 46.58 20.78
C VAL C 532 -16.24 45.06 20.68
N ILE C 533 -16.00 44.34 21.77
CA ILE C 533 -16.07 42.86 21.78
C ILE C 533 -17.49 42.38 21.57
N GLU C 534 -18.42 43.04 22.26
CA GLU C 534 -19.85 42.75 22.15
C GLU C 534 -20.40 43.00 20.72
N LYS C 535 -19.94 44.06 20.05
CA LYS C 535 -20.28 44.29 18.61
C LYS C 535 -19.67 43.20 17.72
N LYS C 536 -18.44 42.75 18.03
CA LYS C 536 -17.79 41.72 17.22
C LYS C 536 -18.47 40.36 17.39
N LEU C 537 -19.17 40.17 18.51
CA LEU C 537 -19.80 38.89 18.84
C LEU C 537 -21.34 38.98 18.76
N GLU C 538 -21.87 40.12 18.34
CA GLU C 538 -23.34 40.34 18.31
C GLU C 538 -24.07 39.75 19.55
N ARG C 539 -23.49 39.98 20.74
CA ARG C 539 -24.09 39.60 22.04
C ARG C 539 -23.44 40.28 23.24
N GLU C 540 -24.13 40.24 24.38
CA GLU C 540 -23.57 40.66 25.67
C GLU C 540 -22.50 39.62 26.11
N VAL C 541 -21.47 40.06 26.82
CA VAL C 541 -20.43 39.16 27.36
C VAL C 541 -20.33 39.28 28.88
N SER C 542 -19.85 38.25 29.56
CA SER C 542 -19.66 38.38 31.00
C SER C 542 -18.40 39.23 31.36
N ASP C 543 -18.26 39.59 32.64
CA ASP C 543 -17.04 40.22 33.17
C ASP C 543 -15.76 39.32 33.05
N PHE C 544 -15.95 38.03 33.30
CA PHE C 544 -14.88 37.09 33.09
C PHE C 544 -14.53 37.13 31.62
N GLU C 545 -15.55 36.94 30.79
CA GLU C 545 -15.35 36.98 29.34
C GLU C 545 -14.66 38.27 28.90
N PHE C 546 -15.02 39.38 29.52
CA PHE C 546 -14.38 40.65 29.23
C PHE C 546 -12.94 40.67 29.67
N ALA C 547 -12.65 40.04 30.81
CA ALA C 547 -11.28 40.01 31.33
C ALA C 547 -10.41 39.22 30.39
N SER C 548 -10.93 38.12 29.87
CA SER C 548 -10.17 37.31 28.93
C SER C 548 -9.84 38.19 27.72
N TYR C 549 -10.85 38.95 27.27
CA TYR C 549 -10.70 39.78 26.11
C TYR C 549 -9.61 40.81 26.33
N LEU C 550 -9.61 41.44 27.51
CA LEU C 550 -8.54 42.38 27.85
C LEU C 550 -7.17 41.71 27.86
N MET C 551 -7.08 40.42 28.20
CA MET C 551 -5.77 39.79 28.26
C MET C 551 -5.34 39.30 26.91
N TYR C 552 -6.29 38.82 26.13
CA TYR C 552 -6.02 38.07 24.93
C TYR C 552 -7.11 38.33 23.90
N PRO C 553 -7.12 39.52 23.33
CA PRO C 553 -8.27 39.88 22.48
C PRO C 553 -8.53 38.98 21.25
N LYS C 554 -7.52 38.62 20.43
CA LYS C 554 -7.76 37.81 19.24
C LYS C 554 -8.11 36.37 19.65
N VAL C 555 -7.47 35.88 20.72
CA VAL C 555 -7.62 34.47 21.14
C VAL C 555 -8.97 34.21 21.81
N PHE C 556 -9.42 35.21 22.58
CA PHE C 556 -10.73 35.13 23.15
C PHE C 556 -11.76 35.19 22.06
N THR C 557 -11.63 36.20 21.21
CA THR C 557 -12.52 36.35 20.08
C THR C 557 -12.64 35.00 19.38
N ASP C 558 -11.50 34.43 18.97
CA ASP C 558 -11.52 33.13 18.27
C ASP C 558 -12.21 32.04 19.10
N PHE C 559 -11.92 32.03 20.40
CA PHE C 559 -12.51 31.02 21.24
C PHE C 559 -14.02 31.24 21.32
N ALA C 560 -14.44 32.48 21.30
CA ALA C 560 -15.85 32.77 21.43
C ALA C 560 -16.62 32.39 20.16
N LEU C 561 -15.98 32.53 19.01
CA LEU C 561 -16.58 32.20 17.72
C LEU C 561 -16.62 30.68 17.51
N ALA C 562 -15.50 30.01 17.79
CA ALA C 562 -15.48 28.55 17.81
C ALA C 562 -16.59 28.04 18.71
N SER C 563 -16.74 28.63 19.88
CA SER C 563 -17.79 28.23 20.81
C SER C 563 -19.23 28.35 20.27
N ASP C 564 -19.50 29.41 19.52
CA ASP C 564 -20.83 29.55 18.93
C ASP C 564 -20.98 28.42 17.90
N THR C 565 -19.87 27.91 17.34
CA THR C 565 -19.96 26.83 16.31
C THR C 565 -20.06 25.45 16.93
N TYR C 566 -19.13 25.13 17.81
CA TYR C 566 -18.95 23.75 18.28
C TYR C 566 -19.55 23.46 19.67
N GLY C 567 -19.94 24.49 20.41
CA GLY C 567 -20.64 24.29 21.67
C GLY C 567 -19.67 23.86 22.75
N PRO C 568 -20.20 23.28 23.83
CA PRO C 568 -19.42 23.10 25.03
C PRO C 568 -18.54 21.84 24.96
N VAL C 569 -17.53 21.89 24.10
CA VAL C 569 -16.64 20.76 23.86
C VAL C 569 -15.75 20.44 25.05
N SER C 570 -15.66 21.35 26.02
CA SER C 570 -14.99 21.02 27.27
C SER C 570 -15.61 19.78 27.92
N VAL C 571 -16.88 19.49 27.68
CA VAL C 571 -17.45 18.33 28.35
C VAL C 571 -17.06 17.02 27.73
N LEU C 572 -16.44 17.03 26.55
CA LEU C 572 -16.08 15.76 25.92
C LEU C 572 -14.91 15.17 26.64
N PRO C 573 -14.93 13.86 26.86
CA PRO C 573 -13.73 13.20 27.33
C PRO C 573 -12.60 13.36 26.31
N THR C 574 -11.36 13.29 26.80
CA THR C 574 -10.21 13.74 26.06
C THR C 574 -9.96 12.99 24.73
N PRO C 575 -10.10 11.67 24.73
CA PRO C 575 -9.91 10.98 23.44
C PRO C 575 -10.83 11.48 22.34
N ALA C 576 -12.07 11.77 22.72
CA ALA C 576 -13.06 12.16 21.74
C ALA C 576 -12.71 13.54 21.31
N TYR C 577 -12.24 14.35 22.25
CA TYR C 577 -11.76 15.69 21.95
C TYR C 577 -10.68 15.75 20.90
N PHE C 578 -9.69 14.90 20.97
CA PHE C 578 -8.59 14.99 20.05
C PHE C 578 -8.74 14.08 18.87
N TYR C 579 -9.49 12.98 18.98
CA TYR C 579 -9.55 11.98 17.88
C TYR C 579 -10.92 11.61 17.36
N GLY C 580 -11.98 12.14 17.98
CA GLY C 580 -13.39 11.90 17.54
C GLY C 580 -13.82 10.49 17.86
N LEU C 581 -14.61 9.84 17.01
CA LEU C 581 -15.10 8.53 17.36
C LEU C 581 -14.73 7.54 16.33
N ALA C 582 -14.27 6.38 16.75
CA ALA C 582 -14.01 5.27 15.86
C ALA C 582 -15.28 4.74 15.27
N ASP C 583 -15.17 4.01 14.19
CA ASP C 583 -16.38 3.53 13.57
C ASP C 583 -17.15 2.71 14.59
N GLY C 584 -18.47 2.82 14.58
CA GLY C 584 -19.30 2.10 15.53
C GLY C 584 -19.21 2.50 17.00
N GLU C 585 -18.28 3.35 17.37
CA GLU C 585 -18.01 3.60 18.75
C GLU C 585 -19.16 4.36 19.44
N GLU C 586 -19.28 4.12 20.75
CA GLU C 586 -20.33 4.70 21.59
C GLU C 586 -19.72 5.64 22.61
N LEU C 587 -20.34 6.79 22.75
CA LEU C 587 -19.85 7.78 23.68
C LEU C 587 -21.01 8.29 24.54
N PHE C 588 -20.71 8.49 25.84
CA PHE C 588 -21.66 9.05 26.80
C PHE C 588 -21.01 10.38 27.10
N ALA C 589 -21.69 11.47 26.76
CA ALA C 589 -21.21 12.82 27.17
C ALA C 589 -22.25 13.61 27.99
N ASP C 590 -21.80 14.32 29.01
CA ASP C 590 -22.67 14.95 30.00
C ASP C 590 -22.68 16.44 29.76
N ILE C 591 -23.81 16.97 29.31
CA ILE C 591 -23.87 18.31 28.72
C ILE C 591 -24.21 19.40 29.76
N GLU C 592 -25.23 19.13 30.58
CA GLU C 592 -25.46 19.85 31.84
C GLU C 592 -24.95 18.90 32.94
N LYS C 593 -25.38 19.11 34.18
CA LYS C 593 -25.25 18.08 35.23
C LYS C 593 -26.38 17.00 35.10
N GLY C 594 -27.58 17.45 34.73
CA GLY C 594 -28.68 16.53 34.35
C GLY C 594 -28.38 15.62 33.16
N LYS C 595 -28.80 16.04 31.95
CA LYS C 595 -28.77 15.21 30.71
C LYS C 595 -27.43 14.57 30.25
N THR C 596 -27.45 13.25 30.09
CA THR C 596 -26.41 12.55 29.31
C THR C 596 -26.82 12.40 27.82
N LEU C 597 -25.91 12.82 26.92
CA LEU C 597 -26.01 12.55 25.47
C LEU C 597 -25.35 11.17 25.20
N VAL C 598 -26.12 10.20 24.69
CA VAL C 598 -25.56 8.92 24.18
C VAL C 598 -25.40 9.04 22.66
N ILE C 599 -24.14 8.94 22.21
CA ILE C 599 -23.77 9.18 20.82
C ILE C 599 -23.01 8.02 20.23
N VAL C 600 -23.50 7.54 19.10
CA VAL C 600 -22.84 6.50 18.34
C VAL C 600 -22.52 6.99 16.93
N ASN C 601 -21.25 6.82 16.58
CA ASN C 601 -20.82 6.92 15.20
C ASN C 601 -21.20 5.69 14.38
N GLN C 602 -22.20 5.81 13.53
CA GLN C 602 -22.67 4.62 12.81
C GLN C 602 -22.06 4.47 11.41
N ALA C 603 -21.68 5.58 10.80
CA ALA C 603 -21.17 5.57 9.45
C ALA C 603 -20.68 6.92 9.08
N VAL C 604 -19.81 6.92 8.09
CA VAL C 604 -19.17 8.11 7.61
C VAL C 604 -19.15 7.94 6.12
N SER C 605 -19.83 8.81 5.38
CA SER C 605 -19.78 8.81 3.93
C SER C 605 -18.41 9.14 3.32
N ALA C 606 -18.28 8.86 2.05
CA ALA C 606 -17.28 9.45 1.17
C ALA C 606 -17.49 10.97 1.02
N THR C 607 -16.54 11.63 0.35
CA THR C 607 -16.60 13.07 0.17
C THR C 607 -17.46 13.35 -1.04
N ASP C 608 -18.50 14.15 -0.86
CA ASP C 608 -19.44 14.37 -1.95
C ASP C 608 -18.83 15.36 -2.94
N SER C 609 -19.54 15.63 -4.03
CA SER C 609 -19.05 16.60 -5.01
C SER C 609 -18.73 17.96 -4.35
N GLN C 610 -19.54 18.41 -3.38
CA GLN C 610 -19.39 19.75 -2.74
C GLN C 610 -18.21 19.89 -1.74
N GLY C 611 -17.38 18.86 -1.62
CA GLY C 611 -16.27 18.88 -0.68
C GLY C 611 -16.68 18.45 0.71
N MET C 612 -17.96 18.12 0.91
CA MET C 612 -18.44 17.75 2.25
C MET C 612 -18.50 16.23 2.50
N VAL C 613 -18.39 15.88 3.78
CA VAL C 613 -18.55 14.53 4.29
C VAL C 613 -19.69 14.52 5.33
N THR C 614 -20.52 13.48 5.30
CA THR C 614 -21.69 13.33 6.20
C THR C 614 -21.43 12.23 7.27
N VAL C 615 -21.43 12.62 8.53
CA VAL C 615 -21.41 11.64 9.61
C VAL C 615 -22.82 11.26 10.10
N PHE C 616 -23.01 9.95 10.30
CA PHE C 616 -24.28 9.32 10.62
C PHE C 616 -24.22 8.88 12.07
N PHE C 617 -24.84 9.67 12.92
CA PHE C 617 -24.77 9.51 14.36
C PHE C 617 -26.10 9.04 14.88
N GLU C 618 -26.05 8.26 15.95
CA GLU C 618 -27.25 7.98 16.75
C GLU C 618 -27.11 8.80 18.01
N LEU C 619 -28.09 9.63 18.29
CA LEU C 619 -28.11 10.44 19.48
C LEU C 619 -29.25 9.97 20.33
N ASN C 620 -28.94 9.22 21.38
CA ASN C 620 -30.00 8.69 22.19
C ASN C 620 -31.01 7.95 21.34
N GLY C 621 -30.60 6.87 20.73
CA GLY C 621 -31.52 6.08 19.88
C GLY C 621 -32.07 6.75 18.62
N GLN C 622 -31.83 8.06 18.48
CA GLN C 622 -32.36 8.85 17.36
C GLN C 622 -31.25 9.13 16.31
N PRO C 623 -31.59 8.96 15.01
CA PRO C 623 -30.67 9.10 13.91
C PRO C 623 -30.47 10.56 13.54
N ARG C 624 -29.23 10.93 13.26
CA ARG C 624 -28.84 12.30 12.94
C ARG C 624 -27.74 12.27 11.88
N ARG C 625 -27.93 13.03 10.81
CA ARG C 625 -26.95 13.21 9.73
C ARG C 625 -26.30 14.56 10.10
N ILE C 626 -24.97 14.61 10.20
CA ILE C 626 -24.22 15.87 10.38
C ILE C 626 -23.19 16.03 9.26
N LYS C 627 -23.24 17.14 8.54
CA LYS C 627 -22.35 17.37 7.43
C LYS C 627 -21.22 18.25 7.94
N VAL C 628 -20.02 18.02 7.44
CA VAL C 628 -18.82 18.79 7.77
C VAL C 628 -17.90 18.79 6.57
N PRO C 629 -16.96 19.74 6.50
CA PRO C 629 -16.10 19.79 5.32
C PRO C 629 -14.96 18.77 5.34
N ASP C 630 -14.55 18.37 4.13
CA ASP C 630 -13.32 17.61 3.92
C ASP C 630 -12.10 18.54 3.90
N ARG C 631 -11.48 18.76 5.06
CA ARG C 631 -10.31 19.66 5.19
C ARG C 631 -8.98 19.09 4.68
N ALA C 632 -8.98 17.87 4.14
CA ALA C 632 -7.78 17.27 3.52
C ALA C 632 -7.22 18.15 2.41
N ASP D 36 39.25 -13.38 5.01
CA ASP D 36 38.17 -14.29 5.50
C ASP D 36 37.34 -13.74 6.69
N ARG D 37 38.00 -13.22 7.74
CA ARG D 37 37.27 -12.58 8.81
C ARG D 37 36.40 -11.48 8.16
N ALA D 38 36.92 -10.88 7.09
CA ALA D 38 36.13 -9.87 6.36
C ALA D 38 34.85 -10.46 5.79
N THR D 39 35.00 -11.64 5.22
CA THR D 39 33.89 -12.39 4.64
C THR D 39 32.85 -12.73 5.68
N LYS D 40 33.29 -13.10 6.88
CA LYS D 40 32.37 -13.44 7.93
C LYS D 40 31.60 -12.19 8.33
N LEU D 41 32.28 -11.05 8.40
CA LEU D 41 31.59 -9.79 8.69
C LEU D 41 30.62 -9.42 7.59
N LEU D 42 31.08 -9.51 6.35
CA LEU D 42 30.19 -9.29 5.21
C LEU D 42 28.97 -10.13 5.40
N THR D 43 29.17 -11.40 5.77
CA THR D 43 28.05 -12.32 6.00
C THR D 43 27.05 -11.75 7.02
N TYR D 44 27.55 -11.27 8.15
CA TYR D 44 26.68 -10.78 9.17
C TYR D 44 25.94 -9.55 8.69
N LEU D 45 26.70 -8.63 8.11
CA LEU D 45 26.11 -7.39 7.65
C LEU D 45 25.01 -7.67 6.65
N ALA D 46 25.24 -8.61 5.75
CA ALA D 46 24.19 -9.05 4.82
C ALA D 46 22.95 -9.64 5.54
N ASP D 47 23.21 -10.56 6.47
CA ASP D 47 22.17 -11.25 7.21
C ASP D 47 21.25 -10.27 7.96
N VAL D 48 21.84 -9.31 8.63
CA VAL D 48 21.08 -8.29 9.33
C VAL D 48 20.48 -7.22 8.40
N THR D 49 21.15 -6.90 7.33
CA THR D 49 20.59 -5.98 6.40
C THR D 49 19.34 -6.57 5.77
N VAL D 50 19.41 -7.84 5.40
CA VAL D 50 18.27 -8.55 4.87
C VAL D 50 17.14 -8.90 5.84
N ASN D 51 17.52 -9.39 7.01
CA ASN D 51 16.58 -9.93 7.99
C ASN D 51 16.38 -9.15 9.29
N GLY D 52 16.87 -7.94 9.39
CA GLY D 52 16.89 -7.23 10.65
C GLY D 52 17.53 -8.05 11.75
N HIS D 53 17.53 -7.52 12.96
CA HIS D 53 18.04 -8.20 14.15
C HIS D 53 16.84 -8.63 15.02
N PRO D 54 16.83 -9.86 15.54
CA PRO D 54 15.66 -10.29 16.33
C PRO D 54 15.38 -9.39 17.54
N GLU D 55 16.42 -8.91 18.20
CA GLU D 55 16.28 -7.87 19.23
C GLU D 55 15.76 -6.50 18.78
N ALA D 56 15.76 -6.18 17.49
CA ALA D 56 15.31 -4.88 17.05
C ALA D 56 14.13 -4.85 16.11
N LYS D 57 13.84 -5.94 15.43
CA LYS D 57 12.94 -5.89 14.27
C LYS D 57 11.62 -5.17 14.64
N ASP D 58 10.92 -5.61 15.70
CA ASP D 58 9.57 -5.09 16.00
C ASP D 58 9.56 -4.11 17.21
N ARG D 59 10.63 -3.34 17.34
CA ARG D 59 10.77 -2.38 18.40
C ARG D 59 11.04 -1.02 17.80
N PRO D 60 11.03 0.04 18.61
CA PRO D 60 11.14 1.33 17.89
C PRO D 60 12.56 1.63 17.40
N LYS D 61 12.65 2.54 16.42
CA LYS D 61 13.87 2.76 15.62
C LYS D 61 14.38 4.15 15.90
N PRO D 62 15.70 4.33 15.95
CA PRO D 62 16.15 5.69 16.13
C PRO D 62 15.79 6.57 14.95
N LEU D 63 15.90 7.86 15.19
CA LEU D 63 15.60 8.88 14.16
C LEU D 63 16.52 8.68 12.94
N GLU D 64 16.01 8.97 11.73
CA GLU D 64 16.69 8.60 10.46
C GLU D 64 18.01 9.38 10.27
N ASN D 65 18.00 10.68 10.61
CA ASN D 65 19.22 11.50 10.49
C ASN D 65 20.38 11.03 11.43
N ALA D 66 20.04 10.73 12.70
CA ALA D 66 20.97 10.18 13.72
C ALA D 66 22.41 10.70 13.71
N ALA D 67 22.70 11.67 14.57
CA ALA D 67 24.08 12.13 14.83
C ALA D 67 25.05 11.02 15.33
N ARG D 68 26.01 10.56 14.51
CA ARG D 68 27.02 9.59 15.01
C ARG D 68 27.65 10.10 16.36
N PRO D 69 27.65 9.28 17.44
CA PRO D 69 28.25 9.79 18.65
C PRO D 69 29.70 10.17 18.42
N VAL D 70 30.11 11.26 19.06
CA VAL D 70 31.41 11.85 18.89
C VAL D 70 32.18 11.86 20.20
N VAL D 71 33.35 11.24 20.14
CA VAL D 71 34.28 11.18 21.23
C VAL D 71 34.92 12.55 21.41
N PRO D 72 34.79 13.12 22.61
CA PRO D 72 35.40 14.42 22.88
C PRO D 72 36.94 14.36 22.79
N TYR D 73 37.54 15.34 22.08
CA TYR D 73 39.03 15.43 22.03
C TYR D 73 39.54 15.91 23.39
N ALA D 74 40.25 15.04 24.11
CA ALA D 74 40.94 15.41 25.36
C ALA D 74 42.08 16.43 25.08
N ASN D 75 42.05 17.60 25.76
CA ASN D 75 42.97 18.74 25.47
C ASN D 75 44.44 18.35 25.19
N GLY D 76 44.93 17.30 25.87
CA GLY D 76 46.24 16.68 25.58
C GLY D 76 46.30 15.23 26.04
N VAL D 79 48.13 11.00 30.88
CA VAL D 79 47.31 10.58 32.03
C VAL D 79 48.00 10.74 33.41
N LYS D 80 47.41 11.56 34.29
CA LYS D 80 47.82 11.57 35.69
C LYS D 80 47.61 10.16 36.27
N ASP D 81 48.53 9.66 37.08
CA ASP D 81 48.29 8.36 37.66
C ASP D 81 47.08 8.57 38.50
N GLY D 82 46.42 7.48 38.81
CA GLY D 82 45.18 7.52 39.57
C GLY D 82 45.05 6.36 40.53
N THR D 83 43.81 6.05 40.88
CA THR D 83 43.45 5.07 41.90
C THR D 83 43.95 3.66 41.60
N LYS D 84 44.13 3.34 40.32
CA LYS D 84 44.79 2.09 39.92
C LYS D 84 46.26 2.03 40.33
N GLN D 85 46.97 3.12 40.16
CA GLN D 85 48.38 3.18 40.58
C GLN D 85 48.48 3.13 42.12
N LEU D 86 47.56 3.76 42.85
CA LEU D 86 47.58 3.63 44.31
C LEU D 86 47.43 2.19 44.78
N LEU D 87 46.46 1.46 44.24
CA LEU D 87 46.23 0.06 44.60
C LEU D 87 47.43 -0.87 44.29
N ASP D 88 48.04 -0.67 43.12
CA ASP D 88 49.25 -1.41 42.74
C ASP D 88 50.35 -1.20 43.77
N THR D 89 50.51 0.04 44.21
CA THR D 89 51.44 0.45 45.27
C THR D 89 51.09 -0.10 46.65
N LEU D 90 49.95 0.32 47.19
CA LEU D 90 49.58 0.13 48.61
C LEU D 90 49.04 -1.26 49.03
N GLY D 91 48.45 -1.98 48.08
CA GLY D 91 47.74 -3.21 48.38
C GLY D 91 46.33 -2.85 48.78
N PRO D 92 45.44 -3.85 48.82
CA PRO D 92 44.02 -3.56 49.11
C PRO D 92 43.68 -3.09 50.56
N LYS D 93 44.11 -3.81 51.59
CA LYS D 93 43.86 -3.38 52.98
C LYS D 93 44.29 -1.93 53.13
N LYS D 94 45.56 -1.67 52.77
CA LYS D 94 46.16 -0.34 52.86
C LYS D 94 45.45 0.74 52.00
N PHE D 95 44.79 0.31 50.93
CA PHE D 95 44.03 1.19 50.02
C PHE D 95 42.67 1.62 50.59
N GLY D 96 41.95 0.65 51.15
CA GLY D 96 40.76 0.97 51.94
C GLY D 96 41.04 1.97 53.05
N GLU D 97 42.24 1.90 53.64
CA GLU D 97 42.66 2.91 54.61
C GLU D 97 42.66 4.30 53.94
N TRP D 98 43.26 4.37 52.74
CA TRP D 98 43.48 5.66 52.08
C TRP D 98 42.17 6.30 51.72
N MET D 99 41.22 5.47 51.29
CA MET D 99 39.81 5.85 51.05
C MET D 99 39.18 6.44 52.31
N ARG D 100 39.39 5.74 53.41
CA ARG D 100 38.76 6.11 54.65
C ARG D 100 39.22 7.52 55.03
N ASN D 101 40.53 7.72 55.01
CA ASN D 101 41.12 8.97 55.46
C ASN D 101 40.96 10.13 54.49
N GLU D 102 40.65 9.81 53.25
CA GLU D 102 40.33 10.80 52.25
C GLU D 102 39.04 11.60 52.64
N LYS D 103 39.20 12.94 52.73
CA LYS D 103 38.13 13.89 53.11
C LYS D 103 37.10 14.06 51.95
N ARG D 104 37.61 14.36 50.76
CA ARG D 104 36.81 14.40 49.57
C ARG D 104 36.08 13.07 49.44
N VAL D 105 34.91 13.11 48.79
CA VAL D 105 34.11 11.92 48.57
C VAL D 105 34.63 11.31 47.28
N LEU D 106 34.69 9.99 47.25
CA LEU D 106 35.17 9.31 46.08
C LEU D 106 33.98 8.89 45.27
N LEU D 107 34.09 8.97 43.93
CA LEU D 107 32.96 8.78 43.02
C LEU D 107 33.16 7.55 42.17
N THR D 108 32.11 6.75 42.02
CA THR D 108 32.16 5.63 41.09
C THR D 108 31.16 5.87 40.01
N ASP D 109 31.57 5.79 38.73
CA ASP D 109 30.65 6.04 37.62
C ASP D 109 30.04 4.70 37.20
N THR D 110 28.72 4.58 37.19
CA THR D 110 28.06 3.32 36.84
C THR D 110 27.49 3.26 35.40
N THR D 111 27.76 4.31 34.63
CA THR D 111 27.21 4.44 33.30
C THR D 111 27.48 3.18 32.47
N MET D 112 28.67 2.64 32.57
CA MET D 112 29.02 1.42 31.87
C MET D 112 28.31 0.16 32.32
N ARG D 113 27.78 0.12 33.53
CA ARG D 113 27.06 -1.07 33.97
C ARG D 113 25.61 -0.89 34.41
N ASP D 114 25.39 -0.54 35.68
CA ASP D 114 24.02 -0.54 36.18
C ASP D 114 23.20 0.42 35.33
N GLY D 115 23.83 1.51 34.93
CA GLY D 115 23.18 2.56 34.12
C GLY D 115 22.37 2.06 32.96
N HIS D 116 23.01 1.32 32.05
CA HIS D 116 22.30 0.82 30.87
C HIS D 116 21.61 -0.52 31.18
N GLN D 117 22.11 -1.24 32.18
CA GLN D 117 21.36 -2.39 32.70
C GLN D 117 19.98 -1.95 33.17
N SER D 118 19.90 -0.76 33.74
CA SER D 118 18.65 -0.30 34.35
C SER D 118 17.74 0.39 33.35
N LEU D 119 18.28 1.02 32.32
CA LEU D 119 17.47 1.81 31.41
C LEU D 119 17.33 1.27 30.02
N LEU D 120 18.32 0.50 29.57
CA LEU D 120 18.40 -0.05 28.22
C LEU D 120 18.52 -1.59 28.20
N ALA D 121 18.05 -2.26 29.23
CA ALA D 121 18.06 -3.72 29.28
C ALA D 121 19.47 -4.27 29.11
N THR D 122 20.47 -3.51 29.52
CA THR D 122 21.85 -3.93 29.33
C THR D 122 22.32 -4.15 27.87
N ARG D 123 21.69 -3.50 26.90
CA ARG D 123 22.09 -3.69 25.51
C ARG D 123 23.25 -2.85 25.07
N MET D 124 23.85 -2.10 25.96
CA MET D 124 24.89 -1.21 25.55
C MET D 124 26.09 -2.00 25.05
N ARG D 125 26.57 -1.68 23.85
CA ARG D 125 27.65 -2.44 23.22
C ARG D 125 29.11 -2.03 23.52
N THR D 126 29.99 -3.02 23.51
CA THR D 126 31.40 -2.79 23.67
C THR D 126 31.91 -1.64 22.79
N TYR D 127 31.48 -1.58 21.55
CA TYR D 127 31.92 -0.51 20.68
C TYR D 127 31.80 0.89 21.29
N ASP D 128 30.66 1.15 21.94
CA ASP D 128 30.36 2.47 22.50
C ASP D 128 31.00 2.68 23.87
N ILE D 129 31.13 1.58 24.60
CA ILE D 129 31.72 1.63 25.92
C ILE D 129 33.22 1.89 25.83
N ALA D 130 33.92 1.11 25.03
CA ALA D 130 35.35 1.21 25.05
C ALA D 130 35.83 2.52 24.44
N ARG D 131 35.19 2.97 23.38
CA ARG D 131 35.50 4.25 22.77
C ARG D 131 35.60 5.45 23.72
N ILE D 132 34.98 5.38 24.90
CA ILE D 132 34.97 6.57 25.76
C ILE D 132 35.86 6.43 26.96
N ALA D 133 36.37 5.23 27.16
CA ALA D 133 37.28 4.94 28.25
C ALA D 133 38.42 5.92 28.35
N GLY D 134 39.08 6.14 27.23
CA GLY D 134 40.27 7.01 27.19
C GLY D 134 39.91 8.43 27.57
N THR D 135 38.69 8.84 27.22
CA THR D 135 38.26 10.17 27.57
C THR D 135 38.12 10.22 29.10
N TYR D 136 37.51 9.22 29.74
CA TYR D 136 37.40 9.22 31.19
C TYR D 136 38.78 9.36 31.80
N SER D 137 39.72 8.65 31.17
CA SER D 137 41.10 8.44 31.66
C SER D 137 41.83 9.75 31.75
N HIS D 138 41.71 10.58 30.72
CA HIS D 138 42.35 11.94 30.69
C HIS D 138 41.54 13.05 31.33
N ALA D 139 40.21 12.91 31.33
CA ALA D 139 39.30 14.01 31.70
C ALA D 139 38.84 13.95 33.16
N LEU D 140 38.59 12.74 33.71
CA LEU D 140 38.19 12.55 35.11
C LEU D 140 39.12 11.58 35.86
N PRO D 141 40.40 11.95 35.96
CA PRO D 141 41.39 11.12 36.62
C PRO D 141 41.25 11.00 38.13
N ASN D 142 40.49 11.87 38.79
CA ASN D 142 40.26 11.67 40.22
C ASN D 142 39.16 10.64 40.51
N LEU D 143 38.56 10.02 39.50
CA LEU D 143 37.46 9.06 39.81
C LEU D 143 37.98 7.88 40.68
N LEU D 144 37.14 7.35 41.55
CA LEU D 144 37.53 6.15 42.27
C LEU D 144 37.62 4.99 41.31
N SER D 145 36.54 4.82 40.54
CA SER D 145 36.40 3.63 39.69
C SER D 145 35.29 3.75 38.63
N LEU D 146 35.40 2.91 37.60
CA LEU D 146 34.35 2.71 36.62
C LEU D 146 33.71 1.33 36.90
N GLU D 147 32.40 1.34 37.18
CA GLU D 147 31.68 0.10 37.25
C GLU D 147 31.36 -0.22 35.83
N CYS D 148 32.01 -1.26 35.30
CA CYS D 148 31.98 -1.52 33.87
C CYS D 148 31.85 -2.98 33.56
N TRP D 149 31.64 -3.82 34.55
CA TRP D 149 31.65 -5.23 34.25
C TRP D 149 30.78 -5.97 35.25
N GLY D 150 30.51 -7.24 34.97
CA GLY D 150 29.66 -8.04 35.85
C GLY D 150 28.21 -7.62 35.79
N GLY D 151 27.45 -7.99 36.80
CA GLY D 151 26.01 -7.85 36.73
C GLY D 151 25.48 -8.64 35.55
N ALA D 152 24.44 -8.11 34.92
CA ALA D 152 23.89 -8.72 33.70
C ALA D 152 24.78 -8.57 32.44
N THR D 153 25.89 -7.86 32.49
CA THR D 153 26.62 -7.64 31.25
C THR D 153 27.18 -8.92 30.67
N PHE D 154 27.55 -9.86 31.53
CA PHE D 154 28.24 -11.05 31.10
C PHE D 154 27.31 -11.92 30.27
N ASP D 155 26.13 -12.16 30.80
CA ASP D 155 25.10 -12.88 30.08
C ASP D 155 24.75 -12.18 28.74
N VAL D 156 24.47 -10.89 28.83
CA VAL D 156 23.78 -10.18 27.78
C VAL D 156 24.69 -9.88 26.61
N SER D 157 25.96 -9.60 26.92
CA SER D 157 27.00 -9.41 25.91
C SER D 157 27.06 -10.58 24.96
N MET D 158 27.01 -11.80 25.48
CA MET D 158 27.05 -12.96 24.62
C MET D 158 25.73 -13.30 23.99
N ARG D 159 24.66 -13.30 24.79
CA ARG D 159 23.37 -13.85 24.33
C ARG D 159 22.69 -12.91 23.37
N PHE D 160 22.75 -11.63 23.64
CA PHE D 160 21.99 -10.67 22.83
C PHE D 160 22.86 -9.75 21.96
N LEU D 161 24.12 -9.54 22.32
CA LEU D 161 24.99 -8.64 21.57
C LEU D 161 26.05 -9.33 20.71
N THR D 162 26.09 -10.65 20.75
CA THR D 162 27.03 -11.42 19.97
C THR D 162 28.49 -10.94 20.17
N GLU D 163 28.86 -10.63 21.41
CA GLU D 163 30.21 -10.17 21.75
C GLU D 163 30.78 -10.68 23.08
N ASP D 164 32.10 -10.71 23.17
CA ASP D 164 32.82 -11.32 24.30
C ASP D 164 32.94 -10.27 25.41
N PRO D 165 32.49 -10.62 26.64
CA PRO D 165 32.64 -9.69 27.77
C PRO D 165 34.10 -9.47 28.18
N TRP D 166 34.96 -10.41 27.85
CA TRP D 166 36.35 -10.26 28.20
C TRP D 166 37.02 -9.28 27.24
N GLU D 167 36.75 -9.42 25.95
CA GLU D 167 37.31 -8.47 25.00
C GLU D 167 36.90 -7.12 25.52
N ARG D 168 35.64 -7.01 25.96
CA ARG D 168 35.13 -5.73 26.47
C ARG D 168 35.96 -5.20 27.61
N LEU D 169 36.21 -6.04 28.60
CA LEU D 169 36.99 -5.64 29.75
C LEU D 169 38.41 -5.23 29.34
N ALA D 170 39.04 -6.08 28.54
CA ALA D 170 40.39 -5.81 28.03
C ALA D 170 40.45 -4.40 27.42
N LEU D 171 39.49 -4.09 26.57
CA LEU D 171 39.44 -2.81 25.88
C LEU D 171 39.30 -1.69 26.85
N ILE D 172 38.48 -1.83 27.88
CA ILE D 172 38.38 -0.75 28.88
C ILE D 172 39.70 -0.63 29.66
N ARG D 173 40.33 -1.75 29.93
CA ARG D 173 41.59 -1.76 30.67
C ARG D 173 42.66 -0.98 29.92
N GLU D 174 42.74 -1.16 28.61
CA GLU D 174 43.70 -0.42 27.79
C GLU D 174 43.39 1.08 27.84
N GLY D 175 42.13 1.41 27.63
CA GLY D 175 41.73 2.83 27.60
C GLY D 175 41.95 3.62 28.87
N ALA D 176 41.87 2.95 30.03
CA ALA D 176 41.89 3.63 31.33
C ALA D 176 42.79 2.85 32.28
N PRO D 177 44.09 2.85 32.00
CA PRO D 177 45.02 2.15 32.84
C PRO D 177 45.25 2.88 34.14
N ASN D 178 44.49 3.93 34.40
CA ASN D 178 44.71 4.70 35.64
C ASN D 178 43.56 4.71 36.63
N LEU D 179 42.39 4.19 36.24
CA LEU D 179 41.24 4.07 37.15
C LEU D 179 40.99 2.62 37.51
N LEU D 180 40.40 2.39 38.67
CA LEU D 180 40.09 1.02 39.06
C LEU D 180 38.90 0.57 38.26
N LEU D 181 38.95 -0.62 37.69
CA LEU D 181 37.77 -1.20 37.08
C LEU D 181 37.02 -2.08 38.11
N GLN D 182 35.73 -1.83 38.21
CA GLN D 182 34.93 -2.44 39.23
C GLN D 182 33.86 -3.29 38.63
N MET D 183 33.65 -4.47 39.18
CA MET D 183 32.56 -5.32 38.71
C MET D 183 31.59 -5.59 39.84
N LEU D 184 30.39 -6.03 39.46
CA LEU D 184 29.40 -6.57 40.40
C LEU D 184 29.38 -8.09 40.40
N LEU D 185 29.76 -8.70 41.52
CA LEU D 185 29.75 -10.13 41.62
C LEU D 185 28.63 -10.59 42.55
N ARG D 186 27.84 -11.57 42.08
CA ARG D 186 26.69 -12.08 42.86
C ARG D 186 27.12 -13.22 43.77
N GLY D 187 28.26 -13.04 44.47
CA GLY D 187 28.74 -14.01 45.45
C GLY D 187 28.79 -15.43 44.93
N ALA D 188 27.98 -16.31 45.53
CA ALA D 188 27.92 -17.71 45.12
C ALA D 188 27.35 -17.89 43.72
N ASN D 189 26.48 -16.97 43.31
CA ASN D 189 25.86 -16.99 42.00
C ASN D 189 26.79 -16.43 40.92
N GLY D 190 27.83 -15.70 41.33
CA GLY D 190 28.83 -15.18 40.41
C GLY D 190 28.18 -14.22 39.43
N VAL D 191 28.15 -14.60 38.15
CA VAL D 191 27.43 -13.83 37.13
C VAL D 191 26.20 -14.57 36.63
N GLY D 192 25.83 -15.65 37.32
CA GLY D 192 24.71 -16.49 36.93
C GLY D 192 23.47 -16.16 37.71
N TYR D 193 22.51 -17.08 37.74
CA TYR D 193 21.24 -16.95 38.45
C TYR D 193 21.00 -18.08 39.45
N THR D 194 22.01 -18.92 39.68
CA THR D 194 21.93 -20.00 40.67
C THR D 194 23.30 -20.25 41.28
N ASN D 195 23.33 -20.80 42.49
CA ASN D 195 24.60 -21.11 43.15
C ASN D 195 25.42 -22.18 42.46
N TYR D 196 26.72 -21.90 42.34
CA TYR D 196 27.67 -22.73 41.60
C TYR D 196 28.63 -23.44 42.59
N PRO D 197 29.35 -24.49 42.13
CA PRO D 197 30.38 -25.12 42.97
C PRO D 197 31.55 -24.17 43.33
N ASP D 198 32.15 -24.38 44.50
CA ASP D 198 33.19 -23.49 45.05
C ASP D 198 34.37 -23.14 44.13
N ASN D 199 34.90 -24.19 43.51
CA ASN D 199 36.06 -24.09 42.65
C ASN D 199 35.74 -23.35 41.34
N VAL D 200 34.46 -23.33 40.94
CA VAL D 200 34.02 -22.58 39.76
C VAL D 200 34.03 -21.12 40.09
N VAL D 201 33.49 -20.80 41.26
CA VAL D 201 33.51 -19.45 41.80
C VAL D 201 34.96 -19.03 42.02
N LYS D 202 35.71 -19.88 42.74
CA LYS D 202 37.15 -19.73 42.87
C LYS D 202 37.76 -19.43 41.48
N TYR D 203 37.44 -20.29 40.51
CA TYR D 203 37.95 -20.12 39.16
C TYR D 203 37.60 -18.77 38.55
N PHE D 204 36.32 -18.40 38.60
CA PHE D 204 35.82 -17.26 37.81
C PHE D 204 36.42 -15.93 38.25
N VAL D 205 36.49 -15.76 39.57
CA VAL D 205 37.16 -14.63 40.19
C VAL D 205 38.60 -14.56 39.69
N ARG D 206 39.31 -15.69 39.73
CA ARG D 206 40.70 -15.75 39.27
C ARG D 206 40.80 -15.17 37.86
N GLN D 207 39.97 -15.64 36.95
CA GLN D 207 40.00 -15.15 35.56
C GLN D 207 39.63 -13.67 35.46
N ALA D 208 38.64 -13.27 36.27
CA ALA D 208 38.14 -11.89 36.32
C ALA D 208 39.21 -10.91 36.76
N ALA D 209 40.11 -11.36 37.63
CA ALA D 209 41.30 -10.58 38.03
C ALA D 209 42.36 -10.42 36.91
N LYS D 210 42.83 -11.51 36.31
CA LYS D 210 43.84 -11.41 35.24
C LYS D 210 43.24 -10.64 34.05
N GLY D 211 41.93 -10.53 34.02
CA GLY D 211 41.28 -9.78 32.96
C GLY D 211 41.24 -8.27 33.17
N GLY D 212 41.46 -7.80 34.40
CA GLY D 212 41.55 -6.35 34.70
C GLY D 212 40.62 -5.78 35.79
N ILE D 213 39.83 -6.62 36.43
CA ILE D 213 38.99 -6.12 37.52
C ILE D 213 39.86 -5.78 38.72
N ASP D 214 39.73 -4.57 39.24
CA ASP D 214 40.49 -4.20 40.44
C ASP D 214 39.59 -4.15 41.65
N LEU D 215 38.32 -3.92 41.43
CA LEU D 215 37.45 -3.72 42.56
C LEU D 215 36.22 -4.59 42.38
N PHE D 216 36.06 -5.55 43.28
CA PHE D 216 34.90 -6.44 43.25
C PHE D 216 33.85 -6.01 44.25
N ARG D 217 32.66 -5.64 43.79
CA ARG D 217 31.57 -5.37 44.74
C ARG D 217 30.78 -6.65 44.82
N VAL D 218 30.99 -7.40 45.90
CA VAL D 218 30.34 -8.70 46.05
C VAL D 218 29.21 -8.61 47.04
N PHE D 219 28.11 -9.26 46.70
CA PHE D 219 26.88 -9.18 47.45
C PHE D 219 26.21 -10.54 47.41
N ASP D 220 25.52 -10.89 48.49
CA ASP D 220 24.65 -12.06 48.53
C ASP D 220 23.17 -11.65 48.54
N CYS D 221 22.39 -12.35 47.73
CA CYS D 221 21.02 -11.99 47.51
C CYS D 221 20.09 -12.14 48.70
N LEU D 222 20.55 -12.72 49.79
CA LEU D 222 19.79 -12.75 51.06
C LEU D 222 20.60 -12.22 52.23
N ASN D 223 21.73 -11.57 51.91
CA ASN D 223 22.64 -11.02 52.89
C ASN D 223 23.21 -12.08 53.84
N TRP D 224 23.43 -13.30 53.34
CA TRP D 224 23.94 -14.37 54.18
C TRP D 224 25.44 -14.52 54.02
N VAL D 225 26.15 -14.26 55.12
CA VAL D 225 27.58 -14.05 55.05
C VAL D 225 28.33 -15.34 54.77
N GLU D 226 28.10 -16.41 55.56
CA GLU D 226 28.76 -17.73 55.33
C GLU D 226 28.80 -18.02 53.81
N ASN D 227 27.76 -17.60 53.11
CA ASN D 227 27.66 -17.81 51.68
C ASN D 227 28.42 -16.79 50.82
N MET D 228 29.03 -15.81 51.46
CA MET D 228 29.97 -14.96 50.79
C MET D 228 31.41 -15.46 51.03
N ARG D 229 31.56 -16.32 52.04
CA ARG D 229 32.87 -16.72 52.52
C ARG D 229 33.85 -16.90 51.38
N VAL D 230 33.45 -17.71 50.41
CA VAL D 230 34.38 -18.25 49.42
C VAL D 230 34.81 -17.17 48.45
N SER D 231 33.80 -16.56 47.86
CA SER D 231 33.99 -15.45 46.92
C SER D 231 35.02 -14.44 47.45
N MET D 232 34.83 -14.03 48.69
CA MET D 232 35.71 -13.07 49.36
C MET D 232 37.12 -13.64 49.57
N ASP D 233 37.23 -14.92 49.92
CA ASP D 233 38.52 -15.55 50.10
C ASP D 233 39.21 -15.81 48.77
N ALA D 234 38.47 -15.71 47.67
CA ALA D 234 39.11 -15.87 46.38
C ALA D 234 39.61 -14.54 45.87
N ILE D 235 38.88 -13.46 46.17
CA ILE D 235 39.28 -12.09 45.82
C ILE D 235 40.56 -11.70 46.55
N ALA D 236 40.51 -11.83 47.87
CA ALA D 236 41.65 -11.58 48.74
C ALA D 236 42.92 -12.27 48.27
N GLU D 237 42.79 -13.53 47.83
CA GLU D 237 43.94 -14.33 47.41
C GLU D 237 44.43 -13.87 46.05
N GLU D 238 43.60 -13.13 45.32
CA GLU D 238 44.05 -12.54 44.07
C GLU D 238 44.58 -11.10 44.24
N ASN D 239 44.54 -10.61 45.49
CA ASN D 239 45.22 -9.35 45.86
C ASN D 239 44.51 -8.19 45.16
N LYS D 240 43.19 -8.33 45.03
CA LYS D 240 42.27 -7.26 44.57
C LYS D 240 41.37 -6.84 45.71
N LEU D 241 40.56 -5.81 45.46
CA LEU D 241 39.67 -5.25 46.47
C LEU D 241 38.40 -6.05 46.62
N CYS D 242 37.99 -6.20 47.86
CA CYS D 242 36.81 -6.93 48.21
C CYS D 242 35.88 -5.92 48.90
N GLU D 243 34.91 -5.45 48.14
CA GLU D 243 33.90 -4.54 48.67
C GLU D 243 32.73 -5.45 48.94
N ALA D 244 32.66 -5.95 50.15
CA ALA D 244 31.51 -6.75 50.57
C ALA D 244 30.27 -5.84 50.71
N ALA D 245 29.20 -6.22 50.04
CA ALA D 245 27.99 -5.39 49.95
C ALA D 245 26.98 -5.89 50.96
N ILE D 246 26.28 -4.96 51.58
CA ILE D 246 25.15 -5.26 52.44
C ILE D 246 23.96 -4.73 51.67
N CYS D 247 23.05 -5.61 51.32
CA CYS D 247 21.83 -5.21 50.64
C CYS D 247 20.88 -4.47 51.60
N TYR D 248 20.35 -3.31 51.19
CA TYR D 248 19.42 -2.55 52.04
C TYR D 248 18.01 -2.93 51.66
N THR D 249 17.18 -3.17 52.67
CA THR D 249 15.75 -3.36 52.43
C THR D 249 14.99 -2.79 53.61
N GLY D 250 13.73 -2.49 53.39
CA GLY D 250 12.87 -1.96 54.48
C GLY D 250 13.12 -0.50 54.81
N ASP D 251 13.20 -0.21 56.09
CA ASP D 251 13.24 1.15 56.58
C ASP D 251 13.67 1.10 58.06
N ILE D 252 14.89 1.57 58.33
CA ILE D 252 15.43 1.49 59.69
C ILE D 252 14.70 2.45 60.62
N LEU D 253 14.25 3.59 60.14
CA LEU D 253 13.57 4.55 61.00
C LEU D 253 12.11 4.23 61.18
N ASN D 254 11.63 3.13 60.60
CA ASN D 254 10.27 2.64 60.87
C ASN D 254 10.22 1.64 62.03
N SER D 255 9.69 2.07 63.17
CA SER D 255 9.59 1.16 64.32
C SER D 255 8.76 -0.05 63.95
N ALA D 256 7.79 0.13 63.05
CA ALA D 256 6.86 -0.95 62.65
C ALA D 256 7.47 -2.18 61.97
N ARG D 257 8.71 -2.11 61.50
CA ARG D 257 9.29 -3.24 60.76
C ARG D 257 10.71 -3.54 61.25
N PRO D 258 10.81 -4.02 62.49
CA PRO D 258 12.12 -4.03 63.14
C PRO D 258 13.13 -5.05 62.56
N LYS D 259 12.67 -6.01 61.74
CA LYS D 259 13.53 -7.08 61.23
C LYS D 259 14.84 -6.52 60.61
N TYR D 260 14.72 -5.40 59.88
CA TYR D 260 15.86 -4.72 59.28
C TYR D 260 16.08 -3.38 59.95
N ASP D 261 16.45 -3.43 61.24
CA ASP D 261 16.79 -2.24 62.02
C ASP D 261 18.28 -1.90 61.88
N LEU D 262 18.73 -0.89 62.59
CA LEU D 262 20.11 -0.46 62.47
C LEU D 262 21.18 -1.52 62.83
N LYS D 263 20.99 -2.27 63.92
CA LYS D 263 21.98 -3.32 64.34
C LYS D 263 22.10 -4.41 63.27
N TYR D 264 21.02 -4.64 62.52
CA TYR D 264 21.03 -5.63 61.45
C TYR D 264 22.17 -5.31 60.48
N TYR D 265 22.30 -4.02 60.14
CA TYR D 265 23.37 -3.51 59.27
C TYR D 265 24.71 -3.29 60.00
N THR D 266 24.73 -2.75 61.21
CA THR D 266 26.04 -2.58 61.88
C THR D 266 26.66 -3.92 62.29
N ASN D 267 25.81 -4.90 62.61
CA ASN D 267 26.31 -6.27 62.82
C ASN D 267 26.79 -6.97 61.56
N LEU D 268 26.12 -6.74 60.43
CA LEU D 268 26.59 -7.31 59.18
C LEU D 268 27.95 -6.72 58.77
N ALA D 269 28.18 -5.44 59.06
CA ALA D 269 29.50 -4.82 58.76
C ALA D 269 30.59 -5.48 59.59
N VAL D 270 30.39 -5.45 60.91
CA VAL D 270 31.27 -6.09 61.84
C VAL D 270 31.65 -7.48 61.31
N GLU D 271 30.65 -8.28 60.92
CA GLU D 271 30.91 -9.69 60.58
C GLU D 271 31.76 -9.77 59.30
N LEU D 272 31.41 -8.91 58.35
CA LEU D 272 32.06 -8.81 57.06
C LEU D 272 33.49 -8.28 57.12
N GLU D 273 33.76 -7.37 58.05
CA GLU D 273 35.14 -6.97 58.32
C GLU D 273 35.98 -8.15 58.79
N LYS D 274 35.47 -8.91 59.78
CA LYS D 274 36.20 -10.10 60.30
C LYS D 274 36.34 -11.19 59.22
N ALA D 275 35.42 -11.19 58.26
CA ALA D 275 35.51 -11.99 57.04
C ALA D 275 36.54 -11.49 56.01
N GLY D 276 37.18 -10.36 56.30
CA GLY D 276 38.35 -9.92 55.55
C GLY D 276 38.14 -8.77 54.58
N ALA D 277 36.97 -8.17 54.60
CA ALA D 277 36.64 -7.10 53.66
C ALA D 277 37.64 -5.94 53.73
N HIS D 278 37.87 -5.30 52.57
CA HIS D 278 38.67 -4.07 52.45
C HIS D 278 37.80 -2.82 52.43
N ILE D 279 36.55 -2.98 51.98
CA ILE D 279 35.57 -1.90 51.85
C ILE D 279 34.21 -2.48 52.26
N ILE D 280 33.40 -1.73 53.01
CA ILE D 280 32.00 -2.12 53.31
C ILE D 280 31.13 -1.34 52.34
N ALA D 281 30.26 -2.02 51.63
CA ALA D 281 29.32 -1.36 50.71
C ALA D 281 27.87 -1.44 51.16
N VAL D 282 27.12 -0.36 50.98
CA VAL D 282 25.66 -0.44 51.10
C VAL D 282 25.05 -0.38 49.70
N KCX D 283 24.46 -1.50 49.29
CA KCX D 283 23.79 -1.64 47.99
CB KCX D 283 24.16 -2.99 47.35
CG KCX D 283 23.52 -3.16 45.97
CD KCX D 283 24.04 -4.40 45.25
CE KCX D 283 23.20 -4.72 44.01
NZ KCX D 283 23.47 -4.12 42.70
C KCX D 283 22.31 -1.58 48.20
O KCX D 283 21.71 -2.51 48.73
CX KCX D 283 23.16 -2.93 42.15
OQ1 KCX D 283 23.48 -2.85 41.01
OQ2 KCX D 283 22.70 -1.87 42.79
N ASP D 284 21.73 -0.45 47.78
CA ASP D 284 20.32 -0.18 47.95
C ASP D 284 19.72 -0.35 46.57
N MET D 285 19.63 -1.60 46.14
CA MET D 285 19.26 -1.95 44.80
C MET D 285 17.94 -1.43 44.32
N ALA D 286 17.04 -1.13 45.25
CA ALA D 286 15.69 -0.63 44.86
C ALA D 286 15.48 0.85 45.17
N GLY D 287 16.50 1.54 45.70
CA GLY D 287 16.39 2.97 46.00
C GLY D 287 15.47 3.30 47.18
N LEU D 288 15.61 2.50 48.25
CA LEU D 288 14.69 2.55 49.38
C LEU D 288 15.21 3.38 50.50
N LEU D 289 16.48 3.72 50.47
CA LEU D 289 17.03 4.43 51.60
C LEU D 289 16.67 5.86 51.47
N LYS D 290 16.05 6.39 52.52
CA LYS D 290 15.60 7.76 52.59
C LYS D 290 16.66 8.56 53.27
N PRO D 291 16.66 9.86 53.03
CA PRO D 291 17.73 10.70 53.53
C PRO D 291 17.92 10.71 55.04
N ALA D 292 16.85 10.85 55.83
CA ALA D 292 17.00 10.77 57.28
C ALA D 292 17.72 9.48 57.62
N ALA D 293 17.28 8.38 57.01
CA ALA D 293 17.87 7.06 57.22
C ALA D 293 19.33 7.03 56.85
N ALA D 294 19.72 7.79 55.84
CA ALA D 294 21.13 7.91 55.49
C ALA D 294 22.00 8.56 56.61
N LYS D 295 21.63 9.73 57.15
CA LYS D 295 22.40 10.32 58.31
C LYS D 295 22.71 9.27 59.35
N VAL D 296 21.71 8.50 59.73
CA VAL D 296 21.83 7.56 60.82
C VAL D 296 22.66 6.36 60.45
N LEU D 297 22.40 5.82 59.28
CA LEU D 297 23.04 4.61 58.87
C LEU D 297 24.53 4.82 58.68
N PHE D 298 24.92 5.89 57.98
CA PHE D 298 26.35 6.12 57.72
C PHE D 298 27.14 6.69 58.94
N LYS D 299 26.53 7.52 59.81
CA LYS D 299 27.22 7.90 61.07
C LYS D 299 27.52 6.62 61.87
N ALA D 300 26.53 5.73 61.93
CA ALA D 300 26.63 4.49 62.70
C ALA D 300 27.55 3.48 62.06
N LEU D 301 27.43 3.29 60.74
CA LEU D 301 28.38 2.39 60.07
C LEU D 301 29.86 2.79 60.35
N ARG D 302 30.19 4.09 60.28
CA ARG D 302 31.57 4.57 60.54
C ARG D 302 32.02 4.30 61.98
N GLU D 303 31.08 4.30 62.92
CA GLU D 303 31.38 3.99 64.32
C GLU D 303 31.65 2.51 64.51
N ALA D 304 31.02 1.66 63.71
CA ALA D 304 31.03 0.21 63.92
C ALA D 304 32.23 -0.48 63.30
N THR D 305 32.65 0.00 62.13
CA THR D 305 33.86 -0.53 61.45
C THR D 305 34.80 0.60 61.07
N GLY D 306 36.08 0.27 61.01
CA GLY D 306 37.10 1.18 60.51
C GLY D 306 37.19 1.20 58.99
N LEU D 307 36.52 0.27 58.31
CA LEU D 307 36.63 0.14 56.85
C LEU D 307 35.91 1.27 56.15
N PRO D 308 36.45 1.76 55.04
CA PRO D 308 35.72 2.81 54.32
C PRO D 308 34.39 2.32 53.79
N ILE D 309 33.39 3.21 53.64
CA ILE D 309 32.06 2.82 53.16
C ILE D 309 31.75 3.37 51.76
N HIS D 310 30.96 2.62 50.99
CA HIS D 310 30.66 2.93 49.59
C HIS D 310 29.16 2.76 49.37
N PHE D 311 28.47 3.83 49.01
CA PHE D 311 27.02 3.76 48.79
C PHE D 311 26.53 3.66 47.30
N HIS D 312 25.80 2.59 46.91
CA HIS D 312 25.11 2.46 45.58
C HIS D 312 23.63 2.47 45.84
N THR D 313 22.92 3.32 45.13
CA THR D 313 21.47 3.38 45.17
C THR D 313 20.90 3.66 43.76
N HIS D 314 19.56 3.52 43.62
CA HIS D 314 18.84 3.76 42.35
C HIS D 314 17.80 4.84 42.65
N ASP D 315 17.25 5.51 41.62
CA ASP D 315 16.58 6.81 41.76
C ASP D 315 15.09 6.68 41.36
N THR D 316 14.57 5.49 41.50
CA THR D 316 13.21 5.21 41.16
C THR D 316 12.27 6.17 41.88
N SER D 317 12.57 6.48 43.15
CA SER D 317 11.74 7.35 44.01
C SER D 317 11.75 8.75 43.54
N GLY D 318 12.85 9.13 42.94
CA GLY D 318 13.04 10.49 42.45
C GLY D 318 13.71 11.39 43.46
N ILE D 319 14.19 10.81 44.56
CA ILE D 319 14.85 11.58 45.62
C ILE D 319 16.20 11.02 46.05
N ALA D 320 16.64 9.95 45.43
CA ALA D 320 17.87 9.31 45.75
C ALA D 320 19.08 10.28 45.81
N ALA D 321 19.06 11.34 45.03
CA ALA D 321 20.17 12.33 45.10
C ALA D 321 20.23 12.99 46.49
N ALA D 322 19.09 13.10 47.15
CA ALA D 322 19.05 13.57 48.54
C ALA D 322 19.71 12.57 49.43
N THR D 323 19.50 11.29 49.14
CA THR D 323 20.03 10.23 50.00
C THR D 323 21.54 10.16 49.83
N VAL D 324 21.96 10.32 48.59
CA VAL D 324 23.39 10.37 48.32
C VAL D 324 24.05 11.58 48.99
N LEU D 325 23.37 12.73 49.03
CA LEU D 325 23.97 13.92 49.66
C LEU D 325 23.91 13.87 51.18
N ALA D 326 22.82 13.36 51.73
CA ALA D 326 22.79 13.06 53.15
C ALA D 326 23.96 12.15 53.47
N ALA D 327 24.09 11.04 52.75
CA ALA D 327 25.25 10.13 52.96
C ALA D 327 26.64 10.81 52.98
N VAL D 328 26.84 11.79 52.08
CA VAL D 328 28.15 12.49 51.96
C VAL D 328 28.42 13.36 53.20
N GLU D 329 27.42 14.14 53.60
CA GLU D 329 27.46 14.98 54.79
C GLU D 329 27.69 14.11 56.04
N ALA D 330 27.27 12.85 56.02
CA ALA D 330 27.55 11.97 57.18
C ALA D 330 28.90 11.24 57.07
N GLY D 331 29.66 11.51 56.01
CA GLY D 331 31.02 10.96 55.90
C GLY D 331 31.18 9.60 55.25
N VAL D 332 30.27 9.24 54.36
CA VAL D 332 30.49 8.04 53.58
C VAL D 332 31.70 8.31 52.69
N ASP D 333 32.52 7.29 52.48
CA ASP D 333 33.75 7.48 51.71
C ASP D 333 33.57 7.47 50.18
N ALA D 334 32.57 6.76 49.71
CA ALA D 334 32.38 6.67 48.28
C ALA D 334 30.94 6.40 47.91
N VAL D 335 30.57 6.94 46.75
CA VAL D 335 29.24 6.85 46.19
C VAL D 335 29.26 6.67 44.66
N ASP D 336 28.25 5.90 44.21
CA ASP D 336 27.94 5.63 42.83
C ASP D 336 27.00 6.68 42.20
N ALA D 337 27.28 7.08 40.97
CA ALA D 337 26.32 7.94 40.25
C ALA D 337 26.54 7.63 38.80
N ALA D 338 25.48 7.81 38.00
CA ALA D 338 25.55 7.65 36.55
C ALA D 338 25.59 8.97 35.82
N MET D 339 26.22 8.96 34.65
CA MET D 339 26.24 10.13 33.82
C MET D 339 24.81 10.62 33.53
N ASP D 340 24.67 11.95 33.52
CA ASP D 340 23.36 12.59 33.44
C ASP D 340 22.47 11.83 32.47
N ALA D 341 23.01 11.56 31.28
CA ALA D 341 22.22 11.08 30.16
C ALA D 341 21.76 9.64 30.32
N LEU D 342 22.32 8.91 31.28
CA LEU D 342 21.80 7.61 31.65
C LEU D 342 21.50 7.57 33.17
N SER D 343 21.01 8.71 33.69
CA SER D 343 20.70 8.84 35.11
C SER D 343 19.22 8.99 35.32
N GLY D 344 18.79 8.89 36.56
CA GLY D 344 17.38 9.12 36.84
C GLY D 344 16.58 7.84 36.81
N ASN D 345 15.33 7.92 37.27
CA ASN D 345 14.47 6.78 37.32
C ASN D 345 15.10 5.54 37.91
N THR D 346 15.13 4.46 37.14
CA THR D 346 15.59 3.17 37.67
C THR D 346 17.07 3.09 37.69
N SER D 347 17.77 4.07 37.14
CA SER D 347 19.23 4.11 37.20
C SER D 347 19.75 4.77 38.49
N GLN D 348 21.03 5.09 38.54
CA GLN D 348 21.60 5.90 39.63
C GLN D 348 21.12 7.33 39.42
N PRO D 349 21.29 8.16 40.44
CA PRO D 349 21.04 9.57 40.30
C PRO D 349 22.14 10.29 39.57
N CYS D 350 21.85 11.54 39.24
CA CYS D 350 22.62 12.31 38.28
C CYS D 350 24.00 12.71 38.78
N LEU D 351 25.02 12.06 38.23
CA LEU D 351 26.40 12.40 38.53
C LEU D 351 26.69 13.89 38.43
N GLY D 352 26.37 14.49 37.32
CA GLY D 352 26.72 15.89 37.14
C GLY D 352 26.14 16.78 38.24
N SER D 353 24.93 16.50 38.70
CA SER D 353 24.28 17.43 39.64
C SER D 353 24.72 17.17 41.05
N ILE D 354 25.01 15.91 41.35
CA ILE D 354 25.54 15.57 42.64
C ILE D 354 26.88 16.27 42.79
N VAL D 355 27.71 16.19 41.76
CA VAL D 355 29.00 16.88 41.79
C VAL D 355 28.79 18.37 41.87
N GLU D 356 27.81 18.87 41.14
CA GLU D 356 27.57 20.29 41.19
C GLU D 356 27.09 20.63 42.60
N ALA D 357 26.44 19.69 43.26
CA ALA D 357 25.88 20.00 44.58
C ALA D 357 26.99 20.19 45.58
N LEU D 358 28.05 19.42 45.38
CA LEU D 358 29.16 19.36 46.28
C LEU D 358 30.25 20.38 46.02
N SER D 359 30.16 21.02 44.87
CA SER D 359 31.25 21.78 44.36
C SER D 359 31.42 22.94 45.29
N GLY D 360 32.65 23.13 45.75
CA GLY D 360 32.98 24.22 46.71
C GLY D 360 32.79 23.87 48.17
N SER D 361 32.27 22.69 48.51
CA SER D 361 32.16 22.26 49.92
C SER D 361 33.39 21.48 50.40
N GLU D 362 33.51 21.36 51.72
CA GLU D 362 34.62 20.62 52.34
C GLU D 362 34.81 19.25 51.69
N ARG D 363 33.73 18.59 51.29
CA ARG D 363 33.90 17.28 50.68
C ARG D 363 33.90 17.26 49.15
N ASP D 364 34.07 18.44 48.53
CA ASP D 364 34.11 18.57 47.06
C ASP D 364 34.95 17.43 46.43
N PRO D 365 34.39 16.68 45.50
CA PRO D 365 35.13 15.54 44.92
C PRO D 365 36.18 15.90 43.85
N GLY D 366 36.27 17.17 43.47
CA GLY D 366 37.25 17.65 42.50
C GLY D 366 37.15 17.07 41.10
N LEU D 367 35.94 17.00 40.53
CA LEU D 367 35.77 16.55 39.15
C LEU D 367 35.32 17.71 38.27
N ASP D 368 35.91 17.85 37.09
CA ASP D 368 35.63 19.00 36.24
C ASP D 368 34.21 18.89 35.68
N PRO D 369 33.35 19.89 35.96
CA PRO D 369 31.95 19.66 35.64
C PRO D 369 31.68 19.75 34.14
N ALA D 370 32.49 20.56 33.47
CA ALA D 370 32.39 20.70 32.05
C ALA D 370 32.75 19.38 31.33
N TRP D 371 33.66 18.62 31.91
CA TRP D 371 34.05 17.36 31.29
C TRP D 371 33.00 16.32 31.53
N ILE D 372 32.47 16.30 32.74
CA ILE D 372 31.29 15.46 33.04
C ILE D 372 30.18 15.66 31.96
N ARG D 373 29.86 16.92 31.69
CA ARG D 373 28.89 17.28 30.69
C ARG D 373 29.24 16.83 29.28
N ARG D 374 30.52 16.96 28.88
CA ARG D 374 30.95 16.52 27.54
C ARG D 374 30.83 15.01 27.42
N ILE D 375 31.17 14.31 28.49
CA ILE D 375 31.04 12.87 28.49
C ILE D 375 29.56 12.52 28.49
N SER D 376 28.75 13.24 29.27
CA SER D 376 27.33 12.97 29.25
C SER D 376 26.74 13.19 27.86
N PHE D 377 27.16 14.21 27.12
CA PHE D 377 26.64 14.48 25.77
C PHE D 377 27.01 13.34 24.83
N TYR D 378 28.19 12.77 25.01
CA TYR D 378 28.56 11.59 24.24
C TYR D 378 27.60 10.46 24.55
N TRP D 379 27.39 10.19 25.83
CA TRP D 379 26.43 9.11 26.21
C TRP D 379 24.99 9.38 25.73
N GLU D 380 24.57 10.63 25.68
CA GLU D 380 23.27 10.96 25.18
C GLU D 380 23.12 10.60 23.70
N ALA D 381 24.12 10.90 22.87
CA ALA D 381 24.13 10.42 21.48
C ALA D 381 24.21 8.90 21.42
N VAL D 382 24.99 8.27 22.29
CA VAL D 382 25.09 6.81 22.29
C VAL D 382 23.75 6.21 22.63
N ARG D 383 23.10 6.79 23.61
CA ARG D 383 21.81 6.33 24.03
C ARG D 383 20.78 6.32 22.91
N ASN D 384 20.75 7.35 22.10
CA ASN D 384 19.71 7.45 21.08
C ASN D 384 19.68 6.34 20.04
N GLN D 385 20.83 5.70 19.87
CA GLN D 385 20.97 4.51 19.04
C GLN D 385 20.27 3.32 19.64
N TYR D 386 19.91 3.37 20.92
CA TYR D 386 19.34 2.21 21.57
C TYR D 386 17.83 2.39 21.82
N ALA D 387 17.17 3.16 20.97
CA ALA D 387 15.74 3.48 21.12
C ALA D 387 14.82 2.28 21.31
N ALA D 388 15.17 1.20 20.65
CA ALA D 388 14.44 -0.06 20.69
C ALA D 388 14.33 -0.63 22.10
N PHE D 389 15.25 -0.25 22.96
CA PHE D 389 15.29 -0.87 24.28
C PHE D 389 14.84 0.06 25.41
N GLU D 390 14.34 1.25 25.10
CA GLU D 390 13.82 2.19 26.11
C GLU D 390 12.51 1.66 26.69
N SER D 391 12.33 1.77 28.01
CA SER D 391 11.03 1.49 28.63
C SER D 391 10.15 2.69 28.45
N ASP D 392 8.88 2.57 28.79
CA ASP D 392 8.03 3.75 28.72
C ASP D 392 7.87 4.39 30.12
N LEU D 393 8.81 4.09 31.02
CA LEU D 393 8.79 4.69 32.35
C LEU D 393 8.93 6.22 32.26
N LYS D 394 7.97 6.92 32.85
CA LYS D 394 7.89 8.39 32.77
C LYS D 394 8.68 9.11 33.87
N GLY D 395 8.74 8.55 35.07
CA GLY D 395 9.60 9.11 36.08
C GLY D 395 9.42 8.60 37.50
N PRO D 396 9.50 9.51 38.48
CA PRO D 396 9.51 9.10 39.85
C PRO D 396 8.26 8.36 40.25
N ALA D 397 8.40 7.44 41.17
CA ALA D 397 7.29 6.66 41.68
C ALA D 397 7.54 6.32 43.17
N SER D 398 6.80 6.92 44.08
CA SER D 398 6.87 6.53 45.47
C SER D 398 6.36 5.12 45.74
N GLU D 399 5.62 4.56 44.79
CA GLU D 399 5.25 3.16 44.83
C GLU D 399 6.48 2.23 45.08
N VAL D 400 7.68 2.63 44.70
CA VAL D 400 8.81 1.77 44.99
C VAL D 400 8.95 1.41 46.48
N TYR D 401 8.44 2.25 47.38
CA TYR D 401 8.50 1.98 48.84
C TYR D 401 7.44 0.95 49.21
N LEU D 402 6.40 0.83 48.39
CA LEU D 402 5.40 -0.19 48.60
C LEU D 402 5.90 -1.54 48.06
N HIS D 403 6.51 -1.61 46.89
CA HIS D 403 6.83 -2.93 46.31
C HIS D 403 8.30 -3.37 46.40
N GLU D 404 9.21 -2.42 46.50
CA GLU D 404 10.64 -2.74 46.68
C GLU D 404 11.29 -3.55 45.54
N MET D 405 10.80 -3.32 44.33
CA MET D 405 11.42 -3.86 43.12
C MET D 405 12.72 -3.15 42.88
N PRO D 406 13.80 -3.90 42.70
CA PRO D 406 15.12 -3.32 42.29
C PRO D 406 15.06 -2.52 40.97
N GLY D 407 15.82 -1.43 40.87
CA GLY D 407 15.82 -0.59 39.65
C GLY D 407 15.90 -1.51 38.46
N GLY D 408 16.93 -2.37 38.50
CA GLY D 408 17.23 -3.34 37.44
C GLY D 408 16.09 -4.24 37.03
N GLN D 409 15.32 -4.72 37.99
CA GLN D 409 14.18 -5.58 37.70
C GLN D 409 13.04 -4.83 37.06
N PHE D 410 12.83 -3.56 37.43
CA PHE D 410 11.48 -2.98 37.35
C PHE D 410 10.91 -3.11 35.94
N THR D 411 11.74 -2.79 34.99
CA THR D 411 11.34 -2.76 33.61
C THR D 411 11.11 -4.18 33.06
N ASN D 412 12.06 -5.12 33.26
CA ASN D 412 11.91 -6.50 32.76
C ASN D 412 10.57 -7.10 33.22
N LEU D 413 10.27 -6.91 34.50
CA LEU D 413 9.09 -7.47 35.11
C LEU D 413 7.83 -6.86 34.53
N LYS D 414 7.94 -5.62 34.04
CA LYS D 414 6.82 -4.95 33.37
C LYS D 414 6.59 -5.57 31.98
N GLU D 415 7.70 -5.75 31.25
CA GLU D 415 7.66 -6.39 29.92
C GLU D 415 7.15 -7.80 30.13
N GLN D 416 7.61 -8.43 31.20
CA GLN D 416 7.21 -9.79 31.52
C GLN D 416 5.70 -9.88 31.85
N ALA D 417 5.14 -8.84 32.45
CA ALA D 417 3.70 -8.75 32.66
C ALA D 417 2.97 -8.39 31.37
N ARG D 418 3.64 -7.69 30.46
CA ARG D 418 3.13 -7.53 29.09
C ARG D 418 3.05 -8.93 28.47
N SER D 419 4.17 -9.64 28.54
CA SER D 419 4.32 -11.00 28.01
C SER D 419 3.17 -11.95 28.36
N LEU D 420 2.68 -11.87 29.60
CA LEU D 420 1.58 -12.76 30.11
C LEU D 420 0.16 -12.14 30.03
N GLY D 421 0.02 -10.93 29.49
CA GLY D 421 -1.30 -10.31 29.25
C GLY D 421 -1.78 -9.37 30.35
N LEU D 422 -0.86 -8.65 30.99
CA LEU D 422 -1.20 -7.99 32.26
C LEU D 422 -1.04 -6.45 32.35
N GLU D 423 -0.63 -5.76 31.27
CA GLU D 423 -0.39 -4.30 31.38
C GLU D 423 -1.56 -3.53 32.07
N THR D 424 -2.79 -4.00 31.85
CA THR D 424 -4.01 -3.41 32.44
C THR D 424 -4.07 -3.50 33.98
N ARG D 425 -3.28 -4.38 34.58
CA ARG D 425 -3.37 -4.65 36.01
C ARG D 425 -2.00 -4.51 36.71
N TRP D 426 -1.08 -3.74 36.13
CA TRP D 426 0.28 -3.68 36.67
C TRP D 426 0.35 -3.31 38.14
N HIS D 427 -0.60 -2.53 38.64
CA HIS D 427 -0.51 -2.10 40.04
C HIS D 427 -0.95 -3.25 40.96
N GLN D 428 -1.75 -4.18 40.44
CA GLN D 428 -2.10 -5.39 41.18
C GLN D 428 -0.88 -6.32 41.28
N VAL D 429 -0.07 -6.40 40.22
CA VAL D 429 1.20 -7.14 40.24
C VAL D 429 2.24 -6.57 41.22
N ALA D 430 2.25 -5.25 41.38
CA ALA D 430 3.08 -4.59 42.38
C ALA D 430 2.58 -4.87 43.77
N GLN D 431 1.26 -5.02 43.94
CA GLN D 431 0.70 -5.43 45.24
C GLN D 431 1.06 -6.90 45.51
N ALA D 432 1.00 -7.75 44.48
CA ALA D 432 1.33 -9.17 44.62
C ALA D 432 2.77 -9.36 45.07
N TYR D 433 3.64 -8.56 44.49
CA TYR D 433 5.06 -8.68 44.72
C TYR D 433 5.42 -8.37 46.14
N ALA D 434 4.83 -7.31 46.69
CA ALA D 434 4.98 -6.97 48.11
C ALA D 434 4.37 -8.07 48.96
N ASP D 435 3.19 -8.56 48.57
CA ASP D 435 2.47 -9.60 49.30
C ASP D 435 3.24 -10.94 49.32
N ALA D 436 3.79 -11.29 48.17
CA ALA D 436 4.67 -12.43 48.07
C ALA D 436 5.89 -12.25 48.96
N ASN D 437 6.44 -11.05 49.03
CA ASN D 437 7.61 -10.80 49.86
C ASN D 437 7.37 -11.19 51.32
N GLN D 438 6.22 -10.76 51.83
CA GLN D 438 5.87 -11.04 53.22
C GLN D 438 5.59 -12.51 53.40
N MET D 439 5.03 -13.12 52.36
CA MET D 439 4.76 -14.58 52.28
C MET D 439 6.03 -15.42 52.37
N PHE D 440 7.08 -15.02 51.66
CA PHE D 440 8.43 -15.61 51.82
C PHE D 440 9.12 -15.21 53.13
N GLY D 441 8.51 -14.30 53.88
CA GLY D 441 8.93 -13.98 55.24
C GLY D 441 9.63 -12.64 55.39
N ASP D 442 9.48 -11.75 54.39
CA ASP D 442 10.04 -10.38 54.38
C ASP D 442 11.54 -10.44 54.21
N ILE D 443 11.94 -10.61 52.96
CA ILE D 443 13.32 -10.92 52.60
C ILE D 443 13.93 -9.78 51.77
N VAL D 444 15.20 -10.00 51.42
CA VAL D 444 16.00 -9.12 50.58
C VAL D 444 15.77 -9.53 49.13
N LYS D 445 15.26 -8.60 48.34
CA LYS D 445 14.91 -8.88 46.96
C LYS D 445 15.94 -8.26 46.07
N VAL D 446 16.71 -9.15 45.44
CA VAL D 446 17.83 -8.79 44.59
C VAL D 446 18.28 -10.02 43.81
N THR D 447 18.77 -9.80 42.59
CA THR D 447 19.22 -10.86 41.73
C THR D 447 20.10 -11.85 42.51
N PRO D 448 19.71 -13.14 42.53
CA PRO D 448 18.54 -13.71 41.87
C PRO D 448 17.29 -13.86 42.73
N SER D 449 17.29 -13.42 43.99
CA SER D 449 16.11 -13.63 44.84
C SER D 449 14.87 -12.89 44.33
N SER D 450 15.13 -11.74 43.71
CA SER D 450 14.08 -10.91 43.14
C SER D 450 13.39 -11.54 41.93
N LYS D 451 14.15 -12.21 41.05
CA LYS D 451 13.55 -12.94 39.93
C LYS D 451 12.54 -13.91 40.53
N VAL D 452 12.89 -14.47 41.68
CA VAL D 452 12.06 -15.49 42.30
C VAL D 452 10.75 -14.87 42.77
N VAL D 453 10.81 -13.76 43.52
CA VAL D 453 9.56 -13.09 43.96
C VAL D 453 8.69 -12.64 42.76
N GLY D 454 9.38 -12.16 41.73
CA GLY D 454 8.78 -11.80 40.47
C GLY D 454 7.90 -12.89 39.91
N ASP D 455 8.52 -14.03 39.57
CA ASP D 455 7.80 -15.22 39.07
C ASP D 455 6.56 -15.52 39.90
N MET D 456 6.72 -15.43 41.22
CA MET D 456 5.66 -15.75 42.17
CA MET D 456 5.64 -15.77 42.15
C MET D 456 4.51 -14.76 42.05
N ALA D 457 4.85 -13.47 42.10
CA ALA D 457 3.85 -12.43 42.04
C ALA D 457 3.07 -12.53 40.74
N LEU D 458 3.78 -12.80 39.64
CA LEU D 458 3.17 -12.84 38.32
C LEU D 458 2.18 -13.97 38.29
N MET D 459 2.61 -15.15 38.76
CA MET D 459 1.67 -16.25 38.91
C MET D 459 0.44 -15.84 39.72
N MET D 460 0.65 -15.27 40.91
CA MET D 460 -0.45 -14.97 41.85
C MET D 460 -1.57 -14.14 41.24
N VAL D 461 -1.17 -13.26 40.32
CA VAL D 461 -2.11 -12.45 39.54
C VAL D 461 -2.73 -13.34 38.49
N SER D 462 -1.92 -13.83 37.54
CA SER D 462 -2.39 -14.73 36.45
C SER D 462 -3.47 -15.72 36.85
N GLN D 463 -3.45 -16.19 38.10
CA GLN D 463 -4.40 -17.18 38.57
C GLN D 463 -5.34 -16.60 39.61
N ASP D 464 -5.35 -15.27 39.74
CA ASP D 464 -6.15 -14.57 40.72
C ASP D 464 -6.06 -15.24 42.10
N LEU D 465 -4.81 -15.51 42.52
CA LEU D 465 -4.52 -16.20 43.77
C LEU D 465 -4.02 -15.24 44.82
N THR D 466 -4.53 -15.42 46.03
CA THR D 466 -4.12 -14.59 47.15
C THR D 466 -2.97 -15.24 47.92
N VAL D 467 -2.43 -14.48 48.85
CA VAL D 467 -1.48 -15.00 49.82
C VAL D 467 -2.12 -16.15 50.57
N ALA D 468 -3.35 -15.94 51.06
CA ALA D 468 -4.16 -17.01 51.72
C ALA D 468 -4.28 -18.26 50.83
N ASP D 469 -4.73 -18.09 49.59
CA ASP D 469 -4.93 -19.21 48.64
C ASP D 469 -3.62 -19.90 48.23
N VAL D 470 -2.57 -19.10 47.97
CA VAL D 470 -1.23 -19.65 47.72
C VAL D 470 -0.84 -20.61 48.87
N VAL D 471 -1.18 -20.24 50.11
CA VAL D 471 -0.85 -21.03 51.31
C VAL D 471 -1.84 -22.17 51.71
N SER D 472 -3.14 -22.02 51.47
CA SER D 472 -4.17 -22.91 52.12
C SER D 472 -4.10 -24.40 51.73
N PRO D 473 -4.53 -25.29 52.66
CA PRO D 473 -4.39 -26.75 52.46
C PRO D 473 -5.06 -27.28 51.17
N ASP D 474 -6.36 -27.09 51.04
CA ASP D 474 -7.12 -27.58 49.87
C ASP D 474 -7.05 -26.58 48.67
N ARG D 475 -5.89 -26.46 48.02
CA ARG D 475 -5.75 -25.59 46.84
C ARG D 475 -4.49 -25.88 46.01
N GLU D 476 -4.62 -26.69 44.96
CA GLU D 476 -3.47 -27.14 44.17
C GLU D 476 -2.87 -26.02 43.32
N VAL D 477 -1.85 -25.37 43.89
CA VAL D 477 -1.02 -24.43 43.17
C VAL D 477 0.14 -25.22 42.55
N SER D 478 0.47 -24.93 41.29
CA SER D 478 1.65 -25.51 40.63
C SER D 478 2.75 -24.45 40.53
N PHE D 479 3.75 -24.54 41.40
CA PHE D 479 4.71 -23.44 41.62
C PHE D 479 5.80 -23.36 40.52
N PRO D 480 6.36 -22.15 40.29
CA PRO D 480 7.40 -22.07 39.26
C PRO D 480 8.72 -22.70 39.72
N GLU D 481 9.49 -23.20 38.75
CA GLU D 481 10.83 -23.76 39.02
C GLU D 481 11.70 -22.85 39.92
N SER D 482 11.64 -21.53 39.68
CA SER D 482 12.24 -20.51 40.57
C SER D 482 11.79 -20.60 42.05
N VAL D 483 10.50 -20.88 42.29
CA VAL D 483 9.95 -20.83 43.63
C VAL D 483 10.35 -22.05 44.47
N VAL D 484 10.25 -23.24 43.87
CA VAL D 484 10.64 -24.49 44.56
C VAL D 484 12.13 -24.44 44.90
N SER D 485 12.95 -24.09 43.93
CA SER D 485 14.41 -24.04 44.11
C SER D 485 14.90 -23.21 45.31
N MET D 486 14.33 -22.03 45.49
CA MET D 486 14.71 -21.13 46.58
C MET D 486 14.29 -21.67 47.96
N LEU D 487 13.05 -22.18 48.05
CA LEU D 487 12.51 -22.68 49.29
C LEU D 487 13.01 -24.13 49.55
N LYS D 488 13.72 -24.71 48.58
CA LYS D 488 14.47 -25.98 48.76
C LYS D 488 15.90 -25.74 49.29
N GLY D 489 16.40 -24.51 49.14
CA GLY D 489 17.70 -24.08 49.67
C GLY D 489 18.68 -23.55 48.63
N ASP D 490 18.44 -23.85 47.35
CA ASP D 490 19.41 -23.59 46.30
C ASP D 490 19.94 -22.15 46.24
N LEU D 491 19.18 -21.13 46.65
CA LEU D 491 19.74 -19.73 46.66
C LEU D 491 20.10 -19.30 48.10
N GLY D 492 19.98 -20.24 49.05
CA GLY D 492 20.52 -20.05 50.40
C GLY D 492 19.48 -19.81 51.47
N GLN D 493 19.92 -19.20 52.58
CA GLN D 493 19.14 -19.08 53.83
C GLN D 493 18.97 -17.65 54.36
N PRO D 494 17.71 -17.23 54.61
CA PRO D 494 17.50 -15.97 55.33
C PRO D 494 17.82 -16.12 56.83
N PRO D 495 18.06 -15.00 57.55
CA PRO D 495 18.38 -15.11 58.99
C PRO D 495 17.41 -16.03 59.78
N SER D 496 16.11 -15.88 59.50
CA SER D 496 15.05 -16.62 60.22
C SER D 496 14.72 -18.02 59.66
N GLY D 497 15.05 -18.24 58.39
CA GLY D 497 14.71 -19.49 57.68
C GLY D 497 13.47 -19.28 56.82
N TRP D 498 13.19 -20.21 55.91
CA TRP D 498 11.98 -20.15 55.11
C TRP D 498 10.75 -20.64 55.89
N PRO D 499 9.60 -19.99 55.68
CA PRO D 499 8.41 -20.36 56.44
C PRO D 499 8.01 -21.83 56.28
N GLU D 500 7.69 -22.47 57.40
CA GLU D 500 7.50 -23.92 57.46
C GLU D 500 6.41 -24.32 56.49
N ALA D 501 5.25 -23.69 56.64
CA ALA D 501 4.09 -24.04 55.84
C ALA D 501 4.44 -23.95 54.36
N LEU D 502 5.02 -22.82 53.95
CA LEU D 502 5.39 -22.59 52.54
C LEU D 502 6.21 -23.77 52.02
N GLN D 503 7.44 -23.92 52.51
CA GLN D 503 8.35 -24.95 51.99
C GLN D 503 7.61 -26.29 51.87
N LYS D 504 6.88 -26.71 52.90
CA LYS D 504 6.21 -28.03 52.87
C LYS D 504 5.28 -28.23 51.65
N LYS D 505 4.55 -27.17 51.28
CA LYS D 505 3.59 -27.29 50.17
C LYS D 505 4.30 -27.19 48.83
N ALA D 506 5.19 -26.21 48.73
CA ALA D 506 5.94 -25.96 47.48
C ALA D 506 6.81 -27.17 47.10
N LEU D 507 7.28 -27.86 48.13
CA LEU D 507 8.14 -29.03 47.97
C LEU D 507 7.29 -30.30 47.98
N GLY D 509 7.65 -32.00 49.44
CA GLY D 509 7.93 -33.40 49.21
C GLY D 509 9.43 -33.68 49.26
N GLU D 510 10.19 -32.95 48.45
CA GLU D 510 11.65 -32.99 48.50
C GLU D 510 12.08 -32.34 49.81
N LYS D 511 12.74 -33.09 50.69
CA LYS D 511 13.22 -32.53 51.97
C LYS D 511 14.23 -31.39 51.68
N PRO D 512 14.14 -30.25 52.43
CA PRO D 512 14.99 -29.05 52.16
C PRO D 512 16.41 -29.12 52.80
N TYR D 513 17.19 -28.06 52.60
CA TYR D 513 18.58 -27.99 53.07
C TYR D 513 18.92 -26.63 53.63
N THR D 514 19.26 -26.56 54.91
CA THR D 514 19.73 -25.31 55.55
C THR D 514 21.25 -25.13 55.51
N VAL D 515 21.93 -26.14 54.96
CA VAL D 515 23.37 -26.10 54.80
C VAL D 515 23.65 -25.18 53.62
N ARG D 516 24.88 -24.67 53.58
CA ARG D 516 25.35 -23.79 52.52
C ARG D 516 25.41 -24.56 51.18
N PRO D 517 24.70 -24.07 50.14
CA PRO D 517 24.52 -24.80 48.87
C PRO D 517 25.79 -25.39 48.32
N GLY D 518 26.82 -24.55 48.20
CA GLY D 518 28.12 -24.98 47.69
C GLY D 518 28.80 -26.15 48.41
N SER D 519 28.40 -26.45 49.65
CA SER D 519 28.91 -27.61 50.40
C SER D 519 28.23 -28.91 49.99
N LEU D 520 27.05 -28.81 49.36
CA LEU D 520 26.35 -29.97 48.83
C LEU D 520 26.69 -30.16 47.33
N LEU D 521 26.65 -29.07 46.54
CA LEU D 521 27.08 -29.12 45.13
C LEU D 521 28.49 -29.74 45.09
N LYS D 522 28.74 -30.64 44.13
CA LYS D 522 30.04 -31.33 44.03
C LYS D 522 31.13 -30.51 43.28
N GLU D 523 32.37 -30.64 43.74
CA GLU D 523 33.55 -29.97 43.16
C GLU D 523 33.82 -30.44 41.74
N ALA D 524 33.22 -29.75 40.75
CA ALA D 524 33.28 -30.13 39.32
C ALA D 524 34.72 -30.24 38.77
N ASP D 525 35.06 -31.37 38.12
CA ASP D 525 36.38 -31.57 37.48
C ASP D 525 36.43 -30.70 36.23
N LEU D 526 37.27 -29.66 36.24
CA LEU D 526 37.30 -28.69 35.16
C LEU D 526 38.37 -29.02 34.11
N ASP D 527 39.07 -30.14 34.28
CA ASP D 527 39.87 -30.73 33.19
C ASP D 527 38.97 -31.56 32.29
N ALA D 528 38.02 -32.25 32.91
CA ALA D 528 36.96 -32.99 32.21
C ALA D 528 36.01 -32.05 31.44
N GLU D 529 35.38 -31.11 32.14
CA GLU D 529 34.43 -30.13 31.55
C GLU D 529 35.07 -29.34 30.40
N ARG D 530 36.36 -29.04 30.55
CA ARG D 530 37.17 -28.42 29.49
C ARG D 530 37.21 -29.30 28.24
N LYS D 531 37.40 -30.60 28.42
CA LYS D 531 37.33 -31.52 27.29
C LYS D 531 35.95 -31.40 26.63
N VAL D 532 34.91 -31.34 27.46
CA VAL D 532 33.53 -31.28 26.95
C VAL D 532 33.32 -30.14 25.95
N ILE D 533 33.67 -28.91 26.34
CA ILE D 533 33.50 -27.72 25.46
C ILE D 533 34.44 -27.72 24.25
N GLU D 534 35.67 -28.19 24.44
CA GLU D 534 36.65 -28.19 23.36
C GLU D 534 36.26 -29.19 22.27
N LYS D 535 35.51 -30.23 22.63
CA LYS D 535 34.92 -31.15 21.65
C LYS D 535 33.85 -30.44 20.82
N LYS D 536 32.80 -29.95 21.47
CA LYS D 536 31.68 -29.27 20.77
C LYS D 536 32.15 -28.15 19.80
N LEU D 537 33.21 -27.43 20.17
CA LEU D 537 33.75 -26.31 19.35
C LEU D 537 34.98 -26.75 18.50
N GLU D 538 35.44 -27.99 18.67
CA GLU D 538 36.61 -28.52 17.96
C GLU D 538 37.73 -27.46 17.88
N ARG D 539 38.17 -27.00 19.06
CA ARG D 539 39.17 -25.94 19.19
C ARG D 539 39.82 -25.96 20.59
N GLU D 540 41.06 -25.47 20.68
CA GLU D 540 41.62 -25.04 21.97
C GLU D 540 40.95 -23.71 22.35
N VAL D 541 40.27 -23.64 23.50
CA VAL D 541 39.75 -22.35 24.04
C VAL D 541 40.70 -21.82 25.11
N SER D 542 40.66 -20.51 25.32
CA SER D 542 41.43 -19.86 26.37
C SER D 542 40.68 -20.08 27.67
N ASP D 543 41.33 -19.71 28.79
CA ASP D 543 40.75 -19.83 30.13
C ASP D 543 39.61 -18.81 30.36
N PHE D 544 39.80 -17.61 29.84
CA PHE D 544 38.72 -16.64 29.87
C PHE D 544 37.47 -17.34 29.33
N GLU D 545 37.55 -17.80 28.09
CA GLU D 545 36.44 -18.52 27.48
C GLU D 545 35.98 -19.72 28.32
N PHE D 546 36.89 -20.40 29.01
CA PHE D 546 36.47 -21.53 29.83
C PHE D 546 35.66 -21.04 31.01
N ALA D 547 35.98 -19.86 31.51
CA ALA D 547 35.21 -19.30 32.59
C ALA D 547 33.79 -18.98 32.13
N SER D 548 33.67 -18.42 30.93
CA SER D 548 32.38 -18.20 30.29
C SER D 548 31.60 -19.51 30.12
N TYR D 549 32.28 -20.58 29.74
CA TYR D 549 31.61 -21.88 29.60
C TYR D 549 31.01 -22.34 30.93
N LEU D 550 31.83 -22.36 31.97
CA LEU D 550 31.42 -22.79 33.29
C LEU D 550 30.20 -22.06 33.80
N MET D 551 30.11 -20.75 33.51
CA MET D 551 28.98 -19.90 33.94
C MET D 551 27.71 -20.04 33.10
N TYR D 552 27.88 -20.18 31.78
CA TYR D 552 26.80 -20.11 30.81
C TYR D 552 27.09 -21.07 29.67
N PRO D 553 27.05 -22.38 29.95
CA PRO D 553 27.48 -23.34 28.96
C PRO D 553 26.78 -23.20 27.61
N LYS D 554 25.46 -23.23 27.60
CA LYS D 554 24.70 -23.11 26.35
C LYS D 554 24.90 -21.71 25.69
N VAL D 555 24.83 -20.63 26.47
CA VAL D 555 25.02 -19.28 25.92
C VAL D 555 26.43 -19.09 25.33
N PHE D 556 27.45 -19.54 26.05
CA PHE D 556 28.81 -19.40 25.54
C PHE D 556 28.96 -20.19 24.25
N THR D 557 28.37 -21.36 24.24
CA THR D 557 28.51 -22.25 23.11
C THR D 557 27.85 -21.65 21.88
N ASP D 558 26.61 -21.24 22.04
CA ASP D 558 25.86 -20.58 20.96
C ASP D 558 26.63 -19.35 20.51
N PHE D 559 27.22 -18.60 21.46
CA PHE D 559 28.04 -17.44 21.13
C PHE D 559 29.27 -17.81 20.27
N ALA D 560 30.00 -18.87 20.63
CA ALA D 560 31.26 -19.22 19.91
C ALA D 560 31.03 -19.69 18.49
N LEU D 561 30.07 -20.60 18.33
CA LEU D 561 29.52 -20.98 17.01
C LEU D 561 29.17 -19.77 16.13
N ALA D 562 28.53 -18.77 16.73
CA ALA D 562 28.14 -17.60 15.98
C ALA D 562 29.34 -16.72 15.61
N SER D 563 30.30 -16.57 16.52
CA SER D 563 31.58 -15.94 16.19
C SER D 563 32.22 -16.60 14.98
N ASP D 564 32.21 -17.94 14.94
CA ASP D 564 32.77 -18.72 13.80
C ASP D 564 32.10 -18.31 12.50
N THR D 565 30.78 -18.15 12.56
CA THR D 565 30.01 -17.86 11.37
C THR D 565 30.24 -16.45 10.94
N TYR D 566 30.15 -15.54 11.91
CA TYR D 566 30.00 -14.11 11.62
C TYR D 566 31.22 -13.23 11.90
N GLY D 567 32.22 -13.72 12.62
CA GLY D 567 33.42 -12.93 12.93
C GLY D 567 33.28 -11.93 14.06
N PRO D 568 34.19 -10.94 14.12
CA PRO D 568 34.24 -10.00 15.26
C PRO D 568 33.25 -8.87 15.09
N VAL D 569 31.99 -9.22 15.13
CA VAL D 569 30.89 -8.28 14.92
C VAL D 569 30.88 -7.15 15.94
N SER D 570 31.53 -7.37 17.08
CA SER D 570 31.70 -6.33 18.08
C SER D 570 32.40 -5.09 17.54
N VAL D 571 33.09 -5.19 16.40
CA VAL D 571 33.81 -4.02 15.92
C VAL D 571 32.91 -3.08 15.15
N LEU D 572 31.71 -3.52 14.75
CA LEU D 572 30.81 -2.70 13.97
C LEU D 572 30.22 -1.56 14.81
N PRO D 573 30.03 -0.37 14.21
CA PRO D 573 29.25 0.58 14.96
C PRO D 573 27.81 0.10 15.14
N THR D 574 27.12 0.70 16.10
CA THR D 574 25.92 0.12 16.64
C THR D 574 24.74 0.14 15.68
N PRO D 575 24.61 1.20 14.89
CA PRO D 575 23.52 1.16 13.92
C PRO D 575 23.66 -0.02 13.00
N ALA D 576 24.89 -0.30 12.63
CA ALA D 576 25.13 -1.31 11.65
C ALA D 576 24.89 -2.67 12.27
N TYR D 577 25.33 -2.84 13.51
CA TYR D 577 25.13 -4.11 14.22
C TYR D 577 23.64 -4.45 14.29
N PHE D 578 22.79 -3.43 14.53
CA PHE D 578 21.37 -3.64 14.77
C PHE D 578 20.53 -3.54 13.54
N TYR D 579 20.91 -2.73 12.55
CA TYR D 579 20.08 -2.56 11.30
C TYR D 579 20.80 -2.70 9.98
N GLY D 580 22.07 -3.09 10.08
CA GLY D 580 22.94 -3.12 8.92
C GLY D 580 23.11 -1.81 8.17
N LEU D 581 23.17 -1.92 6.84
CA LEU D 581 23.50 -0.81 6.00
C LEU D 581 22.39 -0.51 5.00
N ALA D 582 22.01 0.75 4.88
CA ALA D 582 21.13 1.19 3.81
C ALA D 582 21.76 0.96 2.50
N ASP D 583 20.96 1.16 1.46
CA ASP D 583 21.45 1.01 0.12
C ASP D 583 22.34 2.21 -0.20
N GLY D 584 23.50 1.94 -0.81
CA GLY D 584 24.55 2.95 -1.00
C GLY D 584 25.33 3.36 0.26
N GLU D 585 24.88 2.98 1.44
CA GLU D 585 25.58 3.42 2.64
C GLU D 585 27.03 2.87 2.68
N GLU D 586 27.95 3.75 3.07
CA GLU D 586 29.37 3.43 3.15
C GLU D 586 29.69 3.24 4.61
N LEU D 587 30.42 2.19 4.93
CA LEU D 587 30.82 1.87 6.31
C LEU D 587 32.35 1.61 6.50
N PHE D 588 32.89 2.07 7.62
CA PHE D 588 34.30 1.89 7.98
C PHE D 588 34.40 1.01 9.21
N ALA D 589 35.11 -0.10 9.11
CA ALA D 589 35.25 -0.96 10.28
C ALA D 589 36.67 -1.39 10.49
N ASP D 590 37.08 -1.36 11.75
CA ASP D 590 38.44 -1.71 12.10
C ASP D 590 38.54 -3.18 12.53
N ILE D 591 38.66 -4.09 11.54
CA ILE D 591 38.79 -5.56 11.74
C ILE D 591 39.85 -5.90 12.76
N GLU D 592 41.07 -5.40 12.54
CA GLU D 592 42.23 -5.52 13.46
C GLU D 592 42.32 -4.08 13.98
N LYS D 593 43.42 -3.70 14.65
CA LYS D 593 43.61 -2.27 15.00
C LYS D 593 44.34 -1.51 13.89
N GLY D 594 45.32 -2.13 13.23
CA GLY D 594 45.93 -1.51 12.03
C GLY D 594 45.20 -1.73 10.69
N LYS D 595 43.94 -2.24 10.70
CA LYS D 595 43.25 -2.61 9.45
C LYS D 595 41.77 -2.15 9.46
N THR D 596 41.55 -1.00 8.83
CA THR D 596 40.23 -0.52 8.46
C THR D 596 39.77 -1.17 7.14
N LEU D 597 38.52 -1.62 7.15
CA LEU D 597 37.79 -2.02 5.94
C LEU D 597 36.77 -0.97 5.53
N VAL D 598 36.57 -0.82 4.23
CA VAL D 598 35.59 0.10 3.65
C VAL D 598 34.58 -0.81 2.91
N ILE D 599 33.36 -0.76 3.39
CA ILE D 599 32.27 -1.64 2.97
C ILE D 599 31.16 -0.76 2.46
N VAL D 600 30.79 -0.94 1.21
CA VAL D 600 29.59 -0.30 0.71
C VAL D 600 28.58 -1.36 0.41
N ASN D 601 27.36 -1.15 0.88
CA ASN D 601 26.22 -1.92 0.38
C ASN D 601 25.69 -1.25 -0.90
N GLN D 602 25.86 -1.91 -2.05
CA GLN D 602 25.48 -1.29 -3.34
C GLN D 602 24.13 -1.78 -3.92
N ALA D 603 23.71 -2.98 -3.54
CA ALA D 603 22.40 -3.51 -3.95
C ALA D 603 22.01 -4.77 -3.21
N VAL D 604 20.70 -5.03 -3.18
CA VAL D 604 20.17 -6.21 -2.52
C VAL D 604 19.16 -6.88 -3.40
N SER D 605 19.50 -8.03 -3.98
CA SER D 605 18.56 -8.76 -4.86
C SER D 605 17.26 -9.16 -4.19
N ALA D 606 16.27 -9.51 -5.00
CA ALA D 606 15.10 -10.21 -4.53
C ALA D 606 15.48 -11.64 -4.12
N THR D 607 14.60 -12.31 -3.39
CA THR D 607 14.83 -13.70 -2.93
C THR D 607 14.74 -14.67 -4.10
N ASP D 608 15.71 -15.59 -4.18
CA ASP D 608 15.79 -16.55 -5.30
C ASP D 608 14.95 -17.82 -5.02
N SER D 609 14.89 -18.77 -5.96
CA SER D 609 14.10 -20.01 -5.75
C SER D 609 14.61 -20.83 -4.55
N GLN D 610 15.90 -20.70 -4.21
CA GLN D 610 16.50 -21.45 -3.10
C GLN D 610 16.18 -20.89 -1.74
N GLY D 611 15.48 -19.75 -1.68
CA GLY D 611 15.28 -19.02 -0.41
C GLY D 611 16.46 -18.14 -0.02
N MET D 612 17.41 -17.92 -0.93
CA MET D 612 18.58 -17.08 -0.65
C MET D 612 18.49 -15.67 -1.28
N VAL D 613 19.10 -14.70 -0.56
CA VAL D 613 19.20 -13.32 -1.02
C VAL D 613 20.68 -12.95 -1.14
N THR D 614 21.05 -12.35 -2.27
CA THR D 614 22.43 -11.97 -2.53
C THR D 614 22.59 -10.48 -2.24
N VAL D 615 23.56 -10.17 -1.38
CA VAL D 615 23.93 -8.80 -1.08
C VAL D 615 25.19 -8.49 -1.82
N PHE D 616 25.13 -7.41 -2.58
CA PHE D 616 26.25 -6.95 -3.38
C PHE D 616 27.13 -5.88 -2.69
N PHE D 617 28.25 -6.30 -2.09
CA PHE D 617 29.16 -5.36 -1.44
C PHE D 617 30.24 -4.85 -2.36
N GLU D 618 30.77 -3.69 -2.00
CA GLU D 618 32.14 -3.33 -2.39
C GLU D 618 32.94 -3.38 -1.10
N LEU D 619 33.98 -4.22 -1.07
CA LEU D 619 34.96 -4.27 0.02
C LEU D 619 36.28 -3.80 -0.53
N ASN D 620 36.79 -2.68 0.01
CA ASN D 620 38.01 -2.01 -0.49
C ASN D 620 38.08 -1.94 -2.02
N GLY D 621 37.09 -1.27 -2.60
CA GLY D 621 36.93 -1.11 -4.03
C GLY D 621 36.74 -2.39 -4.83
N GLN D 622 36.79 -3.57 -4.20
CA GLN D 622 36.63 -4.80 -5.00
C GLN D 622 35.23 -5.39 -4.72
N PRO D 623 34.54 -5.72 -5.80
CA PRO D 623 33.16 -6.23 -5.73
C PRO D 623 33.07 -7.57 -5.02
N ARG D 624 32.05 -7.72 -4.16
CA ARG D 624 31.81 -8.99 -3.48
C ARG D 624 30.33 -9.25 -3.36
N ARG D 625 29.97 -10.53 -3.43
CA ARG D 625 28.57 -10.99 -3.53
C ARG D 625 28.37 -11.96 -2.37
N ILE D 626 27.44 -11.64 -1.48
CA ILE D 626 27.20 -12.46 -0.28
C ILE D 626 25.78 -12.99 -0.23
N LYS D 627 25.66 -14.29 0.03
CA LYS D 627 24.38 -14.99 0.07
C LYS D 627 23.98 -15.18 1.52
N VAL D 628 22.69 -15.05 1.78
CA VAL D 628 22.15 -15.23 3.09
C VAL D 628 20.69 -15.64 2.94
N PRO D 629 20.16 -16.36 3.92
CA PRO D 629 18.79 -16.81 3.81
C PRO D 629 17.78 -15.69 4.01
N ASP D 630 16.66 -15.76 3.29
CA ASP D 630 15.52 -14.94 3.60
C ASP D 630 14.80 -15.65 4.74
N ARG D 631 15.19 -15.29 5.96
CA ARG D 631 14.58 -15.82 7.18
C ARG D 631 13.08 -15.47 7.36
N ALA D 632 12.54 -14.56 6.55
CA ALA D 632 11.13 -14.25 6.63
C ALA D 632 10.32 -15.53 6.38
ZN ZN E . -25.22 -22.44 -32.50
C1 3PY F . -26.83 -25.45 -26.97
O1 3PY F . -27.17 -26.64 -26.71
O2 3PY F . -27.06 -24.50 -26.18
C2 3PY F . -26.11 -25.20 -28.19
O3 3PY F . -25.98 -24.06 -28.65
C3 3PY F . -25.56 -26.43 -28.89
O4 3PY F . -24.38 -26.12 -29.61
C2 BTN G . -25.64 -13.14 -4.06
S1 BTN G . -25.11 -12.14 -5.48
C6 BTN G . -24.92 -10.67 -4.53
C5 BTN G . -24.49 -11.11 -3.13
N1 BTN G . -23.05 -11.25 -3.10
C3 BTN G . -22.65 -12.44 -2.73
O3 BTN G . -21.47 -12.82 -2.70
N2 BTN G . -23.74 -13.19 -2.47
C4 BTN G . -25.00 -12.53 -2.82
MG MG H . -38.29 -20.28 -49.67
CL CL I . -30.30 -29.00 -10.91
C1 GOL J . -13.14 -11.35 -38.51
O1 GOL J . -13.69 -11.36 -39.84
C2 GOL J . -13.77 -12.43 -37.69
O2 GOL J . -14.09 -11.91 -36.38
C3 GOL J . -14.98 -12.93 -38.48
O3 GOL J . -15.43 -14.05 -37.76
ZN ZN K . -4.08 -3.40 -46.52
C1 3PY L . -0.14 1.96 -46.23
O1 3PY L . -0.09 2.79 -47.17
O2 3PY L . 0.81 1.77 -45.40
C2 3PY L . -1.36 1.16 -46.13
O3 3PY L . -1.29 -0.04 -45.93
C3 3PY L . -2.70 1.79 -46.28
O4 3PY L . -3.39 1.00 -47.23
C7 BTN M . 14.56 5.88 -25.37
C2 BTN M . 14.82 4.79 -24.32
S1 BTN M . 13.68 3.41 -24.37
C6 BTN M . 14.33 2.73 -22.85
C5 BTN M . 14.72 3.94 -21.97
N1 BTN M . 13.67 4.23 -21.00
C3 BTN M . 12.99 5.36 -21.29
O3 BTN M . 11.99 5.74 -20.68
N2 BTN M . 13.58 5.94 -22.34
C4 BTN M . 14.77 5.21 -22.83
MG MG N . -3.34 -17.65 -63.07
CL CL O . 11.55 12.58 -40.10
ZN ZN P . 7.32 26.57 37.90
C1 3PY Q . 4.58 30.96 33.74
O1 3PY Q . 4.72 32.20 33.69
O2 3PY Q . 3.56 30.36 33.29
C2 3PY Q . 5.68 30.26 34.33
O3 3PY Q . 5.55 29.12 34.77
C3 3PY Q . 6.96 31.04 34.40
O4 3PY Q . 8.05 30.16 34.67
C7 BTN R . -11.56 23.55 14.66
C2 BTN R . -11.89 22.06 14.58
S1 BTN R . -10.83 21.09 15.65
C6 BTN R . -11.39 19.62 14.87
C5 BTN R . -11.44 19.94 13.37
N1 BTN R . -10.18 19.72 12.65
C3 BTN R . -9.73 20.84 12.09
O3 BTN R . -8.71 20.91 11.39
N2 BTN R . -10.56 21.84 12.40
C4 BTN R . -11.73 21.43 13.20
MG MG S . 5.24 27.58 59.63
CL CL T . -4.67 37.54 21.62
C1 GOL U . 14.68 11.67 38.97
O1 GOL U . 15.04 10.33 38.84
C2 GOL U . 14.42 12.21 37.55
O2 GOL U . 13.44 11.54 36.73
C3 GOL U . 13.95 13.62 37.77
O3 GOL U . 14.33 13.87 39.10
ZN ZN V . 22.20 -1.36 40.97
C1 3PY W . 22.61 -7.60 39.15
O1 3PY W . 23.12 -8.49 39.87
O2 3PY W . 22.56 -7.76 37.89
C2 3PY W . 22.09 -6.42 39.81
O3 3PY W . 22.62 -5.34 39.63
C3 3PY W . 20.89 -6.52 40.75
O4 3PY W . 21.12 -5.83 41.99
C2 BTN X . 21.81 -13.61 13.72
S1 BTN X . 21.64 -11.92 14.24
C6 BTN X . 21.51 -11.18 12.64
C5 BTN X . 21.05 -12.26 11.68
N1 BTN X . 19.65 -12.03 11.38
C3 BTN X . 18.85 -12.94 11.98
O3 BTN X . 17.61 -12.91 11.97
N2 BTN X . 19.63 -13.86 12.60
C4 BTN X . 21.07 -13.63 12.40
MG MG Y . 37.28 8.96 53.42
#